data_2WZJ
#
_entry.id   2WZJ
#
_cell.length_a   162.240
_cell.length_b   205.578
_cell.length_c   91.148
_cell.angle_alpha   90.00
_cell.angle_beta   90.00
_cell.angle_gamma   90.00
#
_symmetry.space_group_name_H-M   'P 21 21 2'
#
loop_
_entity.id
_entity.type
_entity.pdbx_description
1 polymer 'SERINE/THREONINE-PROTEIN KINASE MARK2'
2 water water
#
_entity_poly.entity_id   1
_entity_poly.type   'polypeptide(L)'
_entity_poly.pdbx_seq_one_letter_code
;GNSATSADEQPHIGNYRLLKTIGKGNFAKVKLARHILTGKEVAVRIIDKTQLNSSSLQKLFREVRIMKVLNHPNIVKLFE
VIETEKTLYLVMEYASGGEVFDYLVAHGRMKEKEARAKFRQIVSAVQYCHQKFIVHRDLKAENLLLDADMNIKIADFGFS
NEFTFGNKLDEFCGSPPYAAPELFQGKKYDGPEVDVWSLGVILYTLVSGSLPFDGQNLKELRERVLRGKYRIPFYMSTDC
ENLLKKFLILNPSKRGTLEQIMKDRWMNVGHEDDELKPYVEPLPDYKDPRRTELMVSMGYTREEIQDSLVGQRYNEVMAT
YLLLGYK
;
_entity_poly.pdbx_strand_id   A,B,C,D,E,F
#
# COMPACT_ATOMS: atom_id res chain seq x y z
N HIS A 12 -16.61 -41.69 -14.90
CA HIS A 12 -15.27 -41.87 -14.35
C HIS A 12 -14.14 -41.05 -15.03
N ILE A 13 -13.00 -40.91 -14.33
CA ILE A 13 -11.82 -40.25 -14.89
C ILE A 13 -10.60 -41.17 -14.89
N GLY A 14 -9.79 -41.08 -15.95
CA GLY A 14 -8.58 -41.88 -16.07
C GLY A 14 -8.88 -43.36 -16.11
N ASN A 15 -8.01 -44.15 -15.50
CA ASN A 15 -8.26 -45.58 -15.38
C ASN A 15 -9.08 -45.93 -14.14
N TYR A 16 -9.88 -44.98 -13.66
CA TYR A 16 -10.55 -45.14 -12.37
C TYR A 16 -12.05 -45.01 -12.50
N ARG A 17 -12.78 -45.98 -11.95
CA ARG A 17 -14.23 -45.85 -11.79
C ARG A 17 -14.54 -45.31 -10.39
N LEU A 18 -15.23 -44.18 -10.33
CA LEU A 18 -15.59 -43.57 -9.04
C LEU A 18 -16.83 -44.24 -8.43
N LEU A 19 -16.83 -44.50 -7.12
CA LEU A 19 -17.93 -45.26 -6.52
C LEU A 19 -18.86 -44.44 -5.63
N LYS A 20 -18.32 -43.87 -4.56
CA LYS A 20 -19.10 -43.06 -3.63
C LYS A 20 -18.21 -42.00 -3.03
N THR A 21 -18.80 -40.92 -2.51
CA THR A 21 -17.96 -39.96 -1.78
C THR A 21 -17.63 -40.54 -0.41
N ILE A 22 -16.59 -40.00 0.23
CA ILE A 22 -16.13 -40.49 1.53
C ILE A 22 -15.58 -39.36 2.41
N ALA A 28 -14.26 -30.96 1.63
CA ALA A 28 -13.11 -31.52 0.89
C ALA A 28 -13.50 -32.77 0.06
N LYS A 29 -13.57 -32.62 -1.27
CA LYS A 29 -14.17 -33.64 -2.13
C LYS A 29 -13.32 -34.90 -2.37
N VAL A 30 -13.70 -36.00 -1.74
CA VAL A 30 -12.92 -37.23 -1.84
C VAL A 30 -13.78 -38.43 -2.23
N LYS A 31 -13.47 -39.05 -3.35
CA LYS A 31 -14.26 -40.17 -3.81
C LYS A 31 -13.47 -41.45 -3.64
N LEU A 32 -14.15 -42.55 -3.31
CA LEU A 32 -13.53 -43.87 -3.36
C LEU A 32 -13.66 -44.41 -4.79
N ALA A 33 -12.58 -44.97 -5.32
CA ALA A 33 -12.59 -45.50 -6.69
C ALA A 33 -11.92 -46.85 -6.79
N ARG A 34 -12.15 -47.51 -7.91
CA ARG A 34 -11.55 -48.79 -8.23
C ARG A 34 -10.79 -48.57 -9.53
N HIS A 35 -9.52 -48.97 -9.52
CA HIS A 35 -8.64 -48.91 -10.68
C HIS A 35 -9.08 -50.01 -11.65
N ILE A 36 -9.48 -49.62 -12.85
CA ILE A 36 -10.08 -50.54 -13.81
C ILE A 36 -9.15 -51.66 -14.29
N LEU A 37 -7.85 -51.44 -14.25
CA LEU A 37 -6.92 -52.48 -14.70
C LEU A 37 -6.39 -53.42 -13.59
N THR A 38 -6.63 -53.09 -12.32
CA THR A 38 -6.10 -53.87 -11.18
C THR A 38 -7.17 -54.25 -10.17
N GLY A 39 -8.28 -53.53 -10.21
CA GLY A 39 -9.42 -53.82 -9.36
C GLY A 39 -9.19 -53.33 -7.95
N LYS A 40 -8.02 -52.74 -7.73
CA LYS A 40 -7.60 -52.27 -6.43
C LYS A 40 -8.25 -50.92 -6.08
N GLU A 41 -8.68 -50.76 -4.84
CA GLU A 41 -9.33 -49.52 -4.42
C GLU A 41 -8.32 -48.42 -4.05
N VAL A 42 -8.69 -47.19 -4.39
CA VAL A 42 -7.88 -46.02 -4.10
C VAL A 42 -8.79 -44.90 -3.64
N ALA A 43 -8.19 -43.87 -3.07
CA ALA A 43 -8.93 -42.64 -2.77
C ALA A 43 -8.50 -41.54 -3.75
N VAL A 44 -9.49 -40.82 -4.28
CA VAL A 44 -9.20 -39.75 -5.23
C VAL A 44 -9.66 -38.42 -4.66
N ARG A 45 -8.69 -37.57 -4.37
CA ARG A 45 -9.03 -36.23 -3.92
C ARG A 45 -9.31 -35.39 -5.17
N ILE A 46 -10.48 -34.76 -5.24
CA ILE A 46 -10.82 -33.94 -6.39
C ILE A 46 -10.88 -32.44 -6.11
N ILE A 47 -10.04 -31.70 -6.80
CA ILE A 47 -9.86 -30.30 -6.50
C ILE A 47 -10.20 -29.39 -7.68
N ASP A 48 -11.23 -28.57 -7.50
CA ASP A 48 -11.62 -27.59 -8.51
C ASP A 48 -10.66 -26.42 -8.51
N LYS A 49 -9.76 -26.41 -9.49
CA LYS A 49 -8.72 -25.39 -9.57
C LYS A 49 -9.27 -23.97 -9.80
N THR A 50 -10.40 -23.87 -10.49
CA THR A 50 -10.96 -22.56 -10.82
C THR A 50 -11.50 -21.82 -9.60
N GLN A 51 -11.70 -22.53 -8.51
CA GLN A 51 -12.13 -21.88 -7.29
C GLN A 51 -10.95 -21.52 -6.38
N LEU A 52 -9.74 -21.54 -6.92
CA LEU A 52 -8.54 -21.25 -6.14
C LEU A 52 -7.74 -20.06 -6.67
N ASN A 53 -7.21 -19.28 -5.74
CA ASN A 53 -6.33 -18.15 -6.03
C ASN A 53 -4.89 -18.65 -6.20
N SER A 54 -4.10 -17.92 -6.98
CA SER A 54 -2.71 -18.30 -7.26
C SER A 54 -1.91 -18.54 -5.98
N SER A 55 -2.39 -17.98 -4.88
CA SER A 55 -1.73 -18.16 -3.61
C SER A 55 -1.95 -19.60 -3.14
N SER A 56 -3.20 -20.04 -3.22
CA SER A 56 -3.56 -21.35 -2.71
C SER A 56 -3.08 -22.47 -3.62
N LEU A 57 -3.07 -22.21 -4.93
CA LEU A 57 -2.62 -23.17 -5.91
C LEU A 57 -1.16 -23.48 -5.67
N GLN A 58 -0.40 -22.42 -5.43
CA GLN A 58 1.03 -22.55 -5.21
C GLN A 58 1.34 -23.47 -4.01
N LYS A 59 0.60 -23.29 -2.92
CA LYS A 59 0.74 -24.12 -1.73
C LYS A 59 0.33 -25.55 -2.04
N LEU A 60 -0.83 -25.74 -2.64
CA LEU A 60 -1.30 -27.05 -3.03
C LEU A 60 -0.20 -27.83 -3.76
N PHE A 61 0.45 -27.17 -4.71
CA PHE A 61 1.47 -27.85 -5.45
C PHE A 61 2.73 -28.06 -4.62
N ARG A 62 3.07 -27.09 -3.78
CA ARG A 62 4.18 -27.26 -2.84
C ARG A 62 3.95 -28.53 -1.99
N GLU A 63 2.69 -28.81 -1.70
CA GLU A 63 2.36 -29.94 -0.87
C GLU A 63 2.33 -31.26 -1.61
N VAL A 64 1.83 -31.25 -2.84
CA VAL A 64 1.93 -32.44 -3.68
C VAL A 64 3.41 -32.80 -3.89
N ARG A 65 4.26 -31.81 -4.07
CA ARG A 65 5.68 -32.09 -4.22
C ARG A 65 6.26 -32.82 -2.99
N ILE A 66 5.75 -32.53 -1.79
CA ILE A 66 6.16 -33.25 -0.58
C ILE A 66 5.60 -34.67 -0.63
N MET A 67 4.32 -34.76 -0.96
CA MET A 67 3.65 -36.04 -0.98
C MET A 67 4.36 -37.01 -1.95
N LYS A 68 4.94 -36.47 -3.03
CA LYS A 68 5.59 -37.30 -4.02
C LYS A 68 6.84 -37.97 -3.46
N VAL A 69 7.57 -37.23 -2.64
CA VAL A 69 8.86 -37.68 -2.17
C VAL A 69 8.80 -38.61 -0.92
N LEU A 70 7.59 -38.88 -0.42
CA LEU A 70 7.41 -39.73 0.75
C LEU A 70 7.07 -41.18 0.40
N ASN A 71 8.01 -42.07 0.68
CA ASN A 71 7.93 -43.47 0.27
C ASN A 71 8.13 -44.41 1.45
N HIS A 72 7.12 -44.52 2.30
CA HIS A 72 7.25 -45.30 3.55
C HIS A 72 6.02 -46.19 3.70
N PRO A 73 6.21 -47.42 4.21
CA PRO A 73 5.12 -48.40 4.32
C PRO A 73 3.98 -47.92 5.20
N ASN A 74 4.22 -46.89 6.02
CA ASN A 74 3.22 -46.39 6.96
C ASN A 74 2.82 -44.93 6.79
N ILE A 75 3.21 -44.34 5.65
CA ILE A 75 2.71 -43.04 5.24
C ILE A 75 1.87 -43.23 3.98
N VAL A 76 0.66 -42.66 3.93
CA VAL A 76 -0.22 -42.98 2.79
C VAL A 76 0.40 -42.55 1.47
N LYS A 77 0.52 -43.48 0.53
CA LYS A 77 1.26 -43.30 -0.73
C LYS A 77 0.42 -42.58 -1.80
N LEU A 78 1.07 -41.74 -2.62
CA LEU A 78 0.43 -41.14 -3.79
C LEU A 78 0.71 -42.02 -5.00
N PHE A 79 -0.33 -42.37 -5.76
CA PHE A 79 -0.19 -43.26 -6.95
C PHE A 79 -0.16 -42.50 -8.27
N GLU A 80 -1.05 -41.53 -8.43
CA GLU A 80 -1.13 -40.79 -9.68
C GLU A 80 -1.60 -39.35 -9.49
N VAL A 81 -1.20 -38.49 -10.42
CA VAL A 81 -1.67 -37.12 -10.47
C VAL A 81 -2.25 -36.84 -11.84
N ILE A 82 -3.55 -36.58 -11.88
CA ILE A 82 -4.20 -36.22 -13.11
C ILE A 82 -4.54 -34.73 -13.13
N GLU A 83 -3.90 -33.96 -14.01
CA GLU A 83 -4.20 -32.52 -14.10
C GLU A 83 -4.87 -32.15 -15.42
N THR A 84 -6.06 -31.53 -15.32
CA THR A 84 -6.71 -30.94 -16.47
C THR A 84 -6.66 -29.42 -16.38
N GLU A 85 -7.38 -28.77 -17.28
CA GLU A 85 -7.50 -27.33 -17.24
C GLU A 85 -8.12 -26.93 -15.89
N LYS A 86 -9.31 -27.45 -15.62
CA LYS A 86 -10.15 -26.97 -14.55
C LYS A 86 -10.08 -27.78 -13.25
N THR A 87 -9.43 -28.94 -13.30
CA THR A 87 -9.46 -29.86 -12.17
C THR A 87 -8.12 -30.54 -11.99
N LEU A 88 -7.81 -30.87 -10.74
CA LEU A 88 -6.65 -31.69 -10.42
C LEU A 88 -7.14 -32.90 -9.62
N TYR A 89 -6.65 -34.09 -9.98
CA TYR A 89 -7.00 -35.33 -9.30
C TYR A 89 -5.76 -35.92 -8.65
N LEU A 90 -5.80 -36.13 -7.34
CA LEU A 90 -4.73 -36.85 -6.69
C LEU A 90 -5.25 -38.22 -6.31
N VAL A 91 -4.57 -39.25 -6.79
CA VAL A 91 -4.97 -40.64 -6.51
C VAL A 91 -4.04 -41.20 -5.45
N MET A 92 -4.60 -41.57 -4.32
CA MET A 92 -3.78 -42.04 -3.21
C MET A 92 -4.27 -43.34 -2.58
N GLU A 93 -3.43 -43.87 -1.70
CA GLU A 93 -3.69 -45.10 -0.96
C GLU A 93 -4.97 -44.93 -0.14
N TYR A 94 -5.85 -45.93 -0.17
CA TYR A 94 -7.09 -45.92 0.57
C TYR A 94 -6.94 -46.76 1.82
N ALA A 95 -7.41 -46.22 2.93
CA ALA A 95 -7.27 -46.91 4.20
C ALA A 95 -8.66 -47.35 4.67
N SER A 96 -8.98 -48.61 4.37
CA SER A 96 -10.32 -49.14 4.59
C SER A 96 -10.62 -49.29 6.08
N GLY A 97 -9.57 -49.35 6.89
CA GLY A 97 -9.66 -49.56 8.32
C GLY A 97 -10.12 -48.35 9.10
N GLY A 98 -10.09 -47.19 8.45
CA GLY A 98 -10.57 -45.95 9.04
C GLY A 98 -9.59 -45.25 9.95
N GLU A 99 -10.09 -44.34 10.79
CA GLU A 99 -9.24 -43.55 11.66
C GLU A 99 -8.96 -44.30 12.95
N VAL A 100 -7.72 -44.19 13.45
CA VAL A 100 -7.40 -44.74 14.77
C VAL A 100 -8.26 -44.03 15.80
N PHE A 101 -8.53 -42.76 15.55
CA PHE A 101 -9.43 -42.03 16.40
C PHE A 101 -10.75 -42.76 16.53
N ASP A 102 -11.37 -43.09 15.39
CA ASP A 102 -12.68 -43.75 15.43
C ASP A 102 -12.60 -45.12 16.08
N TYR A 103 -11.47 -45.79 15.88
CA TYR A 103 -11.19 -47.05 16.51
C TYR A 103 -11.18 -46.90 18.02
N LEU A 104 -10.37 -45.97 18.53
CA LEU A 104 -10.33 -45.69 19.96
C LEU A 104 -11.70 -45.33 20.57
N VAL A 105 -12.53 -44.63 19.83
CA VAL A 105 -13.85 -44.31 20.35
C VAL A 105 -14.70 -45.55 20.52
N ALA A 106 -14.61 -46.47 19.55
CA ALA A 106 -15.43 -47.68 19.59
C ALA A 106 -14.91 -48.78 20.53
N HIS A 107 -13.59 -49.01 20.57
CA HIS A 107 -13.05 -50.15 21.34
C HIS A 107 -12.46 -49.78 22.69
N GLY A 108 -12.11 -48.52 22.87
CA GLY A 108 -11.43 -48.13 24.07
C GLY A 108 -9.94 -48.40 23.94
N ARG A 109 -9.21 -48.29 25.05
CA ARG A 109 -7.75 -48.41 25.01
C ARG A 109 -7.33 -49.70 24.37
N MET A 110 -6.24 -49.64 23.61
CA MET A 110 -5.57 -50.84 23.15
C MET A 110 -4.72 -51.36 24.31
N LYS A 111 -4.62 -52.68 24.43
CA LYS A 111 -3.66 -53.25 25.35
C LYS A 111 -2.27 -52.84 24.86
N GLU A 112 -1.36 -52.62 25.79
CA GLU A 112 0.02 -52.30 25.50
C GLU A 112 0.62 -53.02 24.26
N LYS A 113 0.37 -54.31 24.11
CA LYS A 113 0.90 -55.06 22.95
C LYS A 113 0.41 -54.55 21.60
N GLU A 114 -0.89 -54.28 21.51
CA GLU A 114 -1.46 -53.78 20.28
C GLU A 114 -1.04 -52.32 20.05
N ALA A 115 -0.88 -51.55 21.11
CA ALA A 115 -0.49 -50.14 20.99
C ALA A 115 0.96 -50.05 20.54
N ARG A 116 1.81 -50.88 21.14
CA ARG A 116 3.23 -50.90 20.78
C ARG A 116 3.40 -51.15 19.28
N ALA A 117 2.65 -52.10 18.74
CA ALA A 117 2.80 -52.41 17.32
C ALA A 117 2.48 -51.19 16.45
N LYS A 118 1.38 -50.50 16.74
CA LYS A 118 0.99 -49.39 15.88
C LYS A 118 1.98 -48.25 16.07
N PHE A 119 2.48 -48.10 17.29
CA PHE A 119 3.35 -46.99 17.67
C PHE A 119 4.74 -47.17 17.07
N ARG A 120 5.19 -48.41 16.93
CA ARG A 120 6.45 -48.66 16.23
C ARG A 120 6.37 -48.10 14.80
N GLN A 121 5.26 -48.40 14.14
CA GLN A 121 5.02 -47.91 12.80
C GLN A 121 4.98 -46.38 12.78
N ILE A 122 4.18 -45.80 13.67
CA ILE A 122 4.02 -44.36 13.76
C ILE A 122 5.36 -43.63 13.94
N VAL A 123 6.18 -44.08 14.87
CA VAL A 123 7.50 -43.50 15.09
C VAL A 123 8.40 -43.70 13.87
N SER A 124 8.35 -44.87 13.26
CA SER A 124 9.16 -45.07 12.06
C SER A 124 8.74 -44.13 10.91
N ALA A 125 7.45 -43.98 10.70
CA ALA A 125 6.95 -43.03 9.71
C ALA A 125 7.39 -41.60 10.01
N VAL A 126 7.13 -41.13 11.24
CA VAL A 126 7.53 -39.77 11.59
C VAL A 126 9.04 -39.51 11.60
N GLN A 127 9.84 -40.46 12.06
CA GLN A 127 11.28 -40.19 12.09
C GLN A 127 11.85 -40.14 10.68
N TYR A 128 11.30 -40.96 9.80
CA TYR A 128 11.67 -40.92 8.39
C TYR A 128 11.52 -39.50 7.82
N CYS A 129 10.38 -38.86 8.07
CA CYS A 129 10.17 -37.52 7.59
C CYS A 129 11.15 -36.56 8.24
N HIS A 130 11.42 -36.74 9.52
CA HIS A 130 12.34 -35.83 10.16
C HIS A 130 13.70 -35.89 9.48
N GLN A 131 14.06 -37.07 8.96
CA GLN A 131 15.35 -37.25 8.29
C GLN A 131 15.44 -36.33 7.09
N LYS A 132 14.30 -36.02 6.50
CA LYS A 132 14.25 -35.18 5.31
C LYS A 132 13.89 -33.72 5.65
N PHE A 133 14.00 -33.36 6.92
CA PHE A 133 13.62 -32.04 7.40
C PHE A 133 12.20 -31.66 7.04
N ILE A 134 11.34 -32.65 7.01
CA ILE A 134 9.91 -32.45 6.91
C ILE A 134 9.32 -32.76 8.28
N VAL A 135 8.58 -31.80 8.86
CA VAL A 135 7.85 -32.08 10.10
C VAL A 135 6.35 -31.95 9.90
N HIS A 136 5.57 -32.77 10.60
CA HIS A 136 4.14 -32.87 10.35
C HIS A 136 3.32 -31.69 10.90
N ARG A 137 3.56 -31.32 12.16
CA ARG A 137 2.90 -30.18 12.84
C ARG A 137 1.41 -30.32 13.20
N ASP A 138 0.77 -31.40 12.77
CA ASP A 138 -0.64 -31.64 13.09
C ASP A 138 -0.96 -33.12 13.37
N LEU A 139 0.03 -33.85 13.87
CA LEU A 139 -0.19 -35.25 14.26
C LEU A 139 -1.32 -35.36 15.31
N LYS A 140 -2.22 -36.31 15.11
CA LYS A 140 -3.42 -36.51 15.94
C LYS A 140 -4.13 -37.81 15.55
N ALA A 141 -4.97 -38.33 16.44
CA ALA A 141 -5.54 -39.65 16.24
C ALA A 141 -6.32 -39.76 14.93
N GLU A 142 -6.85 -38.64 14.48
CA GLU A 142 -7.69 -38.61 13.29
C GLU A 142 -6.83 -38.71 12.03
N ASN A 143 -5.56 -38.39 12.17
CA ASN A 143 -4.55 -38.42 11.09
C ASN A 143 -3.90 -39.78 10.96
N LEU A 144 -4.21 -40.68 11.89
CA LEU A 144 -3.62 -42.01 11.91
C LEU A 144 -4.64 -42.99 11.38
N LEU A 145 -4.43 -43.39 10.13
CA LEU A 145 -5.35 -44.27 9.43
C LEU A 145 -4.90 -45.71 9.56
N LEU A 146 -5.87 -46.63 9.49
CA LEU A 146 -5.59 -48.06 9.56
C LEU A 146 -5.94 -48.69 8.22
N ASP A 147 -5.12 -49.63 7.77
CA ASP A 147 -5.47 -50.41 6.56
C ASP A 147 -6.28 -51.68 6.87
N ALA A 148 -6.45 -52.54 5.88
CA ALA A 148 -7.20 -53.78 6.04
C ALA A 148 -6.63 -54.74 7.12
N ASP A 149 -5.35 -54.61 7.44
CA ASP A 149 -4.71 -55.45 8.44
C ASP A 149 -4.21 -54.67 9.67
N MET A 150 -4.94 -53.61 10.05
CA MET A 150 -4.56 -52.79 11.20
C MET A 150 -3.14 -52.18 11.15
N ASN A 151 -2.56 -52.04 9.96
CA ASN A 151 -1.29 -51.34 9.83
C ASN A 151 -1.52 -49.85 9.75
N ILE A 152 -0.60 -49.09 10.33
CA ILE A 152 -0.72 -47.64 10.32
C ILE A 152 -0.49 -46.99 8.93
N LYS A 153 -1.37 -46.07 8.56
CA LYS A 153 -1.12 -45.19 7.40
C LYS A 153 -1.27 -43.72 7.84
N ILE A 154 -0.15 -43.06 8.14
CA ILE A 154 -0.24 -41.65 8.53
C ILE A 154 -0.66 -40.76 7.37
N ALA A 155 -1.74 -40.01 7.55
CA ALA A 155 -2.26 -39.11 6.54
C ALA A 155 -1.82 -37.67 6.80
N ASP A 156 -2.03 -36.84 5.78
CA ASP A 156 -1.88 -35.37 5.89
C ASP A 156 -0.43 -34.92 6.09
N PHE A 157 0.53 -35.71 5.61
CA PHE A 157 1.94 -35.41 5.86
C PHE A 157 2.44 -34.28 5.00
N GLY A 158 2.00 -34.26 3.76
CA GLY A 158 2.26 -33.09 2.94
C GLY A 158 0.94 -32.36 2.78
N PHE A 159 0.14 -32.86 1.86
CA PHE A 159 -1.16 -32.30 1.55
C PHE A 159 -2.14 -32.90 2.54
N SER A 160 -3.20 -32.16 2.85
CA SER A 160 -4.16 -32.55 3.89
C SER A 160 -5.53 -32.85 3.32
N ASN A 161 -6.14 -33.97 3.72
CA ASN A 161 -7.47 -34.30 3.25
C ASN A 161 -8.53 -33.83 4.23
N GLU A 162 -8.16 -32.80 4.99
CA GLU A 162 -8.94 -32.29 6.09
C GLU A 162 -9.11 -30.78 5.92
N PHE A 163 -8.19 -30.19 5.16
CA PHE A 163 -8.10 -28.75 5.05
C PHE A 163 -8.48 -28.22 3.67
N THR A 164 -9.48 -27.34 3.65
CA THR A 164 -9.80 -26.59 2.45
C THR A 164 -9.03 -25.29 2.50
N PHE A 165 -8.66 -24.75 1.34
CA PHE A 165 -7.65 -23.69 1.28
C PHE A 165 -8.10 -22.28 1.70
N GLY A 166 -8.73 -22.19 2.87
CA GLY A 166 -9.17 -20.92 3.42
C GLY A 166 -10.63 -20.64 3.12
N ASN A 167 -11.18 -21.45 2.22
CA ASN A 167 -12.53 -21.27 1.71
C ASN A 167 -13.57 -21.55 2.79
N LYS A 168 -13.67 -22.81 3.19
CA LYS A 168 -14.72 -23.24 4.08
C LYS A 168 -14.42 -22.93 5.55
N LEU A 169 -15.11 -23.66 6.42
CA LEU A 169 -15.05 -23.44 7.86
C LEU A 169 -14.33 -24.58 8.57
N ASP A 170 -13.01 -24.68 8.38
CA ASP A 170 -12.23 -25.75 8.98
C ASP A 170 -12.48 -25.79 10.48
N GLU A 171 -12.86 -26.95 10.98
CA GLU A 171 -13.12 -27.12 12.39
C GLU A 171 -11.87 -27.42 13.23
N PHE A 172 -10.78 -27.81 12.56
CA PHE A 172 -9.56 -28.27 13.22
C PHE A 172 -9.79 -29.40 14.24
N CYS A 173 -10.66 -30.35 13.91
CA CYS A 173 -10.98 -31.42 14.86
C CYS A 173 -9.77 -32.20 15.39
N GLY A 174 -9.75 -32.40 16.70
CA GLY A 174 -8.73 -33.20 17.35
C GLY A 174 -7.38 -32.55 17.56
N SER A 175 -7.11 -31.43 16.90
CA SER A 175 -5.77 -30.83 16.96
C SER A 175 -5.31 -30.25 18.31
N PRO A 176 -6.20 -29.53 19.02
CA PRO A 176 -5.65 -28.81 20.17
C PRO A 176 -4.97 -29.69 21.24
N PRO A 177 -5.58 -30.84 21.61
CA PRO A 177 -5.02 -31.70 22.66
C PRO A 177 -3.64 -32.26 22.35
N TYR A 178 -3.23 -32.22 21.08
CA TYR A 178 -1.92 -32.76 20.69
C TYR A 178 -0.82 -31.69 20.59
N ALA A 179 -1.23 -30.42 20.66
CA ALA A 179 -0.31 -29.27 20.52
C ALA A 179 0.72 -29.14 21.63
N ALA A 180 1.97 -28.93 21.24
CA ALA A 180 3.04 -28.73 22.21
C ALA A 180 2.90 -27.40 22.95
N PRO A 181 3.45 -27.32 24.17
CA PRO A 181 3.34 -26.09 24.97
C PRO A 181 3.73 -24.81 24.21
N GLU A 182 4.81 -24.86 23.42
CA GLU A 182 5.20 -23.70 22.62
C GLU A 182 4.03 -22.98 21.96
N LEU A 183 3.11 -23.73 21.35
CA LEU A 183 2.00 -23.12 20.65
C LEU A 183 1.43 -22.00 21.48
N PHE A 184 1.21 -22.29 22.77
CA PHE A 184 0.40 -21.46 23.65
C PHE A 184 1.22 -20.39 24.32
N GLN A 185 2.51 -20.41 24.05
CA GLN A 185 3.40 -19.49 24.71
C GLN A 185 3.95 -18.49 23.73
N GLY A 186 3.50 -18.60 22.49
CA GLY A 186 3.91 -17.71 21.43
C GLY A 186 5.32 -17.96 20.97
N LYS A 187 5.87 -19.14 21.29
CA LYS A 187 7.22 -19.46 20.81
C LYS A 187 7.20 -20.16 19.45
N LYS A 188 8.36 -20.39 18.87
CA LYS A 188 8.44 -21.00 17.54
C LYS A 188 7.88 -22.43 17.54
N TYR A 189 7.11 -22.76 16.51
CA TYR A 189 6.52 -24.07 16.34
C TYR A 189 7.08 -24.77 15.07
N ASP A 190 8.39 -24.83 14.95
CA ASP A 190 9.01 -25.23 13.68
C ASP A 190 9.69 -26.57 13.69
N GLY A 191 10.46 -26.84 14.73
CA GLY A 191 11.27 -28.04 14.82
C GLY A 191 10.52 -29.34 14.99
N PRO A 192 11.21 -30.45 14.73
CA PRO A 192 10.68 -31.80 14.92
C PRO A 192 10.30 -32.07 16.38
N GLU A 193 10.81 -31.29 17.33
CA GLU A 193 10.39 -31.42 18.74
C GLU A 193 8.88 -31.23 18.92
N VAL A 194 8.30 -30.40 18.09
CA VAL A 194 6.85 -30.28 18.04
C VAL A 194 6.14 -31.64 17.84
N ASP A 195 6.58 -32.40 16.84
CA ASP A 195 6.05 -33.75 16.60
C ASP A 195 6.34 -34.72 17.76
N VAL A 196 7.56 -34.68 18.29
CA VAL A 196 7.91 -35.49 19.45
C VAL A 196 6.95 -35.35 20.63
N TRP A 197 6.56 -34.12 20.94
CA TRP A 197 5.55 -33.91 21.95
C TRP A 197 4.24 -34.60 21.57
N SER A 198 3.76 -34.34 20.37
CA SER A 198 2.48 -34.89 19.92
C SER A 198 2.46 -36.40 19.91
N LEU A 199 3.61 -37.00 19.57
CA LEU A 199 3.75 -38.44 19.60
C LEU A 199 3.47 -38.95 21.02
N GLY A 200 4.03 -38.28 22.01
CA GLY A 200 3.71 -38.54 23.40
C GLY A 200 2.22 -38.53 23.66
N VAL A 201 1.53 -37.51 23.19
CA VAL A 201 0.09 -37.42 23.41
C VAL A 201 -0.57 -38.60 22.71
N ILE A 202 -0.10 -38.94 21.51
CA ILE A 202 -0.68 -40.06 20.77
C ILE A 202 -0.50 -41.36 21.52
N LEU A 203 0.72 -41.59 22.00
CA LEU A 203 1.02 -42.82 22.73
C LEU A 203 0.07 -42.96 23.92
N TYR A 204 0.01 -41.94 24.77
CA TYR A 204 -0.96 -41.88 25.87
C TYR A 204 -2.39 -42.27 25.44
N THR A 205 -2.87 -41.76 24.30
CA THR A 205 -4.23 -42.12 23.87
C THR A 205 -4.34 -43.57 23.44
N LEU A 206 -3.29 -44.12 22.83
CA LEU A 206 -3.32 -45.52 22.47
C LEU A 206 -3.50 -46.45 23.68
N VAL A 207 -2.81 -46.17 24.79
CA VAL A 207 -2.89 -47.13 25.90
C VAL A 207 -3.96 -46.78 26.93
N SER A 208 -4.62 -45.66 26.80
CA SER A 208 -5.58 -45.27 27.84
C SER A 208 -6.95 -45.02 27.27
N GLY A 209 -7.01 -44.74 25.99
CA GLY A 209 -8.28 -44.45 25.35
C GLY A 209 -8.78 -43.06 25.65
N SER A 210 -7.94 -42.23 26.26
CA SER A 210 -8.32 -40.87 26.64
C SER A 210 -7.13 -39.90 26.58
N LEU A 211 -7.42 -38.59 26.57
CA LEU A 211 -6.36 -37.57 26.48
C LEU A 211 -5.65 -37.35 27.84
N PRO A 212 -4.34 -37.10 27.80
CA PRO A 212 -3.62 -36.77 29.03
C PRO A 212 -3.86 -35.31 29.47
N PHE A 213 -4.25 -34.44 28.52
CA PHE A 213 -4.61 -33.06 28.81
C PHE A 213 -6.01 -32.72 28.29
N ASP A 214 -6.96 -32.52 29.20
CA ASP A 214 -8.34 -32.24 28.80
C ASP A 214 -8.86 -30.91 29.30
N GLY A 215 -10.17 -30.71 29.24
CA GLY A 215 -10.73 -29.40 29.51
C GLY A 215 -11.95 -29.04 28.68
N GLN A 216 -12.80 -28.18 29.24
CA GLN A 216 -14.07 -27.83 28.61
C GLN A 216 -13.92 -26.78 27.51
N ASN A 217 -12.73 -26.18 27.44
CA ASN A 217 -12.46 -25.19 26.42
C ASN A 217 -10.96 -25.02 26.24
N LEU A 218 -10.56 -24.21 25.26
CA LEU A 218 -9.14 -24.00 25.03
C LEU A 218 -8.41 -23.35 26.22
N LYS A 219 -9.12 -22.65 27.11
CA LYS A 219 -8.42 -22.05 28.24
C LYS A 219 -8.11 -23.11 29.27
N GLU A 220 -9.10 -23.93 29.58
CA GLU A 220 -8.88 -25.04 30.50
C GLU A 220 -7.81 -26.00 29.96
N LEU A 221 -7.81 -26.25 28.65
CA LEU A 221 -6.84 -27.15 28.03
C LEU A 221 -5.42 -26.63 28.16
N ARG A 222 -5.22 -25.40 27.70
CA ARG A 222 -3.92 -24.77 27.74
C ARG A 222 -3.30 -24.86 29.15
N GLU A 223 -4.14 -24.68 30.16
CA GLU A 223 -3.67 -24.69 31.54
C GLU A 223 -3.04 -26.04 31.84
N ARG A 224 -3.74 -27.11 31.49
CA ARG A 224 -3.21 -28.43 31.73
C ARG A 224 -1.95 -28.64 30.91
N VAL A 225 -2.00 -28.28 29.63
CA VAL A 225 -0.83 -28.46 28.78
C VAL A 225 0.42 -27.83 29.39
N LEU A 226 0.33 -26.55 29.74
CA LEU A 226 1.49 -25.82 30.22
C LEU A 226 2.01 -26.36 31.54
N ARG A 227 1.10 -26.87 32.38
CA ARG A 227 1.53 -27.47 33.65
C ARG A 227 2.22 -28.80 33.44
N GLY A 228 1.93 -29.45 32.31
CA GLY A 228 2.57 -30.70 31.95
C GLY A 228 2.28 -31.94 32.78
N LYS A 229 1.22 -31.94 33.58
CA LYS A 229 0.95 -33.10 34.42
C LYS A 229 -0.22 -33.87 33.83
N TYR A 230 -0.17 -35.18 34.02
CA TYR A 230 -1.17 -36.11 33.46
C TYR A 230 -1.21 -37.37 34.35
N ARG A 231 -2.37 -37.99 34.47
CA ARG A 231 -2.45 -39.17 35.34
C ARG A 231 -1.99 -40.44 34.67
N ILE A 232 -1.21 -41.21 35.41
CA ILE A 232 -0.84 -42.57 35.01
C ILE A 232 -1.85 -43.56 35.59
N PRO A 233 -2.65 -44.18 34.73
CA PRO A 233 -3.63 -45.19 35.17
C PRO A 233 -2.97 -46.35 35.94
N PHE A 234 -3.69 -46.92 36.91
CA PHE A 234 -3.18 -48.08 37.65
C PHE A 234 -2.66 -49.18 36.70
N TYR A 235 -3.39 -49.37 35.61
CA TYR A 235 -3.14 -50.43 34.64
C TYR A 235 -1.91 -50.25 33.75
N MET A 236 -1.60 -49.02 33.40
CA MET A 236 -0.41 -48.70 32.64
C MET A 236 0.86 -49.26 33.26
N SER A 237 1.64 -49.99 32.47
CA SER A 237 2.91 -50.53 32.91
C SER A 237 3.92 -49.44 33.21
N THR A 238 4.91 -49.80 34.02
CA THR A 238 5.97 -48.89 34.39
C THR A 238 6.80 -48.49 33.18
N ASP A 239 6.98 -49.43 32.25
CA ASP A 239 7.86 -49.16 31.12
C ASP A 239 7.25 -48.17 30.12
N CYS A 240 5.93 -48.19 30.04
CA CYS A 240 5.17 -47.24 29.25
C CYS A 240 5.19 -45.88 29.90
N GLU A 241 5.12 -45.86 31.23
CA GLU A 241 5.26 -44.60 31.95
C GLU A 241 6.60 -43.89 31.70
N ASN A 242 7.69 -44.65 31.66
CA ASN A 242 9.01 -44.03 31.51
C ASN A 242 9.26 -43.60 30.09
N LEU A 243 8.64 -44.30 29.13
CA LEU A 243 8.69 -43.88 27.73
C LEU A 243 7.99 -42.52 27.53
N LEU A 244 6.80 -42.35 28.12
CA LEU A 244 6.08 -41.09 28.00
C LEU A 244 6.90 -39.90 28.50
N LYS A 245 7.75 -40.15 29.49
CA LYS A 245 8.65 -39.11 30.03
C LYS A 245 9.74 -38.73 29.03
N LYS A 246 9.91 -39.54 27.99
CA LYS A 246 10.89 -39.22 26.97
C LYS A 246 10.30 -38.29 25.91
N PHE A 247 8.97 -38.30 25.80
CA PHE A 247 8.20 -37.40 24.94
C PHE A 247 7.67 -36.14 25.68
N LEU A 248 6.93 -36.33 26.76
CA LEU A 248 6.15 -35.23 27.29
C LEU A 248 6.95 -34.33 28.21
N ILE A 249 7.90 -33.63 27.61
CA ILE A 249 8.77 -32.71 28.33
C ILE A 249 8.46 -31.28 27.89
N LEU A 250 8.13 -30.42 28.85
CA LEU A 250 7.69 -29.05 28.54
C LEU A 250 8.71 -28.26 27.76
N ASN A 251 9.98 -28.35 28.18
CA ASN A 251 11.07 -27.68 27.48
C ASN A 251 11.46 -28.38 26.19
N PRO A 252 11.26 -27.72 25.06
CA PRO A 252 11.45 -28.24 23.70
C PRO A 252 12.84 -28.75 23.40
N SER A 253 13.85 -28.06 23.91
CA SER A 253 15.23 -28.41 23.59
C SER A 253 15.69 -29.57 24.45
N LYS A 254 14.87 -29.95 25.42
CA LYS A 254 15.18 -31.07 26.30
C LYS A 254 14.44 -32.32 25.83
N ARG A 255 13.67 -32.19 24.74
CA ARG A 255 12.90 -33.32 24.23
C ARG A 255 13.80 -34.27 23.42
N GLY A 256 13.75 -35.56 23.74
CA GLY A 256 14.56 -36.54 23.03
C GLY A 256 14.27 -36.53 21.55
N THR A 257 15.26 -36.87 20.72
CA THR A 257 15.00 -37.11 19.29
C THR A 257 14.42 -38.51 19.05
N LEU A 258 13.65 -38.64 17.98
CA LEU A 258 13.01 -39.91 17.69
C LEU A 258 14.04 -41.06 17.54
N GLU A 259 15.22 -40.74 17.01
CA GLU A 259 16.27 -41.73 16.89
C GLU A 259 16.62 -42.33 18.26
N GLN A 260 16.76 -41.47 19.26
CA GLN A 260 17.10 -41.94 20.61
C GLN A 260 15.92 -42.66 21.28
N ILE A 261 14.72 -42.13 21.09
CA ILE A 261 13.54 -42.75 21.69
C ILE A 261 13.33 -44.15 21.12
N MET A 262 13.79 -44.35 19.89
CA MET A 262 13.69 -45.63 19.19
C MET A 262 14.36 -46.81 19.91
N LYS A 263 15.36 -46.51 20.73
CA LYS A 263 16.12 -47.51 21.46
C LYS A 263 15.53 -47.85 22.82
N ASP A 264 14.29 -47.44 23.06
CA ASP A 264 13.72 -47.56 24.39
C ASP A 264 13.15 -48.95 24.64
N ARG A 265 13.25 -49.44 25.87
CA ARG A 265 12.84 -50.78 26.20
C ARG A 265 11.42 -51.12 25.74
N TRP A 266 10.45 -50.33 26.18
CA TRP A 266 9.06 -50.59 25.80
C TRP A 266 8.79 -50.65 24.29
N MET A 267 9.50 -49.82 23.51
CA MET A 267 9.36 -49.80 22.05
C MET A 267 9.74 -51.15 21.45
N ASN A 268 10.58 -51.89 22.17
CA ASN A 268 11.19 -53.06 21.57
C ASN A 268 10.80 -54.44 22.10
N VAL A 269 9.79 -54.49 22.97
CA VAL A 269 9.26 -55.77 23.45
C VAL A 269 8.70 -56.60 22.28
N GLY A 270 9.16 -57.85 22.16
CA GLY A 270 8.89 -58.68 20.99
C GLY A 270 9.81 -58.39 19.81
N HIS A 271 10.82 -57.54 20.04
CA HIS A 271 11.76 -57.10 19.01
C HIS A 271 13.15 -56.99 19.61
N GLU A 272 13.48 -57.96 20.46
CA GLU A 272 14.76 -58.00 21.15
C GLU A 272 15.97 -58.21 20.22
N ASP A 273 15.79 -58.88 19.09
CA ASP A 273 16.86 -59.04 18.12
C ASP A 273 16.48 -58.26 16.87
N ASP A 274 15.78 -57.15 17.07
CA ASP A 274 15.12 -56.46 15.98
C ASP A 274 14.80 -55.03 16.41
N GLU A 275 15.81 -54.36 16.96
CA GLU A 275 15.64 -53.00 17.47
C GLU A 275 15.10 -52.07 16.39
N LEU A 276 14.14 -51.26 16.76
CA LEU A 276 13.61 -50.23 15.89
C LEU A 276 14.66 -49.17 15.55
N LYS A 277 14.81 -48.91 14.26
CA LYS A 277 15.83 -47.98 13.81
C LYS A 277 15.34 -47.13 12.63
N PRO A 278 16.00 -46.00 12.39
CA PRO A 278 15.55 -45.13 11.29
C PRO A 278 15.30 -45.92 10.00
N TYR A 279 14.15 -45.67 9.36
CA TYR A 279 13.80 -46.31 8.09
C TYR A 279 14.86 -46.02 7.05
N VAL A 280 15.19 -47.01 6.24
CA VAL A 280 15.97 -46.72 5.06
C VAL A 280 15.22 -47.24 3.86
N GLU A 281 14.99 -46.37 2.89
CA GLU A 281 14.27 -46.73 1.67
C GLU A 281 14.99 -47.84 0.96
N PRO A 282 14.24 -48.87 0.56
CA PRO A 282 14.78 -49.95 -0.26
C PRO A 282 15.21 -49.42 -1.63
N LEU A 283 16.06 -50.18 -2.30
CA LEU A 283 16.43 -49.88 -3.67
C LEU A 283 15.21 -50.03 -4.58
N PRO A 284 15.13 -49.14 -5.57
CA PRO A 284 14.03 -49.15 -6.55
C PRO A 284 13.97 -50.46 -7.33
N ASP A 285 12.78 -51.05 -7.40
CA ASP A 285 12.55 -52.22 -8.25
C ASP A 285 11.61 -51.85 -9.40
N TYR A 286 12.19 -51.33 -10.49
CA TYR A 286 11.39 -50.87 -11.62
C TYR A 286 11.39 -51.86 -12.76
N LYS A 287 11.96 -53.03 -12.51
CA LYS A 287 12.14 -54.03 -13.54
C LYS A 287 11.49 -55.35 -13.16
N ASP A 288 10.74 -55.37 -12.07
CA ASP A 288 10.05 -56.60 -11.63
C ASP A 288 9.27 -57.34 -12.74
N PRO A 289 9.77 -58.51 -13.15
CA PRO A 289 9.22 -59.34 -14.22
C PRO A 289 7.73 -59.64 -14.12
N ARG A 290 7.25 -60.20 -13.01
CA ARG A 290 5.82 -60.52 -12.94
C ARG A 290 5.02 -59.30 -13.33
N ARG A 291 5.24 -58.20 -12.60
CA ARG A 291 4.51 -56.97 -12.81
C ARG A 291 4.77 -56.39 -14.19
N THR A 292 5.98 -56.54 -14.70
CA THR A 292 6.28 -56.07 -16.05
C THR A 292 5.42 -56.80 -17.07
N GLU A 293 5.39 -58.12 -16.99
CA GLU A 293 4.62 -58.93 -17.94
C GLU A 293 3.17 -58.46 -17.99
N LEU A 294 2.55 -58.39 -16.82
CA LEU A 294 1.15 -58.03 -16.70
C LEU A 294 0.77 -56.73 -17.43
N MET A 295 1.68 -55.77 -17.45
CA MET A 295 1.39 -54.48 -18.06
C MET A 295 1.69 -54.45 -19.55
N VAL A 296 2.64 -55.27 -19.97
CA VAL A 296 2.85 -55.50 -21.38
C VAL A 296 1.50 -55.88 -21.97
N SER A 297 0.80 -56.81 -21.33
CA SER A 297 -0.48 -57.29 -21.84
C SER A 297 -1.67 -56.42 -21.45
N MET A 298 -1.42 -55.22 -20.95
CA MET A 298 -2.52 -54.30 -20.67
C MET A 298 -2.44 -53.16 -21.67
N GLY A 299 -1.34 -53.13 -22.43
CA GLY A 299 -1.17 -52.16 -23.48
C GLY A 299 0.05 -51.28 -23.37
N TYR A 300 0.79 -51.40 -22.27
CA TYR A 300 1.97 -50.59 -22.02
C TYR A 300 3.23 -51.25 -22.56
N THR A 301 4.07 -50.44 -23.21
CA THR A 301 5.34 -50.91 -23.74
C THR A 301 6.39 -50.93 -22.64
N ARG A 302 7.26 -51.93 -22.68
CA ARG A 302 8.28 -52.12 -21.67
C ARG A 302 9.08 -50.84 -21.42
N GLU A 303 9.29 -50.05 -22.47
CA GLU A 303 10.08 -48.82 -22.34
C GLU A 303 9.28 -47.70 -21.65
N GLU A 304 7.97 -47.62 -21.87
CA GLU A 304 7.19 -46.62 -21.15
C GLU A 304 7.01 -46.95 -19.66
N ILE A 305 6.92 -48.24 -19.33
CA ILE A 305 6.95 -48.67 -17.92
C ILE A 305 8.20 -48.12 -17.21
N GLN A 306 9.35 -48.28 -17.85
CA GLN A 306 10.64 -47.88 -17.30
C GLN A 306 10.85 -46.35 -17.27
N ASP A 307 10.49 -45.66 -18.34
CA ASP A 307 10.64 -44.21 -18.33
C ASP A 307 9.86 -43.65 -17.16
N SER A 308 8.60 -44.06 -17.07
CA SER A 308 7.68 -43.51 -16.08
C SER A 308 8.14 -43.70 -14.66
N LEU A 309 8.82 -44.80 -14.39
CA LEU A 309 9.24 -45.09 -13.02
C LEU A 309 10.52 -44.35 -12.65
N VAL A 310 11.45 -44.27 -13.60
CA VAL A 310 12.70 -43.54 -13.40
C VAL A 310 12.42 -42.05 -13.23
N GLY A 311 11.62 -41.51 -14.15
CA GLY A 311 11.22 -40.12 -14.09
C GLY A 311 10.22 -39.79 -12.97
N GLN A 312 9.80 -40.80 -12.21
CA GLN A 312 8.81 -40.57 -11.14
C GLN A 312 7.68 -39.72 -11.69
N ARG A 313 7.07 -40.20 -12.77
CA ARG A 313 6.15 -39.41 -13.57
C ARG A 313 4.75 -39.29 -12.94
N TYR A 314 4.37 -40.26 -12.13
CA TYR A 314 3.03 -40.29 -11.54
C TYR A 314 1.94 -40.21 -12.61
N ASN A 315 2.11 -41.04 -13.64
CA ASN A 315 1.15 -41.15 -14.74
C ASN A 315 0.34 -42.44 -14.68
N GLU A 316 -0.49 -42.69 -15.69
CA GLU A 316 -1.30 -43.90 -15.69
C GLU A 316 -0.41 -45.14 -15.58
N VAL A 317 0.82 -45.02 -16.09
CA VAL A 317 1.77 -46.14 -16.17
C VAL A 317 2.35 -46.47 -14.81
N MET A 318 3.03 -45.50 -14.20
CA MET A 318 3.55 -45.63 -12.85
C MET A 318 2.49 -46.06 -11.83
N ALA A 319 1.26 -45.59 -12.05
CA ALA A 319 0.23 -45.85 -11.05
C ALA A 319 -0.06 -47.33 -11.03
N THR A 320 -0.30 -47.89 -12.23
CA THR A 320 -0.58 -49.32 -12.37
C THR A 320 0.52 -50.19 -11.73
N TYR A 321 1.78 -49.87 -12.01
CA TYR A 321 2.90 -50.62 -11.48
C TYR A 321 2.92 -50.65 -9.95
N LEU A 322 2.66 -49.50 -9.32
CA LEU A 322 2.57 -49.47 -7.86
C LEU A 322 1.37 -50.27 -7.37
N LEU A 323 0.23 -50.12 -8.01
CA LEU A 323 -0.97 -50.79 -7.50
C LEU A 323 -0.75 -52.29 -7.61
N LEU A 324 0.02 -52.69 -8.62
CA LEU A 324 0.34 -54.11 -8.82
C LEU A 324 1.20 -54.70 -7.69
N GLY A 325 1.74 -53.84 -6.83
CA GLY A 325 2.53 -54.26 -5.68
C GLY A 325 1.71 -54.66 -4.46
N TYR A 326 0.44 -54.29 -4.44
CA TYR A 326 -0.45 -54.67 -3.35
C TYR A 326 -1.22 -55.96 -3.70
N HIS B 12 40.45 -29.95 -1.25
CA HIS B 12 39.32 -30.33 -2.10
C HIS B 12 38.40 -31.40 -1.48
N ILE B 13 37.11 -31.35 -1.81
CA ILE B 13 36.13 -32.33 -1.32
C ILE B 13 35.49 -33.18 -2.43
N GLY B 14 35.32 -34.46 -2.14
CA GLY B 14 34.82 -35.41 -3.12
C GLY B 14 35.71 -35.49 -4.36
N ASN B 15 35.09 -35.70 -5.50
CA ASN B 15 35.86 -35.75 -6.73
C ASN B 15 36.17 -34.36 -7.28
N TYR B 16 36.06 -33.35 -6.42
CA TYR B 16 36.24 -31.98 -6.90
C TYR B 16 37.48 -31.35 -6.31
N ARG B 17 38.16 -30.58 -7.16
CA ARG B 17 39.28 -29.75 -6.76
C ARG B 17 38.78 -28.31 -6.70
N LEU B 18 38.82 -27.73 -5.50
CA LEU B 18 38.36 -26.36 -5.32
C LEU B 18 39.41 -25.39 -5.84
N LEU B 19 39.01 -24.47 -6.72
CA LEU B 19 39.96 -23.56 -7.35
C LEU B 19 39.99 -22.18 -6.72
N LYS B 20 38.84 -21.51 -6.69
CA LYS B 20 38.75 -20.17 -6.12
C LYS B 20 37.33 -19.82 -5.74
N THR B 21 37.18 -18.75 -4.95
CA THR B 21 35.87 -18.28 -4.51
C THR B 21 35.24 -17.40 -5.58
N ILE B 22 33.92 -17.22 -5.50
CA ILE B 22 33.13 -16.45 -6.47
C ILE B 22 31.77 -16.05 -5.89
N ALA B 28 27.91 -15.35 1.03
CA ALA B 28 27.42 -16.64 0.48
C ALA B 28 28.46 -17.44 -0.32
N LYS B 29 28.96 -18.53 0.27
CA LYS B 29 30.17 -19.19 -0.21
C LYS B 29 29.98 -20.05 -1.46
N VAL B 30 30.56 -19.61 -2.57
CA VAL B 30 30.61 -20.44 -3.75
C VAL B 30 32.02 -20.55 -4.29
N LYS B 31 32.43 -21.77 -4.60
CA LYS B 31 33.77 -22.04 -5.12
C LYS B 31 33.68 -22.56 -6.54
N LEU B 32 34.55 -22.07 -7.42
CA LEU B 32 34.75 -22.72 -8.70
C LEU B 32 35.56 -23.99 -8.45
N ALA B 33 35.13 -25.12 -9.01
CA ALA B 33 35.83 -26.39 -8.82
C ALA B 33 36.00 -27.15 -10.13
N ARG B 34 36.94 -28.09 -10.15
CA ARG B 34 37.10 -28.97 -11.31
C ARG B 34 36.80 -30.40 -10.92
N HIS B 35 35.88 -31.02 -11.63
CA HIS B 35 35.56 -32.43 -11.39
C HIS B 35 36.75 -33.23 -11.91
N ILE B 36 37.39 -33.98 -11.03
CA ILE B 36 38.64 -34.65 -11.38
C ILE B 36 38.52 -35.62 -12.58
N LEU B 37 37.58 -36.56 -12.50
CA LEU B 37 37.44 -37.58 -13.53
C LEU B 37 37.10 -37.06 -14.94
N THR B 38 36.63 -35.82 -15.05
CA THR B 38 36.20 -35.30 -16.35
C THR B 38 36.86 -33.99 -16.70
N GLY B 39 37.39 -33.32 -15.70
CA GLY B 39 38.02 -32.03 -15.92
C GLY B 39 37.03 -30.98 -16.37
N LYS B 40 35.75 -31.20 -16.09
CA LYS B 40 34.74 -30.16 -16.32
C LYS B 40 34.70 -29.19 -15.14
N GLU B 41 34.37 -27.94 -15.41
CA GLU B 41 34.22 -26.95 -14.33
C GLU B 41 32.80 -26.88 -13.78
N VAL B 42 32.70 -26.84 -12.46
CA VAL B 42 31.41 -26.74 -11.80
C VAL B 42 31.47 -25.63 -10.77
N ALA B 43 30.32 -25.21 -10.26
CA ALA B 43 30.29 -24.27 -9.13
C ALA B 43 29.76 -24.98 -7.90
N VAL B 44 30.57 -25.00 -6.84
CA VAL B 44 30.18 -25.61 -5.56
C VAL B 44 29.70 -24.60 -4.52
N ARG B 45 28.44 -24.71 -4.14
CA ARG B 45 27.92 -23.88 -3.05
C ARG B 45 28.06 -24.59 -1.70
N ILE B 46 28.74 -23.94 -0.76
CA ILE B 46 29.04 -24.56 0.53
C ILE B 46 28.27 -23.95 1.68
N ILE B 47 27.49 -24.79 2.36
CA ILE B 47 26.58 -24.34 3.41
C ILE B 47 26.84 -25.02 4.76
N ASP B 48 26.86 -24.21 5.82
CA ASP B 48 27.10 -24.73 7.16
C ASP B 48 25.78 -24.97 7.89
N LYS B 49 25.43 -26.23 8.07
CA LYS B 49 24.14 -26.61 8.62
C LYS B 49 23.98 -26.17 10.07
N THR B 50 25.09 -26.10 10.80
CA THR B 50 25.09 -25.71 12.20
C THR B 50 24.56 -24.31 12.40
N GLN B 51 24.84 -23.45 11.43
CA GLN B 51 24.46 -22.06 11.50
C GLN B 51 23.02 -21.81 11.07
N LEU B 52 22.25 -22.88 10.91
CA LEU B 52 20.84 -22.74 10.54
C LEU B 52 19.88 -23.19 11.64
N ASN B 53 18.73 -22.53 11.69
CA ASN B 53 17.65 -22.93 12.58
C ASN B 53 16.74 -23.91 11.86
N SER B 54 15.96 -24.67 12.61
CA SER B 54 15.17 -25.73 12.01
C SER B 54 14.31 -25.24 10.85
N SER B 55 13.88 -23.98 10.91
CA SER B 55 13.05 -23.46 9.83
C SER B 55 13.87 -23.28 8.54
N SER B 56 15.12 -22.88 8.71
CA SER B 56 16.01 -22.65 7.57
C SER B 56 16.41 -23.97 6.94
N LEU B 57 16.83 -24.91 7.78
CA LEU B 57 17.10 -26.28 7.33
C LEU B 57 15.91 -26.84 6.56
N GLN B 58 14.72 -26.74 7.14
CA GLN B 58 13.53 -27.18 6.41
C GLN B 58 13.44 -26.49 5.05
N LYS B 59 13.67 -25.18 5.03
CA LYS B 59 13.52 -24.43 3.78
C LYS B 59 14.59 -24.85 2.79
N LEU B 60 15.84 -24.88 3.29
CA LEU B 60 16.99 -25.31 2.49
C LEU B 60 16.74 -26.62 1.75
N PHE B 61 16.26 -27.64 2.45
CA PHE B 61 15.99 -28.92 1.80
C PHE B 61 14.76 -28.94 0.89
N ARG B 62 13.73 -28.20 1.25
CA ARG B 62 12.59 -28.02 0.34
C ARG B 62 13.12 -27.43 -0.96
N GLU B 63 14.15 -26.61 -0.85
CA GLU B 63 14.70 -25.96 -2.02
C GLU B 63 15.64 -26.88 -2.82
N VAL B 64 16.50 -27.64 -2.15
CA VAL B 64 17.34 -28.59 -2.85
C VAL B 64 16.48 -29.58 -3.62
N ARG B 65 15.28 -29.85 -3.11
CA ARG B 65 14.37 -30.79 -3.76
C ARG B 65 13.77 -30.22 -5.05
N ILE B 66 13.57 -28.90 -5.08
CA ILE B 66 13.10 -28.24 -6.28
C ILE B 66 14.17 -28.30 -7.36
N MET B 67 15.42 -27.98 -6.99
CA MET B 67 16.52 -28.10 -7.92
C MET B 67 16.68 -29.50 -8.51
N LYS B 68 16.23 -30.53 -7.81
CA LYS B 68 16.35 -31.88 -8.36
C LYS B 68 15.31 -32.20 -9.45
N VAL B 69 14.14 -31.55 -9.37
CA VAL B 69 13.06 -31.83 -10.32
C VAL B 69 13.10 -31.04 -11.64
N LEU B 70 13.72 -29.85 -11.62
CA LEU B 70 13.88 -28.99 -12.81
C LEU B 70 14.91 -29.50 -13.82
N ASN B 71 14.46 -29.74 -15.04
CA ASN B 71 15.39 -30.14 -16.09
C ASN B 71 15.21 -29.33 -17.38
N HIS B 72 15.64 -28.09 -17.34
CA HIS B 72 15.51 -27.21 -18.49
C HIS B 72 16.90 -26.72 -18.92
N PRO B 73 17.10 -26.55 -20.23
CA PRO B 73 18.42 -26.16 -20.74
C PRO B 73 18.83 -24.74 -20.38
N ASN B 74 17.88 -23.89 -20.00
CA ASN B 74 18.19 -22.51 -19.62
C ASN B 74 18.02 -22.23 -18.13
N ILE B 75 17.90 -23.30 -17.34
CA ILE B 75 17.88 -23.20 -15.89
C ILE B 75 19.14 -23.91 -15.43
N VAL B 76 19.81 -23.39 -14.39
CA VAL B 76 21.11 -23.97 -14.01
C VAL B 76 20.92 -25.28 -13.30
N LYS B 77 21.73 -26.25 -13.69
CA LYS B 77 21.56 -27.65 -13.29
C LYS B 77 22.27 -28.00 -11.98
N LEU B 78 21.61 -28.80 -11.16
CA LEU B 78 22.23 -29.44 -10.02
C LEU B 78 22.90 -30.76 -10.44
N PHE B 79 24.15 -30.95 -10.04
CA PHE B 79 24.91 -32.12 -10.45
C PHE B 79 25.11 -33.17 -9.36
N GLU B 80 25.38 -32.71 -8.15
CA GLU B 80 25.62 -33.61 -7.04
C GLU B 80 25.30 -32.93 -5.72
N VAL B 81 24.91 -33.74 -4.74
CA VAL B 81 24.66 -33.26 -3.40
C VAL B 81 25.47 -34.09 -2.43
N ILE B 82 26.30 -33.42 -1.64
CA ILE B 82 27.18 -34.05 -0.68
C ILE B 82 26.84 -33.53 0.71
N GLU B 83 26.43 -34.41 1.62
CA GLU B 83 26.05 -33.96 2.95
C GLU B 83 26.91 -34.61 4.02
N THR B 84 27.81 -33.84 4.63
CA THR B 84 28.46 -34.29 5.86
C THR B 84 27.62 -33.90 7.07
N GLU B 85 28.21 -34.06 8.26
CA GLU B 85 27.52 -33.81 9.52
C GLU B 85 27.11 -32.34 9.67
N LYS B 86 28.08 -31.46 9.46
CA LYS B 86 27.91 -30.04 9.68
C LYS B 86 27.72 -29.28 8.36
N THR B 87 28.14 -29.91 7.27
CA THR B 87 28.26 -29.21 5.99
C THR B 87 27.41 -29.79 4.85
N LEU B 88 26.82 -28.92 4.05
CA LEU B 88 26.15 -29.33 2.82
C LEU B 88 26.84 -28.69 1.61
N TYR B 89 27.12 -29.51 0.59
CA TYR B 89 27.77 -29.03 -0.63
C TYR B 89 26.83 -29.19 -1.82
N LEU B 90 26.53 -28.11 -2.52
CA LEU B 90 25.72 -28.27 -3.72
C LEU B 90 26.57 -28.01 -4.95
N VAL B 91 26.84 -29.07 -5.71
CA VAL B 91 27.57 -28.96 -6.97
C VAL B 91 26.63 -28.64 -8.13
N MET B 92 26.83 -27.47 -8.74
CA MET B 92 25.95 -27.02 -9.83
C MET B 92 26.70 -26.55 -11.07
N GLU B 93 25.93 -26.33 -12.13
CA GLU B 93 26.45 -25.79 -13.39
C GLU B 93 27.16 -24.46 -13.19
N TYR B 94 28.33 -24.31 -13.82
CA TYR B 94 29.03 -23.02 -13.80
C TYR B 94 28.78 -22.25 -15.09
N ALA B 95 28.23 -21.05 -14.97
CA ALA B 95 27.97 -20.26 -16.16
C ALA B 95 29.10 -19.25 -16.35
N SER B 96 30.03 -19.54 -17.26
CA SER B 96 31.29 -18.79 -17.37
C SER B 96 31.16 -17.41 -18.01
N GLY B 97 30.00 -17.11 -18.58
CA GLY B 97 29.79 -15.84 -19.25
C GLY B 97 29.31 -14.71 -18.37
N GLY B 98 29.11 -15.01 -17.08
CA GLY B 98 28.68 -13.99 -16.14
C GLY B 98 27.23 -13.55 -16.18
N GLU B 99 26.97 -12.40 -15.55
CA GLU B 99 25.63 -11.86 -15.47
C GLU B 99 25.20 -11.04 -16.70
N VAL B 100 23.94 -11.19 -17.07
CA VAL B 100 23.33 -10.35 -18.09
C VAL B 100 23.48 -8.87 -17.65
N PHE B 101 23.44 -8.65 -16.34
CA PHE B 101 23.56 -7.31 -15.77
C PHE B 101 24.93 -6.72 -16.03
N ASP B 102 25.97 -7.53 -15.88
CA ASP B 102 27.30 -7.03 -16.16
C ASP B 102 27.47 -6.79 -17.65
N TYR B 103 26.85 -7.66 -18.43
CA TYR B 103 26.93 -7.59 -19.88
C TYR B 103 26.20 -6.38 -20.37
N LEU B 104 25.04 -6.08 -19.79
CA LEU B 104 24.29 -4.90 -20.18
C LEU B 104 25.12 -3.66 -19.88
N VAL B 105 25.71 -3.63 -18.69
CA VAL B 105 26.51 -2.50 -18.22
C VAL B 105 27.69 -2.22 -19.14
N ALA B 106 28.27 -3.29 -19.65
CA ALA B 106 29.53 -3.21 -20.40
C ALA B 106 29.35 -2.98 -21.89
N HIS B 107 28.21 -3.40 -22.43
CA HIS B 107 28.01 -3.40 -23.88
C HIS B 107 26.77 -2.61 -24.30
N GLY B 108 25.97 -2.21 -23.32
CA GLY B 108 24.78 -1.42 -23.63
C GLY B 108 23.66 -2.29 -24.15
N ARG B 109 22.60 -1.67 -24.63
CA ARG B 109 21.45 -2.43 -25.12
C ARG B 109 21.87 -3.37 -26.21
N MET B 110 21.13 -4.47 -26.27
CA MET B 110 21.19 -5.43 -27.35
C MET B 110 20.28 -4.92 -28.46
N LYS B 111 20.64 -5.22 -29.71
CA LYS B 111 19.72 -4.95 -30.80
C LYS B 111 18.55 -5.90 -30.60
N GLU B 112 17.36 -5.42 -30.92
CA GLU B 112 16.12 -6.19 -30.77
C GLU B 112 16.24 -7.68 -31.13
N LYS B 113 17.02 -8.01 -32.16
CA LYS B 113 17.21 -9.40 -32.56
C LYS B 113 18.01 -10.21 -31.52
N GLU B 114 19.11 -9.65 -31.01
CA GLU B 114 19.82 -10.33 -29.93
C GLU B 114 18.91 -10.47 -28.70
N ALA B 115 18.16 -9.43 -28.39
CA ALA B 115 17.24 -9.49 -27.25
C ALA B 115 16.31 -10.67 -27.36
N ARG B 116 15.69 -10.81 -28.51
CA ARG B 116 14.70 -11.87 -28.72
C ARG B 116 15.31 -13.25 -28.48
N ALA B 117 16.57 -13.45 -28.88
CA ALA B 117 17.18 -14.75 -28.70
C ALA B 117 17.28 -15.12 -27.21
N LYS B 118 17.81 -14.20 -26.40
CA LYS B 118 17.89 -14.39 -24.96
C LYS B 118 16.48 -14.50 -24.37
N PHE B 119 15.59 -13.62 -24.81
CA PHE B 119 14.28 -13.52 -24.14
C PHE B 119 13.40 -14.74 -24.37
N ARG B 120 13.53 -15.36 -25.54
CA ARG B 120 12.81 -16.61 -25.83
C ARG B 120 13.27 -17.71 -24.87
N GLN B 121 14.58 -17.82 -24.67
CA GLN B 121 15.11 -18.77 -23.70
C GLN B 121 14.55 -18.49 -22.31
N ILE B 122 14.69 -17.25 -21.86
CA ILE B 122 14.18 -16.80 -20.56
C ILE B 122 12.70 -17.15 -20.35
N VAL B 123 11.83 -16.76 -21.28
CA VAL B 123 10.39 -17.03 -21.16
C VAL B 123 10.11 -18.55 -21.14
N SER B 124 10.85 -19.31 -21.94
CA SER B 124 10.76 -20.77 -21.90
C SER B 124 11.04 -21.30 -20.49
N ALA B 125 12.22 -20.96 -19.98
CA ALA B 125 12.65 -21.38 -18.65
C ALA B 125 11.63 -21.07 -17.55
N VAL B 126 11.19 -19.81 -17.49
CA VAL B 126 10.23 -19.41 -16.47
C VAL B 126 8.87 -20.04 -16.70
N GLN B 127 8.46 -20.17 -17.95
CA GLN B 127 7.15 -20.75 -18.23
C GLN B 127 7.10 -22.22 -17.81
N TYR B 128 8.19 -22.94 -18.07
CA TYR B 128 8.38 -24.31 -17.62
C TYR B 128 8.09 -24.46 -16.13
N CYS B 129 8.69 -23.59 -15.32
CA CYS B 129 8.50 -23.61 -13.87
C CYS B 129 7.06 -23.33 -13.45
N HIS B 130 6.41 -22.39 -14.12
CA HIS B 130 5.01 -22.10 -13.81
C HIS B 130 4.06 -23.28 -14.04
N GLN B 131 4.45 -24.20 -14.91
CA GLN B 131 3.65 -25.40 -15.21
C GLN B 131 3.53 -26.22 -13.94
N LYS B 132 4.58 -26.13 -13.13
CA LYS B 132 4.69 -26.78 -11.84
C LYS B 132 4.41 -25.85 -10.64
N PHE B 133 3.76 -24.73 -10.90
CA PHE B 133 3.52 -23.70 -9.89
C PHE B 133 4.71 -23.36 -9.00
N ILE B 134 5.89 -23.60 -9.55
CA ILE B 134 7.15 -23.07 -9.04
C ILE B 134 7.39 -21.66 -9.57
N VAL B 135 7.19 -20.64 -8.75
CA VAL B 135 7.42 -19.29 -9.21
C VAL B 135 8.70 -18.70 -8.63
N HIS B 136 9.42 -17.93 -9.43
CA HIS B 136 10.76 -17.44 -9.06
C HIS B 136 10.78 -16.32 -7.99
N ARG B 137 9.97 -15.29 -8.16
CA ARG B 137 9.80 -14.24 -7.14
C ARG B 137 10.97 -13.23 -6.99
N ASP B 138 12.08 -13.47 -7.69
CA ASP B 138 13.17 -12.53 -7.71
C ASP B 138 13.90 -12.46 -9.05
N LEU B 139 13.16 -12.53 -10.17
CA LEU B 139 13.80 -12.43 -11.49
C LEU B 139 14.39 -11.03 -11.70
N LYS B 140 15.66 -10.98 -12.06
CA LYS B 140 16.32 -9.70 -12.35
C LYS B 140 17.59 -10.01 -13.16
N ALA B 141 18.17 -8.96 -13.75
CA ALA B 141 19.28 -9.12 -14.69
C ALA B 141 20.53 -9.71 -14.05
N GLU B 142 20.54 -9.79 -12.74
CA GLU B 142 21.67 -10.38 -12.03
C GLU B 142 21.49 -11.89 -11.83
N ASN B 143 20.27 -12.35 -12.02
CA ASN B 143 19.94 -13.77 -11.96
C ASN B 143 20.01 -14.41 -13.34
N LEU B 144 20.05 -13.57 -14.38
CA LEU B 144 20.19 -14.11 -15.73
C LEU B 144 21.68 -14.31 -16.04
N LEU B 145 22.16 -15.56 -15.96
CA LEU B 145 23.57 -15.85 -16.27
C LEU B 145 23.75 -16.27 -17.72
N LEU B 146 25.00 -16.25 -18.18
CA LEU B 146 25.32 -16.55 -19.58
C LEU B 146 26.41 -17.61 -19.61
N ASP B 147 26.19 -18.69 -20.35
CA ASP B 147 27.22 -19.72 -20.50
C ASP B 147 28.27 -19.33 -21.54
N ALA B 148 29.20 -20.23 -21.81
CA ALA B 148 30.29 -19.92 -22.71
C ALA B 148 29.84 -19.56 -24.13
N ASP B 149 28.60 -19.90 -24.49
CA ASP B 149 28.10 -19.68 -25.84
C ASP B 149 26.95 -18.66 -25.87
N MET B 150 26.81 -17.88 -24.80
CA MET B 150 25.82 -16.81 -24.75
C MET B 150 24.38 -17.30 -24.57
N ASN B 151 24.23 -18.50 -24.03
CA ASN B 151 22.92 -19.01 -23.68
C ASN B 151 22.55 -18.63 -22.27
N ILE B 152 21.29 -18.29 -22.07
CA ILE B 152 20.77 -17.97 -20.75
C ILE B 152 20.76 -19.18 -19.79
N LYS B 153 21.24 -18.94 -18.57
CA LYS B 153 21.10 -19.87 -17.46
C LYS B 153 20.51 -19.11 -16.30
N ILE B 154 19.20 -19.19 -16.12
CA ILE B 154 18.56 -18.53 -14.98
C ILE B 154 18.96 -19.15 -13.65
N ALA B 155 19.34 -18.33 -12.68
CA ALA B 155 19.77 -18.85 -11.41
C ALA B 155 18.76 -18.59 -10.32
N ASP B 156 18.94 -19.27 -9.17
CA ASP B 156 18.14 -19.07 -7.95
C ASP B 156 16.71 -19.57 -8.04
N PHE B 157 16.49 -20.61 -8.83
CA PHE B 157 15.12 -21.02 -9.03
C PHE B 157 14.65 -21.87 -7.88
N GLY B 158 15.57 -22.62 -7.30
CA GLY B 158 15.21 -23.27 -6.07
C GLY B 158 15.84 -22.51 -4.91
N PHE B 159 17.09 -22.88 -4.68
CA PHE B 159 17.88 -22.39 -3.58
C PHE B 159 18.78 -21.26 -4.08
N SER B 160 19.02 -20.26 -3.22
CA SER B 160 19.73 -19.05 -3.66
C SER B 160 21.23 -19.09 -3.42
N ASN B 161 21.99 -18.48 -4.34
CA ASN B 161 23.44 -18.37 -4.22
C ASN B 161 23.78 -16.92 -3.96
N GLU B 162 22.77 -16.18 -3.55
CA GLU B 162 22.91 -14.77 -3.22
C GLU B 162 22.51 -14.53 -1.76
N PHE B 163 21.30 -14.97 -1.40
CA PHE B 163 20.81 -14.87 -0.04
C PHE B 163 21.41 -15.96 0.85
N THR B 164 21.88 -15.53 2.02
CA THR B 164 22.32 -16.41 3.08
C THR B 164 21.15 -16.48 4.07
N PHE B 165 21.22 -17.37 5.05
CA PHE B 165 20.00 -17.68 5.84
C PHE B 165 19.70 -16.82 7.07
N GLY B 166 19.72 -15.50 6.89
CA GLY B 166 19.38 -14.56 7.95
C GLY B 166 20.56 -14.16 8.83
N ASN B 167 21.71 -14.75 8.54
CA ASN B 167 22.90 -14.59 9.38
C ASN B 167 23.70 -13.34 9.06
N LYS B 168 23.64 -12.90 7.81
CA LYS B 168 24.55 -11.85 7.35
C LYS B 168 23.79 -10.64 6.80
N LEU B 169 24.52 -9.67 6.28
CA LEU B 169 23.92 -8.40 5.82
C LEU B 169 23.54 -8.40 4.33
N ASP B 170 22.52 -9.17 3.97
CA ASP B 170 22.07 -9.25 2.58
C ASP B 170 21.70 -7.87 2.01
N GLU B 171 22.22 -7.54 0.83
CA GLU B 171 21.99 -6.22 0.27
C GLU B 171 20.80 -6.15 -0.68
N PHE B 172 20.24 -7.30 -1.07
CA PHE B 172 19.16 -7.37 -2.06
C PHE B 172 19.46 -6.64 -3.38
N CYS B 173 20.72 -6.66 -3.80
CA CYS B 173 21.13 -5.95 -5.01
C CYS B 173 20.34 -6.34 -6.26
N GLY B 174 19.66 -5.36 -6.84
CA GLY B 174 18.94 -5.55 -8.08
C GLY B 174 17.45 -5.79 -7.92
N SER B 175 17.05 -6.44 -6.84
CA SER B 175 15.65 -6.83 -6.67
C SER B 175 14.60 -5.72 -6.86
N PRO B 176 14.87 -4.51 -6.35
CA PRO B 176 13.72 -3.61 -6.28
C PRO B 176 13.15 -3.06 -7.60
N PRO B 177 13.98 -2.68 -8.58
CA PRO B 177 13.45 -2.16 -9.86
C PRO B 177 12.53 -3.16 -10.60
N TYR B 178 12.60 -4.43 -10.24
CA TYR B 178 11.83 -5.46 -10.90
C TYR B 178 10.56 -5.85 -10.17
N ALA B 179 10.27 -5.18 -9.07
CA ALA B 179 9.15 -5.54 -8.22
C ALA B 179 7.82 -5.11 -8.80
N ALA B 180 6.90 -6.04 -8.85
CA ALA B 180 5.55 -5.75 -9.29
C ALA B 180 4.88 -4.85 -8.25
N PRO B 181 3.95 -4.01 -8.69
CA PRO B 181 3.17 -3.11 -7.82
C PRO B 181 2.77 -3.77 -6.50
N GLU B 182 2.23 -4.99 -6.57
CA GLU B 182 1.72 -5.68 -5.38
C GLU B 182 2.64 -5.62 -4.15
N LEU B 183 3.94 -5.79 -4.35
CA LEU B 183 4.89 -5.61 -3.26
C LEU B 183 4.60 -4.35 -2.47
N PHE B 184 4.35 -3.26 -3.18
CA PHE B 184 4.22 -1.94 -2.58
C PHE B 184 2.79 -1.58 -2.16
N GLN B 185 1.86 -2.51 -2.31
CA GLN B 185 0.49 -2.21 -1.93
C GLN B 185 -0.08 -3.17 -0.90
N GLY B 186 0.79 -3.92 -0.24
CA GLY B 186 0.39 -4.88 0.78
C GLY B 186 -0.30 -6.13 0.25
N LYS B 187 -0.53 -6.18 -1.06
CA LYS B 187 -1.24 -7.31 -1.68
C LYS B 187 -0.34 -8.56 -1.75
N LYS B 188 -0.87 -9.65 -2.28
CA LYS B 188 -0.12 -10.91 -2.32
C LYS B 188 0.94 -10.91 -3.40
N TYR B 189 2.03 -11.61 -3.14
CA TYR B 189 3.17 -11.68 -4.05
C TYR B 189 3.55 -13.15 -4.17
N ASP B 190 2.54 -13.98 -4.42
CA ASP B 190 2.70 -15.44 -4.44
C ASP B 190 2.67 -16.04 -5.84
N GLY B 191 1.75 -15.57 -6.68
CA GLY B 191 1.48 -16.15 -7.99
C GLY B 191 2.50 -15.89 -9.08
N PRO B 192 2.36 -16.62 -10.19
CA PRO B 192 3.26 -16.51 -11.34
C PRO B 192 3.11 -15.17 -12.08
N GLU B 193 2.04 -14.43 -11.79
CA GLU B 193 1.86 -13.10 -12.35
C GLU B 193 2.98 -12.17 -11.87
N VAL B 194 3.49 -12.44 -10.67
CA VAL B 194 4.61 -11.67 -10.18
C VAL B 194 5.80 -11.79 -11.12
N ASP B 195 6.10 -13.01 -11.53
CA ASP B 195 7.22 -13.25 -12.43
C ASP B 195 6.97 -12.57 -13.74
N VAL B 196 5.70 -12.56 -14.16
CA VAL B 196 5.32 -11.91 -15.41
C VAL B 196 5.66 -10.42 -15.41
N TRP B 197 5.17 -9.67 -14.43
CA TRP B 197 5.65 -8.32 -14.28
C TRP B 197 7.17 -8.23 -14.46
N SER B 198 7.94 -8.97 -13.66
CA SER B 198 9.38 -8.78 -13.67
C SER B 198 10.00 -9.05 -15.03
N LEU B 199 9.38 -9.95 -15.79
CA LEU B 199 9.89 -10.32 -17.10
C LEU B 199 9.80 -9.14 -18.05
N GLY B 200 8.68 -8.42 -17.98
CA GLY B 200 8.49 -7.16 -18.69
C GLY B 200 9.59 -6.15 -18.41
N VAL B 201 9.95 -5.98 -17.15
CA VAL B 201 10.99 -5.05 -16.78
C VAL B 201 12.28 -5.56 -17.41
N ILE B 202 12.46 -6.87 -17.36
CA ILE B 202 13.64 -7.50 -17.94
C ILE B 202 13.73 -7.15 -19.41
N LEU B 203 12.64 -7.38 -20.13
CA LEU B 203 12.60 -7.19 -21.57
C LEU B 203 13.06 -5.79 -21.88
N TYR B 204 12.50 -4.84 -21.13
CA TYR B 204 12.83 -3.43 -21.25
C TYR B 204 14.31 -3.11 -21.02
N THR B 205 14.94 -3.77 -20.06
CA THR B 205 16.36 -3.47 -19.82
C THR B 205 17.23 -4.09 -20.91
N LEU B 206 16.75 -5.16 -21.54
CA LEU B 206 17.47 -5.76 -22.67
C LEU B 206 17.48 -4.87 -23.92
N VAL B 207 16.34 -4.30 -24.28
CA VAL B 207 16.30 -3.55 -25.53
C VAL B 207 16.69 -2.08 -25.39
N SER B 208 16.61 -1.56 -24.15
CA SER B 208 16.90 -0.13 -23.88
C SER B 208 18.20 0.13 -23.09
N GLY B 209 18.67 -0.88 -22.36
CA GLY B 209 19.90 -0.74 -21.61
C GLY B 209 19.72 -0.04 -20.27
N SER B 210 18.47 0.29 -19.93
CA SER B 210 18.14 1.02 -18.72
C SER B 210 16.83 0.52 -18.14
N LEU B 211 16.46 0.98 -16.93
CA LEU B 211 15.21 0.57 -16.29
C LEU B 211 14.00 1.43 -16.66
N PRO B 212 12.83 0.80 -16.69
CA PRO B 212 11.63 1.54 -17.03
C PRO B 212 11.15 2.33 -15.81
N PHE B 213 11.52 1.85 -14.62
CA PHE B 213 11.13 2.52 -13.38
C PHE B 213 12.38 2.80 -12.56
N ASP B 214 12.65 4.08 -12.27
CA ASP B 214 13.85 4.45 -11.54
C ASP B 214 13.54 5.50 -10.49
N GLY B 215 14.57 5.89 -9.75
CA GLY B 215 14.40 6.75 -8.60
C GLY B 215 15.65 6.78 -7.75
N GLN B 216 15.77 7.85 -6.96
CA GLN B 216 16.94 8.13 -6.14
C GLN B 216 16.91 7.31 -4.83
N ASN B 217 15.76 6.69 -4.57
CA ASN B 217 15.57 5.88 -3.39
C ASN B 217 14.27 5.11 -3.55
N LEU B 218 13.99 4.20 -2.61
CA LEU B 218 12.80 3.35 -2.68
C LEU B 218 11.48 4.11 -2.78
N LYS B 219 11.38 5.26 -2.15
CA LYS B 219 10.10 5.95 -2.19
C LYS B 219 9.75 6.40 -3.61
N GLU B 220 10.73 6.98 -4.30
CA GLU B 220 10.55 7.45 -5.68
C GLU B 220 10.39 6.29 -6.65
N LEU B 221 11.11 5.19 -6.42
CA LEU B 221 10.95 4.00 -7.23
C LEU B 221 9.52 3.49 -7.16
N ARG B 222 9.01 3.35 -5.94
CA ARG B 222 7.63 2.92 -5.71
C ARG B 222 6.60 3.81 -6.41
N GLU B 223 6.90 5.10 -6.53
CA GLU B 223 5.98 6.04 -7.14
C GLU B 223 5.82 5.74 -8.62
N ARG B 224 6.95 5.56 -9.30
CA ARG B 224 6.93 5.19 -10.71
C ARG B 224 6.26 3.82 -10.95
N VAL B 225 6.73 2.78 -10.26
CA VAL B 225 6.14 1.46 -10.40
C VAL B 225 4.62 1.53 -10.30
N LEU B 226 4.12 2.10 -9.21
CA LEU B 226 2.68 2.10 -8.95
C LEU B 226 1.89 2.83 -10.04
N ARG B 227 2.48 3.87 -10.63
CA ARG B 227 1.83 4.61 -11.71
C ARG B 227 1.89 3.81 -13.03
N GLY B 228 2.99 3.11 -13.24
CA GLY B 228 3.08 2.15 -14.33
C GLY B 228 3.38 2.74 -15.69
N LYS B 229 3.73 4.01 -15.72
CA LYS B 229 4.10 4.64 -16.97
C LYS B 229 5.60 4.51 -17.14
N TYR B 230 6.02 4.40 -18.41
CA TYR B 230 7.44 4.31 -18.75
C TYR B 230 7.69 4.83 -20.18
N ARG B 231 8.93 5.27 -20.46
CA ARG B 231 9.18 5.84 -21.77
C ARG B 231 9.53 4.80 -22.83
N ILE B 232 8.96 4.95 -24.03
CA ILE B 232 9.35 4.10 -25.15
C ILE B 232 10.39 4.83 -26.02
N PRO B 233 11.63 4.31 -26.06
CA PRO B 233 12.71 4.93 -26.85
C PRO B 233 12.37 5.01 -28.33
N PHE B 234 12.93 5.97 -29.06
CA PHE B 234 12.61 6.13 -30.48
C PHE B 234 12.92 4.87 -31.29
N TYR B 235 14.04 4.24 -30.95
CA TYR B 235 14.55 3.08 -31.67
C TYR B 235 13.85 1.75 -31.34
N MET B 236 12.75 1.82 -30.60
CA MET B 236 12.09 0.58 -30.17
C MET B 236 10.90 0.27 -31.05
N SER B 237 10.90 -0.93 -31.60
CA SER B 237 9.85 -1.37 -32.51
C SER B 237 8.45 -1.30 -31.92
N THR B 238 7.48 -1.16 -32.80
CA THR B 238 6.11 -1.18 -32.38
C THR B 238 5.76 -2.53 -31.78
N ASP B 239 6.30 -3.59 -32.37
CA ASP B 239 6.10 -4.94 -31.85
C ASP B 239 6.59 -5.06 -30.41
N CYS B 240 7.83 -4.65 -30.16
CA CYS B 240 8.37 -4.68 -28.81
C CYS B 240 7.48 -3.92 -27.83
N GLU B 241 7.09 -2.72 -28.20
CA GLU B 241 6.25 -1.88 -27.37
C GLU B 241 4.92 -2.56 -27.02
N ASN B 242 4.30 -3.20 -28.01
CA ASN B 242 3.03 -3.86 -27.79
C ASN B 242 3.16 -5.09 -26.91
N LEU B 243 4.35 -5.69 -26.92
CA LEU B 243 4.66 -6.86 -26.09
C LEU B 243 4.76 -6.45 -24.63
N LEU B 244 5.49 -5.36 -24.40
CA LEU B 244 5.62 -4.78 -23.06
C LEU B 244 4.27 -4.49 -22.41
N LYS B 245 3.25 -4.23 -23.23
CA LYS B 245 1.91 -3.96 -22.70
C LYS B 245 1.23 -5.23 -22.18
N LYS B 246 1.78 -6.38 -22.52
CA LYS B 246 1.24 -7.65 -22.06
C LYS B 246 1.82 -8.01 -20.69
N PHE B 247 3.02 -7.50 -20.41
CA PHE B 247 3.67 -7.72 -19.12
C PHE B 247 3.34 -6.66 -18.06
N LEU B 248 3.52 -5.39 -18.42
CA LEU B 248 3.43 -4.29 -17.47
C LEU B 248 2.00 -3.77 -17.28
N ILE B 249 1.10 -4.69 -16.92
CA ILE B 249 -0.25 -4.36 -16.49
C ILE B 249 -0.30 -4.22 -14.97
N LEU B 250 -0.71 -3.05 -14.48
CA LEU B 250 -0.90 -2.81 -13.06
C LEU B 250 -1.67 -3.90 -12.30
N ASN B 251 -2.87 -4.23 -12.76
CA ASN B 251 -3.72 -5.21 -12.09
C ASN B 251 -3.30 -6.65 -12.31
N PRO B 252 -2.74 -7.27 -11.25
CA PRO B 252 -2.20 -8.63 -11.30
C PRO B 252 -3.09 -9.59 -12.07
N SER B 253 -4.40 -9.53 -11.85
CA SER B 253 -5.31 -10.48 -12.48
C SER B 253 -5.33 -10.40 -14.00
N LYS B 254 -5.08 -9.20 -14.53
CA LYS B 254 -5.14 -8.95 -15.97
C LYS B 254 -3.81 -9.17 -16.71
N ARG B 255 -2.84 -9.80 -16.05
CA ARG B 255 -1.56 -10.09 -16.69
C ARG B 255 -1.65 -11.49 -17.29
N GLY B 256 -1.32 -11.61 -18.57
CA GLY B 256 -1.42 -12.89 -19.25
C GLY B 256 -0.50 -13.97 -18.72
N THR B 257 -0.83 -15.24 -18.99
CA THR B 257 0.12 -16.32 -18.69
C THR B 257 1.27 -16.25 -19.69
N LEU B 258 2.40 -16.86 -19.36
CA LEU B 258 3.47 -16.85 -20.32
C LEU B 258 3.15 -17.74 -21.51
N GLU B 259 2.25 -18.70 -21.33
CA GLU B 259 1.84 -19.54 -22.44
C GLU B 259 1.15 -18.69 -23.50
N GLN B 260 0.35 -17.73 -23.04
CA GLN B 260 -0.37 -16.83 -23.94
C GLN B 260 0.57 -15.81 -24.55
N ILE B 261 1.58 -15.42 -23.80
CA ILE B 261 2.48 -14.39 -24.25
C ILE B 261 3.45 -14.97 -25.27
N MET B 262 3.70 -16.27 -25.17
CA MET B 262 4.57 -16.94 -26.12
C MET B 262 4.02 -16.80 -27.53
N LYS B 263 2.73 -16.52 -27.64
CA LYS B 263 2.06 -16.41 -28.94
C LYS B 263 2.19 -14.99 -29.54
N ASP B 264 2.89 -14.11 -28.83
CA ASP B 264 3.02 -12.73 -29.23
C ASP B 264 3.88 -12.58 -30.48
N ARG B 265 3.62 -11.51 -31.23
CA ARG B 265 4.34 -11.26 -32.46
C ARG B 265 5.82 -11.00 -32.30
N TRP B 266 6.19 -10.03 -31.47
CA TRP B 266 7.60 -9.75 -31.24
C TRP B 266 8.35 -11.04 -30.91
N MET B 267 7.75 -11.86 -30.02
CA MET B 267 8.37 -13.10 -29.51
C MET B 267 8.79 -14.02 -30.63
N ASN B 268 8.01 -13.99 -31.70
CA ASN B 268 8.17 -14.92 -32.79
C ASN B 268 8.57 -14.32 -34.14
N VAL B 269 8.93 -13.04 -34.17
CA VAL B 269 9.49 -12.45 -35.38
C VAL B 269 10.74 -13.25 -35.76
N GLY B 270 10.79 -13.70 -37.00
CA GLY B 270 11.88 -14.56 -37.43
C GLY B 270 11.74 -16.06 -37.13
N HIS B 271 10.67 -16.44 -36.44
CA HIS B 271 10.45 -17.84 -36.05
C HIS B 271 9.02 -18.26 -36.31
N GLU B 272 8.40 -17.69 -37.32
CA GLU B 272 6.98 -17.89 -37.56
C GLU B 272 6.62 -19.37 -37.78
N ASP B 273 7.55 -20.14 -38.31
CA ASP B 273 7.32 -21.57 -38.51
C ASP B 273 7.72 -22.41 -37.29
N ASP B 274 8.27 -21.73 -36.29
CA ASP B 274 8.89 -22.35 -35.12
C ASP B 274 8.36 -21.69 -33.85
N GLU B 275 7.09 -21.33 -33.85
CA GLU B 275 6.53 -20.56 -32.74
C GLU B 275 6.89 -21.12 -31.34
N LEU B 276 7.30 -20.23 -30.44
CA LEU B 276 7.58 -20.59 -29.05
C LEU B 276 6.37 -21.24 -28.38
N LYS B 277 6.56 -22.44 -27.85
CA LYS B 277 5.50 -23.10 -27.07
C LYS B 277 6.07 -23.67 -25.77
N PRO B 278 5.19 -24.01 -24.82
CA PRO B 278 5.63 -24.59 -23.55
C PRO B 278 6.64 -25.72 -23.76
N TYR B 279 7.71 -25.73 -22.95
CA TYR B 279 8.76 -26.75 -23.02
C TYR B 279 8.23 -28.11 -22.56
N VAL B 280 8.65 -29.18 -23.24
CA VAL B 280 8.37 -30.52 -22.75
C VAL B 280 9.64 -31.09 -22.15
N GLU B 281 9.52 -31.58 -20.93
CA GLU B 281 10.66 -32.15 -20.24
C GLU B 281 11.07 -33.37 -21.06
N PRO B 282 12.36 -33.47 -21.40
CA PRO B 282 12.78 -34.61 -22.23
C PRO B 282 12.61 -35.93 -21.47
N LEU B 283 12.85 -37.04 -22.17
CA LEU B 283 12.82 -38.34 -21.53
C LEU B 283 14.06 -38.52 -20.67
N PRO B 284 13.92 -39.19 -19.53
CA PRO B 284 15.01 -39.36 -18.57
C PRO B 284 16.25 -39.93 -19.21
N ASP B 285 17.40 -39.36 -18.86
CA ASP B 285 18.66 -39.80 -19.45
C ASP B 285 19.42 -40.61 -18.41
N TYR B 286 19.52 -41.93 -18.63
CA TYR B 286 20.13 -42.85 -17.66
C TYR B 286 20.76 -44.11 -18.26
N LYS B 287 20.65 -44.30 -19.58
CA LYS B 287 21.17 -45.54 -20.21
C LYS B 287 22.14 -45.39 -21.40
N ASP B 288 22.67 -44.19 -21.63
CA ASP B 288 23.61 -43.99 -22.72
C ASP B 288 24.78 -44.95 -22.56
N PRO B 289 24.93 -45.86 -23.54
CA PRO B 289 26.00 -46.85 -23.45
C PRO B 289 27.38 -46.18 -23.43
N ARG B 290 27.66 -45.27 -24.37
CA ARG B 290 28.99 -44.69 -24.49
C ARG B 290 29.51 -44.18 -23.15
N ARG B 291 28.68 -43.39 -22.47
CA ARG B 291 29.02 -42.88 -21.15
C ARG B 291 29.10 -43.98 -20.09
N THR B 292 28.13 -44.90 -20.12
CA THR B 292 28.17 -46.08 -19.25
C THR B 292 29.48 -46.86 -19.45
N GLU B 293 29.95 -46.91 -20.70
CA GLU B 293 31.20 -47.57 -21.02
C GLU B 293 32.33 -46.85 -20.32
N LEU B 294 32.54 -45.60 -20.72
CA LEU B 294 33.56 -44.71 -20.17
C LEU B 294 33.66 -44.81 -18.66
N MET B 295 32.52 -44.91 -18.01
CA MET B 295 32.48 -44.94 -16.55
C MET B 295 32.95 -46.28 -15.99
N VAL B 296 32.55 -47.37 -16.64
CA VAL B 296 33.04 -48.68 -16.26
C VAL B 296 34.57 -48.66 -16.27
N SER B 297 35.14 -48.26 -17.41
CA SER B 297 36.60 -48.14 -17.53
C SER B 297 37.17 -46.97 -16.73
N MET B 298 36.57 -46.70 -15.57
CA MET B 298 37.09 -45.74 -14.60
C MET B 298 37.16 -46.45 -13.26
N GLY B 299 36.21 -47.34 -13.02
CA GLY B 299 36.13 -48.09 -11.78
C GLY B 299 34.72 -48.31 -11.30
N TYR B 300 33.76 -47.64 -11.94
CA TYR B 300 32.37 -47.75 -11.56
C TYR B 300 31.84 -49.11 -12.02
N THR B 301 31.14 -49.79 -11.12
CA THR B 301 30.53 -51.07 -11.47
C THR B 301 29.30 -50.85 -12.35
N ARG B 302 29.03 -51.78 -13.26
CA ARG B 302 27.97 -51.63 -14.25
C ARG B 302 26.58 -51.43 -13.62
N GLU B 303 26.45 -51.74 -12.34
CA GLU B 303 25.13 -51.72 -11.71
C GLU B 303 24.96 -50.66 -10.61
N GLU B 304 26.07 -50.16 -10.07
CA GLU B 304 25.97 -48.99 -9.19
C GLU B 304 25.63 -47.77 -10.05
N ILE B 305 26.22 -47.70 -11.24
CA ILE B 305 25.73 -46.80 -12.27
C ILE B 305 24.22 -46.95 -12.39
N GLN B 306 23.79 -48.19 -12.66
CA GLN B 306 22.38 -48.50 -12.82
C GLN B 306 21.55 -47.96 -11.63
N ASP B 307 22.03 -48.20 -10.41
CA ASP B 307 21.29 -47.80 -9.21
C ASP B 307 21.22 -46.28 -8.99
N SER B 308 22.39 -45.65 -9.01
CA SER B 308 22.51 -44.20 -8.93
C SER B 308 21.53 -43.50 -9.87
N LEU B 309 21.50 -43.96 -11.12
CA LEU B 309 20.72 -43.29 -12.14
C LEU B 309 19.22 -43.57 -12.02
N VAL B 310 18.87 -44.86 -12.01
CA VAL B 310 17.48 -45.28 -11.87
C VAL B 310 16.86 -44.60 -10.67
N GLY B 311 17.62 -44.53 -9.59
CA GLY B 311 17.15 -43.93 -8.36
C GLY B 311 17.36 -42.42 -8.23
N GLN B 312 17.85 -41.77 -9.28
CA GLN B 312 18.04 -40.31 -9.30
C GLN B 312 18.73 -39.80 -8.04
N ARG B 313 19.90 -40.36 -7.78
CA ARG B 313 20.52 -40.31 -6.46
C ARG B 313 21.26 -38.99 -6.17
N TYR B 314 21.85 -38.39 -7.20
CA TYR B 314 22.68 -37.19 -7.06
C TYR B 314 23.89 -37.43 -6.18
N ASN B 315 24.45 -38.63 -6.29
CA ASN B 315 25.68 -39.01 -5.61
C ASN B 315 26.88 -38.81 -6.53
N GLU B 316 27.99 -39.48 -6.27
CA GLU B 316 29.17 -39.27 -7.11
C GLU B 316 29.07 -39.99 -8.47
N VAL B 317 28.26 -41.03 -8.52
CA VAL B 317 28.10 -41.75 -9.78
C VAL B 317 27.26 -40.91 -10.73
N MET B 318 26.14 -40.37 -10.24
CA MET B 318 25.25 -39.58 -11.10
C MET B 318 25.94 -38.34 -11.62
N ALA B 319 26.78 -37.75 -10.78
CA ALA B 319 27.51 -36.57 -11.19
C ALA B 319 28.40 -36.87 -12.40
N THR B 320 29.23 -37.90 -12.28
CA THR B 320 30.13 -38.25 -13.37
C THR B 320 29.34 -38.51 -14.64
N TYR B 321 28.26 -39.28 -14.50
CA TYR B 321 27.41 -39.54 -15.64
C TYR B 321 27.00 -38.25 -16.35
N LEU B 322 26.39 -37.31 -15.61
CA LEU B 322 25.87 -36.08 -16.18
C LEU B 322 26.95 -35.16 -16.71
N LEU B 323 28.10 -35.17 -16.05
CA LEU B 323 29.17 -34.27 -16.44
C LEU B 323 29.75 -34.68 -17.78
N LEU B 324 29.79 -36.00 -18.05
CA LEU B 324 30.33 -36.51 -19.31
C LEU B 324 29.47 -36.13 -20.53
N GLY B 325 28.27 -35.61 -20.28
CA GLY B 325 27.41 -35.14 -21.35
C GLY B 325 27.64 -33.70 -21.80
N TYR B 326 28.84 -33.18 -21.54
CA TYR B 326 29.15 -31.77 -21.83
C TYR B 326 30.39 -31.60 -22.71
N HIS C 12 43.76 17.44 -14.30
CA HIS C 12 43.20 18.08 -13.12
C HIS C 12 42.31 19.33 -13.39
N ILE C 13 41.39 19.60 -12.46
CA ILE C 13 40.43 20.71 -12.57
C ILE C 13 40.50 21.65 -11.36
N GLY C 14 40.26 22.94 -11.59
CA GLY C 14 40.36 23.92 -10.53
C GLY C 14 41.71 23.85 -9.82
N ASN C 15 41.68 23.99 -8.50
CA ASN C 15 42.89 23.81 -7.70
C ASN C 15 43.02 22.37 -7.24
N TYR C 16 42.40 21.45 -7.98
CA TYR C 16 42.40 20.03 -7.63
C TYR C 16 43.21 19.18 -8.61
N ARG C 17 44.07 18.32 -8.07
CA ARG C 17 44.77 17.32 -8.85
C ARG C 17 44.00 15.99 -8.80
N LEU C 18 43.46 15.56 -9.92
CA LEU C 18 42.70 14.30 -9.96
C LEU C 18 43.61 13.08 -9.78
N LEU C 19 43.19 12.14 -8.95
CA LEU C 19 43.99 10.94 -8.74
C LEU C 19 43.31 9.74 -9.37
N LYS C 20 42.81 8.84 -8.54
CA LYS C 20 42.10 7.66 -9.04
C LYS C 20 40.61 7.86 -8.97
N THR C 21 39.83 6.98 -9.59
CA THR C 21 38.40 7.01 -9.34
C THR C 21 38.05 6.10 -8.17
N ILE C 22 36.81 6.21 -7.70
CA ILE C 22 36.30 5.45 -6.57
C ILE C 22 34.79 5.43 -6.69
N ALA C 28 28.02 6.23 -11.65
CA ALA C 28 28.25 7.48 -10.89
C ALA C 28 29.73 7.84 -10.73
N LYS C 29 30.18 8.93 -11.35
CA LYS C 29 31.62 9.23 -11.41
C LYS C 29 32.15 10.04 -10.23
N VAL C 30 32.92 9.39 -9.36
CA VAL C 30 33.57 10.06 -8.25
C VAL C 30 35.07 9.86 -8.29
N LYS C 31 35.82 10.95 -8.38
CA LYS C 31 37.26 10.88 -8.35
C LYS C 31 37.85 11.36 -7.03
N LEU C 32 38.82 10.59 -6.51
CA LEU C 32 39.66 11.01 -5.41
C LEU C 32 40.58 12.11 -5.93
N ALA C 33 40.86 13.13 -5.13
CA ALA C 33 41.65 14.26 -5.61
C ALA C 33 42.42 14.90 -4.48
N ARG C 34 43.49 15.63 -4.80
CA ARG C 34 44.24 16.36 -3.80
C ARG C 34 44.14 17.85 -4.10
N HIS C 35 43.85 18.64 -3.07
CA HIS C 35 43.77 20.07 -3.22
C HIS C 35 45.20 20.59 -3.24
N ILE C 36 45.53 21.38 -4.27
CA ILE C 36 46.92 21.75 -4.53
C ILE C 36 47.52 22.70 -3.49
N LEU C 37 46.75 23.68 -3.04
CA LEU C 37 47.27 24.64 -2.08
C LEU C 37 47.31 24.17 -0.62
N THR C 38 46.36 23.32 -0.22
CA THR C 38 46.35 22.82 1.16
C THR C 38 46.93 21.42 1.27
N GLY C 39 47.04 20.75 0.12
CA GLY C 39 47.46 19.36 0.09
C GLY C 39 46.47 18.35 0.65
N LYS C 40 45.22 18.76 0.87
CA LYS C 40 44.22 17.87 1.47
C LYS C 40 43.49 16.99 0.45
N GLU C 41 43.15 15.77 0.86
CA GLU C 41 42.34 14.88 0.03
C GLU C 41 40.85 15.21 0.03
N VAL C 42 40.27 15.17 -1.15
CA VAL C 42 38.85 15.43 -1.32
C VAL C 42 38.24 14.47 -2.34
N ALA C 43 36.93 14.26 -2.23
CA ALA C 43 36.23 13.49 -3.24
C ALA C 43 35.56 14.44 -4.24
N VAL C 44 35.81 14.25 -5.53
CA VAL C 44 35.14 15.07 -6.54
C VAL C 44 34.11 14.26 -7.33
N ARG C 45 32.84 14.63 -7.20
CA ARG C 45 31.78 14.01 -7.98
C ARG C 45 31.67 14.74 -9.31
N ILE C 46 31.79 13.99 -10.40
CA ILE C 46 31.70 14.58 -11.74
C ILE C 46 30.35 14.27 -12.40
N ILE C 47 29.72 15.31 -12.93
CA ILE C 47 28.41 15.19 -13.55
C ILE C 47 28.38 15.83 -14.94
N ASP C 48 28.00 15.05 -15.94
CA ASP C 48 27.84 15.63 -17.27
C ASP C 48 26.42 16.15 -17.43
N LYS C 49 26.29 17.43 -17.71
CA LYS C 49 24.98 18.07 -17.74
C LYS C 49 24.28 17.83 -19.09
N THR C 50 25.07 17.74 -20.16
CA THR C 50 24.55 17.53 -21.50
C THR C 50 23.67 16.28 -21.61
N GLN C 51 23.92 15.32 -20.74
CA GLN C 51 23.16 14.08 -20.73
C GLN C 51 22.07 14.06 -19.67
N LEU C 52 21.59 15.23 -19.28
CA LEU C 52 20.50 15.32 -18.29
C LEU C 52 19.35 16.21 -18.77
N ASN C 53 18.13 15.77 -18.46
CA ASN C 53 16.90 16.51 -18.77
C ASN C 53 16.61 17.61 -17.76
N SER C 54 15.87 18.63 -18.19
CA SER C 54 15.55 19.74 -17.34
C SER C 54 15.07 19.29 -15.97
N SER C 55 14.16 18.33 -15.93
CA SER C 55 13.63 17.86 -14.66
C SER C 55 14.72 17.36 -13.72
N SER C 56 15.73 16.69 -14.27
CA SER C 56 16.77 16.11 -13.43
C SER C 56 17.79 17.16 -13.00
N LEU C 57 18.10 18.07 -13.91
CA LEU C 57 18.95 19.21 -13.60
C LEU C 57 18.40 20.08 -12.46
N GLN C 58 17.08 20.30 -12.46
CA GLN C 58 16.41 20.97 -11.36
C GLN C 58 16.47 20.18 -10.05
N LYS C 59 16.38 18.86 -10.14
CA LYS C 59 16.48 18.02 -8.95
C LYS C 59 17.91 18.09 -8.42
N LEU C 60 18.87 17.96 -9.33
CA LEU C 60 20.28 18.10 -8.99
C LEU C 60 20.53 19.38 -8.17
N PHE C 61 20.36 20.54 -8.78
CA PHE C 61 20.60 21.79 -8.05
C PHE C 61 19.76 21.96 -6.78
N ARG C 62 18.55 21.43 -6.77
CA ARG C 62 17.76 21.45 -5.55
C ARG C 62 18.60 20.82 -4.46
N GLU C 63 19.10 19.63 -4.75
CA GLU C 63 19.91 18.87 -3.80
C GLU C 63 21.29 19.48 -3.50
N VAL C 64 21.98 19.97 -4.51
CA VAL C 64 23.22 20.69 -4.22
C VAL C 64 22.97 21.83 -3.24
N ARG C 65 21.78 22.43 -3.29
CA ARG C 65 21.43 23.49 -2.35
C ARG C 65 21.26 22.98 -0.94
N ILE C 66 20.55 21.86 -0.79
CA ILE C 66 20.49 21.19 0.49
C ILE C 66 21.90 21.01 1.06
N MET C 67 22.80 20.42 0.26
CA MET C 67 24.15 20.13 0.72
C MET C 67 24.89 21.39 1.15
N LYS C 68 24.47 22.53 0.61
CA LYS C 68 25.13 23.79 0.90
C LYS C 68 24.78 24.28 2.30
N VAL C 69 23.65 23.81 2.82
CA VAL C 69 23.13 24.35 4.06
C VAL C 69 23.28 23.37 5.24
N LEU C 70 23.78 22.18 4.95
CA LEU C 70 24.08 21.21 6.00
C LEU C 70 25.50 21.41 6.51
N ASN C 71 25.64 21.52 7.83
CA ASN C 71 26.94 21.80 8.41
C ASN C 71 27.02 21.22 9.81
N HIS C 72 27.29 19.92 9.85
CA HIS C 72 27.27 19.14 11.09
C HIS C 72 28.46 18.22 10.93
N PRO C 73 29.25 18.04 11.99
CA PRO C 73 30.52 17.31 11.93
C PRO C 73 30.40 15.85 11.49
N ASN C 74 29.19 15.29 11.53
CA ASN C 74 29.00 13.89 11.17
C ASN C 74 28.16 13.72 9.91
N ILE C 75 28.23 14.72 9.03
CA ILE C 75 27.50 14.74 7.76
C ILE C 75 28.47 15.23 6.70
N VAL C 76 28.71 14.44 5.64
CA VAL C 76 29.81 14.79 4.72
C VAL C 76 29.64 16.17 4.15
N LYS C 77 30.74 16.90 4.05
CA LYS C 77 30.69 18.33 3.81
C LYS C 77 30.92 18.70 2.35
N LEU C 78 30.22 19.72 1.88
CA LEU C 78 30.54 20.30 0.58
C LEU C 78 31.63 21.36 0.75
N PHE C 79 32.63 21.37 -0.14
CA PHE C 79 33.69 22.38 -0.04
C PHE C 79 33.65 23.40 -1.15
N GLU C 80 33.38 22.96 -2.37
CA GLU C 80 33.42 23.86 -3.53
C GLU C 80 32.50 23.31 -4.63
N VAL C 81 31.97 24.21 -5.45
CA VAL C 81 31.17 23.82 -6.61
C VAL C 81 31.72 24.57 -7.78
N ILE C 82 32.21 23.83 -8.77
CA ILE C 82 32.75 24.35 -10.01
C ILE C 82 31.79 23.94 -11.13
N GLU C 83 31.46 24.89 -12.01
CA GLU C 83 30.48 24.63 -13.04
C GLU C 83 30.94 25.18 -14.39
N THR C 84 31.02 24.30 -15.37
CA THR C 84 31.30 24.71 -16.74
C THR C 84 30.06 24.55 -17.62
N GLU C 85 30.22 24.90 -18.88
CA GLU C 85 29.16 24.71 -19.85
C GLU C 85 28.53 23.33 -19.72
N LYS C 86 29.36 22.29 -19.76
CA LYS C 86 28.86 20.92 -19.86
C LYS C 86 28.96 20.12 -18.56
N THR C 87 29.89 20.50 -17.69
CA THR C 87 30.19 19.70 -16.51
C THR C 87 29.92 20.44 -15.21
N LEU C 88 29.50 19.69 -14.20
CA LEU C 88 29.41 20.23 -12.86
C LEU C 88 30.24 19.38 -11.92
N TYR C 89 31.22 19.99 -11.27
CA TYR C 89 32.11 19.29 -10.33
C TYR C 89 31.73 19.59 -8.89
N LEU C 90 31.48 18.55 -8.10
CA LEU C 90 31.11 18.72 -6.69
C LEU C 90 32.21 18.25 -5.74
N VAL C 91 32.96 19.19 -5.19
CA VAL C 91 34.10 18.85 -4.33
C VAL C 91 33.68 18.66 -2.89
N MET C 92 33.80 17.43 -2.41
CA MET C 92 33.30 17.09 -1.09
C MET C 92 34.29 16.37 -0.17
N GLU C 93 33.86 16.20 1.07
CA GLU C 93 34.65 15.54 2.09
C GLU C 93 34.93 14.09 1.68
N TYR C 94 36.15 13.61 1.91
CA TYR C 94 36.50 12.23 1.61
C TYR C 94 36.61 11.38 2.89
N ALA C 95 35.79 10.34 3.00
CA ALA C 95 35.79 9.52 4.20
C ALA C 95 36.70 8.30 4.05
N SER C 96 37.95 8.45 4.46
CA SER C 96 38.96 7.45 4.10
C SER C 96 38.71 6.08 4.73
N GLY C 97 37.87 6.01 5.77
CA GLY C 97 37.65 4.76 6.46
C GLY C 97 36.56 3.89 5.86
N GLY C 98 35.97 4.33 4.76
CA GLY C 98 34.97 3.57 4.07
C GLY C 98 33.58 3.46 4.69
N GLU C 99 32.79 2.50 4.20
CA GLU C 99 31.45 2.27 4.70
C GLU C 99 31.41 1.51 6.03
N VAL C 100 30.39 1.80 6.83
CA VAL C 100 30.14 1.08 8.07
C VAL C 100 29.71 -0.34 7.69
N PHE C 101 29.09 -0.47 6.52
CA PHE C 101 28.73 -1.77 5.98
C PHE C 101 29.94 -2.68 5.80
N ASP C 102 30.99 -2.16 5.16
CA ASP C 102 32.20 -2.92 4.94
C ASP C 102 32.97 -3.13 6.24
N TYR C 103 32.84 -2.19 7.17
CA TYR C 103 33.47 -2.37 8.48
C TYR C 103 32.78 -3.50 9.24
N LEU C 104 31.46 -3.56 9.18
CA LEU C 104 30.72 -4.64 9.84
C LEU C 104 31.10 -5.99 9.27
N VAL C 105 31.08 -6.11 7.96
CA VAL C 105 31.51 -7.34 7.28
C VAL C 105 32.93 -7.79 7.67
N ALA C 106 33.89 -6.88 7.69
CA ALA C 106 35.27 -7.24 8.07
C ALA C 106 35.41 -7.69 9.51
N HIS C 107 34.88 -6.89 10.43
CA HIS C 107 35.22 -7.04 11.84
C HIS C 107 34.10 -7.60 12.69
N GLY C 108 32.89 -7.68 12.12
CA GLY C 108 31.76 -8.21 12.87
C GLY C 108 31.09 -7.20 13.76
N ARG C 109 30.10 -7.67 14.53
CA ARG C 109 29.36 -6.82 15.45
C ARG C 109 30.30 -5.95 16.29
N MET C 110 29.88 -4.70 16.52
CA MET C 110 30.58 -3.83 17.45
C MET C 110 30.21 -4.17 18.88
N LYS C 111 31.16 -4.00 19.79
CA LYS C 111 30.81 -4.08 21.19
C LYS C 111 29.87 -2.91 21.48
N GLU C 112 28.83 -3.21 22.27
CA GLU C 112 27.81 -2.23 22.64
C GLU C 112 28.37 -0.84 23.01
N LYS C 113 29.60 -0.81 23.52
CA LYS C 113 30.28 0.43 23.87
C LYS C 113 30.67 1.20 22.59
N GLU C 114 31.23 0.50 21.62
CA GLU C 114 31.59 1.10 20.34
C GLU C 114 30.35 1.50 19.54
N ALA C 115 29.28 0.73 19.67
CA ALA C 115 28.06 1.06 18.95
C ALA C 115 27.58 2.43 19.39
N ARG C 116 27.53 2.64 20.69
CA ARG C 116 27.08 3.89 21.28
C ARG C 116 27.83 5.07 20.69
N ALA C 117 29.14 4.96 20.62
CA ALA C 117 29.96 6.04 20.08
C ALA C 117 29.44 6.52 18.74
N LYS C 118 29.34 5.61 17.76
CA LYS C 118 28.90 5.94 16.41
C LYS C 118 27.42 6.32 16.37
N PHE C 119 26.61 5.60 17.12
CA PHE C 119 25.17 5.80 17.06
C PHE C 119 24.81 7.20 17.56
N ARG C 120 25.50 7.64 18.61
CA ARG C 120 25.29 8.97 19.15
C ARG C 120 25.55 10.03 18.09
N GLN C 121 26.58 9.77 17.27
CA GLN C 121 26.89 10.65 16.15
C GLN C 121 25.83 10.59 15.03
N ILE C 122 25.38 9.38 14.71
CA ILE C 122 24.36 9.18 13.67
C ILE C 122 23.06 9.86 14.03
N VAL C 123 22.59 9.61 15.26
CA VAL C 123 21.34 10.22 15.72
C VAL C 123 21.47 11.73 15.78
N SER C 124 22.64 12.21 16.20
CA SER C 124 22.87 13.64 16.18
C SER C 124 22.71 14.21 14.77
N ALA C 125 23.32 13.57 13.80
CA ALA C 125 23.26 14.05 12.41
C ALA C 125 21.86 14.00 11.77
N VAL C 126 21.14 12.89 11.95
CA VAL C 126 19.85 12.76 11.29
C VAL C 126 18.88 13.76 11.92
N GLN C 127 18.92 13.84 13.25
CA GLN C 127 18.03 14.73 14.00
C GLN C 127 18.29 16.20 13.65
N TYR C 128 19.54 16.53 13.37
CA TYR C 128 19.89 17.86 12.93
C TYR C 128 19.14 18.20 11.65
N CYS C 129 19.10 17.24 10.73
CA CYS C 129 18.42 17.43 9.44
C CYS C 129 16.92 17.47 9.60
N HIS C 130 16.39 16.67 10.52
CA HIS C 130 14.97 16.77 10.82
C HIS C 130 14.52 18.15 11.32
N GLN C 131 15.38 18.87 12.04
CA GLN C 131 15.05 20.24 12.47
C GLN C 131 14.80 21.17 11.29
N LYS C 132 15.56 20.96 10.23
CA LYS C 132 15.39 21.77 9.03
C LYS C 132 14.32 21.21 8.09
N PHE C 133 13.55 20.23 8.58
CA PHE C 133 12.51 19.57 7.77
C PHE C 133 13.09 18.95 6.50
N ILE C 134 14.05 18.07 6.72
CA ILE C 134 14.79 17.39 5.68
C ILE C 134 14.91 15.94 6.14
N VAL C 135 14.26 15.02 5.44
CA VAL C 135 14.38 13.62 5.82
C VAL C 135 15.26 12.90 4.82
N HIS C 136 15.96 11.86 5.28
CA HIS C 136 16.96 11.19 4.45
C HIS C 136 16.32 10.17 3.50
N ARG C 137 15.48 9.29 4.06
CA ARG C 137 14.72 8.37 3.24
C ARG C 137 15.52 7.17 2.66
N ASP C 138 16.84 7.16 2.80
CA ASP C 138 17.60 6.02 2.33
C ASP C 138 18.76 5.67 3.26
N LEU C 139 18.61 5.98 4.54
CA LEU C 139 19.60 5.62 5.55
C LEU C 139 19.83 4.13 5.55
N LYS C 140 21.10 3.74 5.48
CA LYS C 140 21.47 2.33 5.50
C LYS C 140 22.96 2.26 5.78
N ALA C 141 23.42 1.10 6.24
CA ALA C 141 24.84 0.92 6.59
C ALA C 141 25.81 1.28 5.46
N GLU C 142 25.35 1.19 4.23
CA GLU C 142 26.18 1.52 3.08
C GLU C 142 26.39 3.02 2.94
N ASN C 143 25.45 3.79 3.48
CA ASN C 143 25.43 5.26 3.51
C ASN C 143 26.19 5.88 4.68
N LEU C 144 26.55 5.08 5.68
CA LEU C 144 27.26 5.59 6.85
C LEU C 144 28.78 5.48 6.68
N LEU C 145 29.42 6.57 6.26
CA LEU C 145 30.85 6.57 6.00
C LEU C 145 31.70 6.80 7.27
N LEU C 146 33.01 6.61 7.15
CA LEU C 146 33.92 6.72 8.28
C LEU C 146 35.16 7.52 7.89
N ASP C 147 35.55 8.47 8.73
CA ASP C 147 36.77 9.22 8.47
C ASP C 147 38.00 8.48 9.00
N ALA C 148 39.13 9.17 9.06
CA ALA C 148 40.36 8.52 9.48
C ALA C 148 40.33 8.09 10.93
N ASP C 149 39.41 8.63 11.72
CA ASP C 149 39.41 8.35 13.16
C ASP C 149 38.14 7.65 13.64
N MET C 150 37.50 6.89 12.76
CA MET C 150 36.27 6.20 13.07
C MET C 150 35.10 7.16 13.39
N ASN C 151 35.21 8.41 12.99
CA ASN C 151 34.08 9.34 13.13
C ASN C 151 33.03 9.11 12.04
N ILE C 152 31.76 9.20 12.38
CA ILE C 152 30.72 8.96 11.40
C ILE C 152 30.51 10.15 10.44
N LYS C 153 30.39 9.84 9.16
CA LYS C 153 30.10 10.84 8.12
C LYS C 153 28.95 10.30 7.28
N ILE C 154 27.73 10.78 7.52
CA ILE C 154 26.59 10.32 6.76
C ILE C 154 26.61 10.90 5.35
N ALA C 155 26.41 10.05 4.34
CA ALA C 155 26.41 10.52 2.95
C ALA C 155 25.01 10.50 2.37
N ASP C 156 24.85 11.15 1.21
CA ASP C 156 23.59 11.08 0.47
C ASP C 156 22.46 11.89 1.12
N PHE C 157 22.77 12.93 1.88
CA PHE C 157 21.68 13.66 2.54
C PHE C 157 20.93 14.54 1.61
N GLY C 158 21.66 15.24 0.76
CA GLY C 158 20.96 15.97 -0.28
C GLY C 158 21.03 15.13 -1.54
N PHE C 159 22.17 15.24 -2.19
CA PHE C 159 22.44 14.62 -3.47
C PHE C 159 23.19 13.30 -3.25
N SER C 160 23.03 12.36 -4.15
CA SER C 160 23.50 10.99 -3.91
C SER C 160 24.65 10.54 -4.81
N ASN C 161 25.71 10.01 -4.21
CA ASN C 161 26.82 9.46 -4.99
C ASN C 161 26.67 7.95 -5.10
N GLU C 162 25.46 7.52 -5.44
CA GLU C 162 25.12 6.12 -5.63
C GLU C 162 24.10 6.05 -6.76
N PHE C 163 23.22 7.05 -6.81
CA PHE C 163 22.20 7.16 -7.85
C PHE C 163 22.59 8.14 -8.95
N THR C 164 22.59 7.64 -10.18
CA THR C 164 22.76 8.45 -11.35
C THR C 164 21.34 8.73 -11.88
N PHE C 165 21.19 9.69 -12.79
CA PHE C 165 19.86 10.25 -13.07
C PHE C 165 19.00 9.56 -14.15
N GLY C 166 18.64 8.30 -13.90
CA GLY C 166 17.70 7.58 -14.75
C GLY C 166 18.33 6.92 -15.96
N ASN C 167 19.58 7.29 -16.23
CA ASN C 167 20.27 6.78 -17.40
C ASN C 167 20.72 5.33 -17.22
N LYS C 168 21.01 4.93 -15.98
CA LYS C 168 21.67 3.66 -15.74
C LYS C 168 20.83 2.59 -15.02
N LEU C 169 21.50 1.52 -14.62
CA LEU C 169 20.89 0.33 -14.02
C LEU C 169 21.04 0.26 -12.49
N ASP C 170 20.33 1.13 -11.77
CA ASP C 170 20.55 1.21 -10.33
C ASP C 170 20.19 -0.08 -9.61
N GLU C 171 21.10 -0.57 -8.77
CA GLU C 171 20.83 -1.81 -8.07
C GLU C 171 20.15 -1.63 -6.72
N PHE C 172 20.10 -0.40 -6.22
CA PHE C 172 19.49 -0.09 -4.92
C PHE C 172 20.10 -0.92 -3.78
N CYS C 173 21.38 -1.21 -3.88
CA CYS C 173 22.04 -2.02 -2.88
C CYS C 173 21.83 -1.52 -1.46
N GLY C 174 21.34 -2.42 -0.61
CA GLY C 174 21.25 -2.17 0.83
C GLY C 174 19.95 -1.56 1.31
N SER C 175 19.16 -1.00 0.42
CA SER C 175 18.00 -0.22 0.85
C SER C 175 16.86 -1.00 1.50
N PRO C 176 16.41 -2.10 0.87
CA PRO C 176 15.15 -2.69 1.36
C PRO C 176 15.13 -3.16 2.83
N PRO C 177 16.22 -3.71 3.36
CA PRO C 177 16.11 -4.20 4.73
C PRO C 177 15.95 -3.07 5.77
N TYR C 178 16.14 -1.82 5.35
CA TYR C 178 15.93 -0.67 6.23
C TYR C 178 14.59 0.02 6.00
N ALA C 179 13.85 -0.36 4.97
CA ALA C 179 12.59 0.31 4.64
C ALA C 179 11.52 0.18 5.72
N ALA C 180 10.79 1.26 5.96
CA ALA C 180 9.72 1.25 6.95
C ALA C 180 8.44 0.65 6.39
N PRO C 181 7.67 -0.01 7.25
CA PRO C 181 6.43 -0.68 6.84
C PRO C 181 5.59 0.13 5.86
N GLU C 182 5.47 1.44 6.08
CA GLU C 182 4.67 2.28 5.20
C GLU C 182 4.93 2.00 3.73
N LEU C 183 6.18 1.69 3.40
CA LEU C 183 6.57 1.46 2.02
C LEU C 183 5.75 0.36 1.38
N PHE C 184 5.52 -0.70 2.14
CA PHE C 184 4.93 -1.93 1.64
C PHE C 184 3.43 -1.95 1.84
N GLN C 185 2.87 -0.86 2.33
CA GLN C 185 1.43 -0.82 2.55
C GLN C 185 0.80 0.17 1.60
N GLY C 186 1.64 0.81 0.80
CA GLY C 186 1.16 1.84 -0.11
C GLY C 186 0.72 3.04 0.69
N LYS C 187 1.36 3.23 1.84
CA LYS C 187 1.10 4.40 2.67
C LYS C 187 2.09 5.53 2.36
N LYS C 188 1.80 6.74 2.83
CA LYS C 188 2.71 7.86 2.63
C LYS C 188 4.09 7.53 3.19
N TYR C 189 5.13 7.96 2.47
CA TYR C 189 6.51 7.74 2.92
C TYR C 189 7.25 9.09 3.01
N ASP C 190 6.69 10.02 3.76
CA ASP C 190 7.17 11.40 3.77
C ASP C 190 7.84 11.81 5.06
N GLY C 191 7.23 11.43 6.19
CA GLY C 191 7.67 11.90 7.49
C GLY C 191 9.03 11.41 7.97
N PRO C 192 9.65 12.16 8.87
CA PRO C 192 10.93 11.70 9.41
C PRO C 192 10.77 10.45 10.29
N GLU C 193 9.53 10.03 10.53
CA GLU C 193 9.33 8.78 11.26
C GLU C 193 9.84 7.65 10.41
N VAL C 194 9.84 7.87 9.10
CA VAL C 194 10.49 6.96 8.16
C VAL C 194 11.97 6.80 8.46
N ASP C 195 12.70 7.90 8.63
CA ASP C 195 14.08 7.83 9.07
C ASP C 195 14.20 7.14 10.43
N VAL C 196 13.28 7.43 11.35
CA VAL C 196 13.36 6.83 12.68
C VAL C 196 13.38 5.32 12.61
N TRP C 197 12.40 4.73 11.92
CA TRP C 197 12.40 3.29 11.67
C TRP C 197 13.74 2.78 11.11
N SER C 198 14.23 3.39 10.04
CA SER C 198 15.54 2.98 9.53
C SER C 198 16.65 2.96 10.59
N LEU C 199 16.64 3.95 11.48
CA LEU C 199 17.71 4.05 12.47
C LEU C 199 17.67 2.89 13.47
N GLY C 200 16.47 2.38 13.76
CA GLY C 200 16.32 1.18 14.55
C GLY C 200 17.05 -0.02 13.95
N VAL C 201 16.89 -0.18 12.64
CA VAL C 201 17.57 -1.24 11.90
C VAL C 201 19.07 -0.97 11.94
N ILE C 202 19.46 0.27 11.68
CA ILE C 202 20.86 0.60 11.71
C ILE C 202 21.47 0.13 13.02
N LEU C 203 20.83 0.52 14.13
CA LEU C 203 21.26 0.13 15.45
C LEU C 203 21.40 -1.38 15.59
N TYR C 204 20.31 -2.09 15.32
CA TYR C 204 20.31 -3.55 15.39
C TYR C 204 21.50 -4.22 14.69
N THR C 205 21.95 -3.68 13.56
CA THR C 205 23.09 -4.26 12.87
C THR C 205 24.42 -3.86 13.52
N LEU C 206 24.48 -2.66 14.09
CA LEU C 206 25.70 -2.27 14.78
C LEU C 206 26.03 -3.26 15.91
N VAL C 207 25.03 -3.70 16.68
CA VAL C 207 25.31 -4.54 17.84
C VAL C 207 25.14 -6.04 17.59
N SER C 208 24.45 -6.41 16.52
CA SER C 208 24.27 -7.83 16.21
C SER C 208 24.99 -8.26 14.95
N GLY C 209 25.57 -7.30 14.25
CA GLY C 209 26.31 -7.61 13.04
C GLY C 209 25.46 -8.27 11.98
N SER C 210 24.13 -8.16 12.10
CA SER C 210 23.23 -8.73 11.12
C SER C 210 21.87 -8.04 11.12
N LEU C 211 21.00 -8.39 10.18
CA LEU C 211 19.75 -7.66 10.00
C LEU C 211 18.61 -8.22 10.87
N PRO C 212 17.72 -7.32 11.33
CA PRO C 212 16.50 -7.67 12.05
C PRO C 212 15.52 -8.41 11.14
N PHE C 213 15.35 -7.88 9.93
CA PHE C 213 14.43 -8.47 8.98
C PHE C 213 15.20 -8.86 7.74
N ASP C 214 15.04 -10.12 7.33
CA ASP C 214 15.80 -10.72 6.24
C ASP C 214 14.90 -11.67 5.45
N GLY C 215 15.37 -12.13 4.28
CA GLY C 215 14.56 -12.96 3.43
C GLY C 215 15.33 -13.32 2.18
N GLN C 216 14.82 -14.30 1.44
CA GLN C 216 15.47 -14.78 0.22
C GLN C 216 15.07 -13.88 -0.95
N ASN C 217 14.06 -13.04 -0.72
CA ASN C 217 13.56 -12.13 -1.74
C ASN C 217 12.65 -11.10 -1.08
N LEU C 218 12.22 -10.10 -1.84
CA LEU C 218 11.49 -8.97 -1.25
C LEU C 218 10.14 -9.36 -0.65
N LYS C 219 9.58 -10.49 -1.05
CA LYS C 219 8.31 -10.92 -0.50
C LYS C 219 8.56 -11.48 0.89
N GLU C 220 9.63 -12.23 1.04
CA GLU C 220 9.97 -12.81 2.32
C GLU C 220 10.36 -11.72 3.29
N LEU C 221 11.09 -10.74 2.78
CA LEU C 221 11.51 -9.57 3.57
C LEU C 221 10.31 -8.77 4.04
N ARG C 222 9.36 -8.56 3.13
CA ARG C 222 8.23 -7.70 3.44
C ARG C 222 7.36 -8.31 4.51
N GLU C 223 7.26 -9.64 4.45
CA GLU C 223 6.47 -10.41 5.40
C GLU C 223 7.00 -10.20 6.83
N ARG C 224 8.33 -10.19 6.96
CA ARG C 224 9.01 -10.07 8.24
C ARG C 224 8.95 -8.63 8.74
N VAL C 225 9.05 -7.68 7.83
CA VAL C 225 9.03 -6.28 8.21
C VAL C 225 7.65 -5.91 8.74
N LEU C 226 6.61 -6.45 8.11
CA LEU C 226 5.26 -6.02 8.44
C LEU C 226 4.78 -6.58 9.78
N ARG C 227 5.28 -7.76 10.14
CA ARG C 227 4.93 -8.38 11.41
C ARG C 227 5.74 -7.74 12.55
N GLY C 228 6.94 -7.28 12.24
CA GLY C 228 7.72 -6.46 13.16
C GLY C 228 8.45 -7.17 14.29
N LYS C 229 8.55 -8.50 14.23
CA LYS C 229 9.29 -9.23 15.25
C LYS C 229 10.71 -9.46 14.77
N TYR C 230 11.64 -9.49 15.71
CA TYR C 230 13.04 -9.75 15.43
C TYR C 230 13.71 -10.43 16.63
N ARG C 231 14.64 -11.34 16.37
CA ARG C 231 15.27 -12.06 17.47
C ARG C 231 16.15 -11.11 18.25
N ILE C 232 16.10 -11.20 19.57
CA ILE C 232 17.08 -10.48 20.39
C ILE C 232 18.11 -11.50 20.86
N PRO C 233 19.39 -11.23 20.54
CA PRO C 233 20.46 -12.15 20.94
C PRO C 233 20.69 -12.15 22.44
N PHE C 234 21.30 -13.23 22.94
CA PHE C 234 21.55 -13.42 24.36
C PHE C 234 22.53 -12.38 24.87
N TYR C 235 23.52 -12.04 24.05
CA TYR C 235 24.50 -11.04 24.43
C TYR C 235 23.92 -9.63 24.42
N MET C 236 22.81 -9.43 23.72
CA MET C 236 22.25 -8.10 23.62
C MET C 236 21.72 -7.66 24.98
N SER C 237 22.16 -6.47 25.40
CA SER C 237 21.73 -5.94 26.69
C SER C 237 20.23 -5.71 26.78
N THR C 238 19.74 -5.69 28.00
CA THR C 238 18.34 -5.38 28.26
C THR C 238 18.06 -3.91 27.91
N ASP C 239 19.08 -3.06 28.07
CA ASP C 239 19.01 -1.65 27.71
C ASP C 239 18.75 -1.45 26.21
N CYS C 240 19.66 -1.98 25.40
CA CYS C 240 19.54 -1.98 23.95
C CYS C 240 18.17 -2.49 23.47
N GLU C 241 17.74 -3.64 23.96
CA GLU C 241 16.41 -4.17 23.64
C GLU C 241 15.28 -3.19 23.91
N ASN C 242 15.49 -2.29 24.87
CA ASN C 242 14.51 -1.25 25.21
C ASN C 242 14.54 -0.11 24.20
N LEU C 243 15.74 0.32 23.83
CA LEU C 243 15.92 1.35 22.80
C LEU C 243 15.26 0.98 21.45
N LEU C 244 15.58 -0.21 20.95
CA LEU C 244 14.97 -0.73 19.73
C LEU C 244 13.44 -0.71 19.77
N LYS C 245 12.85 -0.87 20.96
CA LYS C 245 11.39 -0.82 21.05
C LYS C 245 10.84 0.57 20.80
N LYS C 246 11.72 1.56 20.83
CA LYS C 246 11.37 2.93 20.55
C LYS C 246 11.44 3.31 19.07
N PHE C 247 12.31 2.61 18.33
CA PHE C 247 12.51 2.84 16.89
C PHE C 247 11.59 1.99 16.05
N LEU C 248 11.55 0.70 16.37
CA LEU C 248 10.86 -0.24 15.51
C LEU C 248 9.39 -0.44 15.90
N ILE C 249 8.61 0.62 15.89
CA ILE C 249 7.16 0.45 16.03
C ILE C 249 6.50 0.44 14.66
N LEU C 250 5.64 -0.53 14.42
CA LEU C 250 4.97 -0.65 13.12
C LEU C 250 4.15 0.58 12.77
N ASN C 251 3.31 1.04 13.70
CA ASN C 251 2.50 2.23 13.49
C ASN C 251 3.38 3.48 13.43
N PRO C 252 3.36 4.15 12.27
CA PRO C 252 4.27 5.28 12.03
C PRO C 252 4.00 6.48 12.96
N SER C 253 2.73 6.76 13.25
CA SER C 253 2.39 7.90 14.08
C SER C 253 2.70 7.70 15.57
N LYS C 254 2.87 6.45 16.00
CA LYS C 254 3.26 6.17 17.40
C LYS C 254 4.77 6.02 17.56
N ARG C 255 5.53 6.49 16.58
CA ARG C 255 7.00 6.45 16.65
C ARG C 255 7.53 7.78 17.11
N GLY C 256 8.39 7.75 18.12
CA GLY C 256 8.90 8.97 18.71
C GLY C 256 9.68 9.84 17.76
N THR C 257 9.91 11.08 18.17
CA THR C 257 10.87 11.93 17.49
C THR C 257 12.26 11.48 17.94
N LEU C 258 13.28 11.95 17.23
CA LEU C 258 14.65 11.68 17.63
C LEU C 258 15.00 12.41 18.94
N GLU C 259 14.32 13.51 19.22
CA GLU C 259 14.56 14.28 20.44
C GLU C 259 14.16 13.50 21.71
N GLN C 260 13.02 12.84 21.67
CA GLN C 260 12.59 11.98 22.77
C GLN C 260 13.49 10.73 22.91
N ILE C 261 14.04 10.27 21.78
CA ILE C 261 14.91 9.10 21.75
C ILE C 261 16.33 9.45 22.22
N MET C 262 16.75 10.71 22.03
CA MET C 262 18.06 11.15 22.52
C MET C 262 18.14 11.05 24.05
N LYS C 263 16.99 11.01 24.71
CA LYS C 263 16.97 10.94 26.17
C LYS C 263 17.08 9.52 26.70
N ASP C 264 17.05 8.53 25.82
CA ASP C 264 17.00 7.14 26.27
C ASP C 264 18.24 6.72 27.07
N ARG C 265 18.02 5.83 28.04
CA ARG C 265 19.12 5.25 28.82
C ARG C 265 20.32 4.87 27.96
N TRP C 266 20.17 3.81 27.16
CA TRP C 266 21.26 3.22 26.39
C TRP C 266 22.11 4.26 25.67
N MET C 267 21.45 5.30 25.15
CA MET C 267 22.12 6.38 24.42
C MET C 267 23.13 7.12 25.26
N ASN C 268 23.01 6.92 26.57
CA ASN C 268 23.69 7.79 27.52
C ASN C 268 24.50 7.07 28.59
N VAL C 269 24.42 5.75 28.62
CA VAL C 269 25.37 4.95 29.39
C VAL C 269 26.81 5.41 29.13
N GLY C 270 27.45 5.98 30.15
CA GLY C 270 28.79 6.53 30.03
C GLY C 270 28.84 8.03 29.76
N HIS C 271 27.66 8.63 29.63
CA HIS C 271 27.51 10.06 29.32
C HIS C 271 26.51 10.69 30.28
N GLU C 272 26.59 10.29 31.53
CA GLU C 272 25.66 10.77 32.54
C GLU C 272 25.59 12.29 32.56
N ASP C 273 26.77 12.93 32.59
CA ASP C 273 26.84 14.39 32.67
C ASP C 273 26.94 15.01 31.28
N ASP C 274 26.48 14.28 30.29
CA ASP C 274 26.76 14.62 28.91
C ASP C 274 25.59 14.26 28.00
N GLU C 275 24.46 13.94 28.62
CA GLU C 275 23.29 13.45 27.90
C GLU C 275 23.21 14.07 26.52
N LEU C 276 22.95 13.20 25.54
CA LEU C 276 22.90 13.59 24.15
C LEU C 276 21.71 14.51 23.91
N LYS C 277 21.97 15.65 23.26
CA LYS C 277 20.91 16.62 22.96
C LYS C 277 21.13 17.14 21.56
N PRO C 278 20.10 17.77 20.99
CA PRO C 278 20.17 18.33 19.64
C PRO C 278 21.36 19.23 19.42
N TYR C 279 21.91 19.11 18.21
CA TYR C 279 23.04 19.90 17.78
C TYR C 279 22.60 21.35 17.58
N VAL C 280 23.48 22.27 17.97
CA VAL C 280 23.38 23.66 17.53
C VAL C 280 24.66 23.95 16.77
N GLU C 281 24.55 24.63 15.64
CA GLU C 281 25.75 25.04 14.92
C GLU C 281 26.46 26.09 15.75
N PRO C 282 27.79 25.97 15.82
CA PRO C 282 28.65 27.03 16.35
C PRO C 282 28.46 28.29 15.53
N LEU C 283 28.73 29.43 16.14
CA LEU C 283 28.72 30.68 15.40
C LEU C 283 29.80 30.61 14.33
N PRO C 284 29.56 31.29 13.19
CA PRO C 284 30.57 31.30 12.15
C PRO C 284 31.90 31.82 12.70
N ASP C 285 32.99 31.16 12.34
CA ASP C 285 34.34 31.66 12.60
C ASP C 285 35.00 31.85 11.24
N TYR C 286 34.75 33.00 10.62
CA TYR C 286 35.23 33.30 9.27
C TYR C 286 36.47 34.19 9.29
N LYS C 287 37.01 34.42 10.48
CA LYS C 287 38.14 35.33 10.63
C LYS C 287 39.34 34.65 11.28
N ASP C 288 39.29 33.32 11.41
CA ASP C 288 40.38 32.58 12.05
C ASP C 288 41.73 33.12 11.58
N PRO C 289 42.46 33.77 12.49
CA PRO C 289 43.71 34.44 12.16
C PRO C 289 44.73 33.44 11.68
N ARG C 290 44.70 32.22 12.22
CA ARG C 290 45.61 31.18 11.75
C ARG C 290 45.43 30.95 10.25
N ARG C 291 44.22 30.56 9.87
CA ARG C 291 43.90 30.23 8.48
C ARG C 291 44.00 31.44 7.55
N THR C 292 43.60 32.60 8.04
CA THR C 292 43.66 33.81 7.23
C THR C 292 45.10 34.18 6.87
N GLU C 293 46.03 33.89 7.76
CA GLU C 293 47.43 34.17 7.47
C GLU C 293 47.91 33.23 6.39
N LEU C 294 47.73 31.94 6.65
CA LEU C 294 48.15 30.92 5.71
C LEU C 294 47.71 31.29 4.29
N MET C 295 46.48 31.78 4.20
CA MET C 295 45.89 32.06 2.90
C MET C 295 46.44 33.35 2.30
N VAL C 296 46.64 34.35 3.16
CA VAL C 296 47.15 35.65 2.73
C VAL C 296 48.47 35.49 1.99
N SER C 297 49.30 34.57 2.48
CA SER C 297 50.59 34.32 1.88
C SER C 297 50.53 33.36 0.68
N MET C 298 49.36 32.79 0.42
CA MET C 298 49.16 32.03 -0.81
C MET C 298 48.78 33.01 -1.92
N GLY C 299 48.19 34.14 -1.53
CA GLY C 299 47.82 35.17 -2.49
C GLY C 299 46.41 35.70 -2.27
N TYR C 300 45.67 35.05 -1.38
CA TYR C 300 44.32 35.49 -1.09
C TYR C 300 44.36 36.83 -0.35
N THR C 301 43.45 37.73 -0.73
CA THR C 301 43.32 39.00 -0.04
C THR C 301 42.39 38.84 1.16
N ARG C 302 42.67 39.55 2.24
CA ARG C 302 41.93 39.40 3.47
C ARG C 302 40.45 39.75 3.29
N GLU C 303 40.14 40.51 2.24
CA GLU C 303 38.75 40.87 1.98
C GLU C 303 37.97 39.76 1.26
N GLU C 304 38.60 39.11 0.28
CA GLU C 304 37.88 38.09 -0.49
C GLU C 304 37.57 36.83 0.32
N ILE C 305 38.43 36.49 1.26
CA ILE C 305 38.17 35.39 2.18
C ILE C 305 36.86 35.60 2.96
N GLN C 306 36.66 36.84 3.40
CA GLN C 306 35.47 37.22 4.16
C GLN C 306 34.20 37.19 3.27
N ASP C 307 34.22 37.97 2.19
CA ASP C 307 33.10 38.04 1.26
C ASP C 307 32.66 36.66 0.84
N SER C 308 33.65 35.83 0.52
CA SER C 308 33.40 34.48 -0.01
C SER C 308 32.74 33.65 1.06
N LEU C 309 33.26 33.74 2.28
CA LEU C 309 32.70 33.01 3.41
C LEU C 309 31.30 33.47 3.83
N VAL C 310 31.07 34.79 3.90
CA VAL C 310 29.77 35.31 4.34
C VAL C 310 28.71 35.04 3.28
N GLY C 311 29.08 35.23 2.02
CA GLY C 311 28.21 34.93 0.89
C GLY C 311 27.96 33.45 0.71
N GLN C 312 28.66 32.61 1.47
CA GLN C 312 28.62 31.16 1.25
C GLN C 312 28.80 30.90 -0.24
N ARG C 313 29.81 31.57 -0.81
CA ARG C 313 30.07 31.57 -2.23
C ARG C 313 30.44 30.18 -2.78
N TYR C 314 30.99 29.31 -1.93
CA TYR C 314 31.44 27.98 -2.36
C TYR C 314 32.36 28.00 -3.60
N ASN C 315 33.24 28.99 -3.63
CA ASN C 315 34.23 29.15 -4.69
C ASN C 315 35.60 28.75 -4.20
N GLU C 316 36.64 29.00 -4.99
CA GLU C 316 37.95 28.48 -4.65
C GLU C 316 38.50 29.01 -3.32
N VAL C 317 38.14 30.23 -2.97
CA VAL C 317 38.58 30.80 -1.70
C VAL C 317 37.93 30.10 -0.50
N MET C 318 36.61 29.95 -0.54
CA MET C 318 35.89 29.31 0.56
C MET C 318 36.34 27.89 0.84
N ALA C 319 36.83 27.21 -0.19
CA ALA C 319 37.21 25.82 -0.06
C ALA C 319 38.61 25.69 0.52
N THR C 320 39.49 26.59 0.13
CA THR C 320 40.81 26.63 0.72
C THR C 320 40.63 26.84 2.23
N TYR C 321 39.75 27.76 2.60
CA TYR C 321 39.53 28.09 4.00
C TYR C 321 38.90 26.94 4.81
N LEU C 322 37.91 26.27 4.24
CA LEU C 322 37.28 25.12 4.91
C LEU C 322 38.25 23.96 5.05
N LEU C 323 39.02 23.71 4.00
CA LEU C 323 39.96 22.61 4.00
C LEU C 323 41.09 22.78 5.04
N LEU C 324 41.41 24.03 5.37
CA LEU C 324 42.46 24.28 6.37
C LEU C 324 41.98 23.97 7.79
N GLY C 325 40.68 23.84 7.97
CA GLY C 325 40.12 23.48 9.26
C GLY C 325 40.19 21.99 9.58
N TYR C 326 40.98 21.25 8.80
CA TYR C 326 41.21 19.82 9.05
C TYR C 326 42.71 19.54 9.23
N GLU D 9 -4.53 49.02 12.54
CA GLU D 9 -3.48 49.34 13.50
C GLU D 9 -3.68 48.70 14.90
N GLN D 10 -3.60 47.37 15.01
CA GLN D 10 -3.64 46.78 16.37
C GLN D 10 -2.63 45.65 16.64
N PRO D 11 -2.86 44.45 16.09
CA PRO D 11 -1.97 43.38 16.56
C PRO D 11 -0.50 43.62 16.22
N HIS D 12 0.35 43.08 17.06
CA HIS D 12 1.78 43.13 16.83
C HIS D 12 2.31 41.71 16.78
N ILE D 13 3.37 41.57 16.00
CA ILE D 13 4.09 40.32 15.90
C ILE D 13 5.53 40.71 15.64
N GLY D 14 6.42 40.31 16.56
CA GLY D 14 7.81 40.73 16.50
C GLY D 14 7.88 42.24 16.47
N ASN D 15 8.67 42.76 15.55
CA ASN D 15 8.75 44.20 15.40
C ASN D 15 7.72 44.80 14.47
N TYR D 16 6.63 44.08 14.21
CA TYR D 16 5.66 44.51 13.19
C TYR D 16 4.27 44.86 13.73
N ARG D 17 3.81 46.06 13.40
CA ARG D 17 2.43 46.38 13.63
C ARG D 17 1.64 46.05 12.35
N LEU D 18 0.64 45.18 12.50
CA LEU D 18 -0.21 44.78 11.37
C LEU D 18 -1.33 45.81 11.06
N LEU D 19 -1.29 46.38 9.86
CA LEU D 19 -2.18 47.47 9.50
C LEU D 19 -3.42 47.00 8.73
N LYS D 20 -3.25 46.26 7.65
CA LYS D 20 -4.40 45.66 7.00
C LYS D 20 -4.09 44.49 6.09
N THR D 21 -5.12 43.74 5.73
CA THR D 21 -4.95 42.58 4.87
C THR D 21 -4.84 43.01 3.41
N ILE D 22 -3.97 42.33 2.69
CA ILE D 22 -3.80 42.52 1.26
C ILE D 22 -3.75 41.14 0.59
N ALA D 28 -5.31 33.02 0.73
CA ALA D 28 -4.06 33.30 1.45
C ALA D 28 -4.18 34.43 2.48
N LYS D 29 -3.37 34.34 3.55
CA LYS D 29 -3.39 35.38 4.58
C LYS D 29 -2.16 36.32 4.49
N VAL D 30 -2.36 37.49 3.89
CA VAL D 30 -1.29 38.49 3.84
C VAL D 30 -1.63 39.85 4.49
N LYS D 31 -0.71 40.38 5.27
CA LYS D 31 -0.94 41.62 5.99
C LYS D 31 0.10 42.64 5.56
N LEU D 32 -0.34 43.87 5.28
CA LEU D 32 0.60 44.98 5.15
C LEU D 32 0.91 45.47 6.56
N ALA D 33 2.19 45.48 6.92
CA ALA D 33 2.58 45.85 8.27
C ALA D 33 3.63 46.94 8.28
N ARG D 34 3.82 47.55 9.44
CA ARG D 34 4.87 48.54 9.60
C ARG D 34 5.88 48.04 10.63
N HIS D 35 7.14 48.04 10.23
CA HIS D 35 8.24 47.70 11.11
C HIS D 35 8.48 48.93 11.99
N ILE D 36 8.33 48.74 13.30
CA ILE D 36 8.28 49.79 14.31
C ILE D 36 9.59 50.57 14.54
N LEU D 37 10.72 49.91 14.38
CA LEU D 37 12.02 50.57 14.55
C LEU D 37 12.46 51.46 13.37
N THR D 38 12.00 51.15 12.15
CA THR D 38 12.41 51.92 10.97
C THR D 38 11.25 52.69 10.33
N GLY D 39 10.04 52.29 10.68
CA GLY D 39 8.85 52.85 10.07
C GLY D 39 8.62 52.44 8.63
N LYS D 40 9.40 51.48 8.15
CA LYS D 40 9.26 50.98 6.79
C LYS D 40 8.13 49.94 6.64
N GLU D 41 7.53 49.88 5.45
CA GLU D 41 6.42 48.98 5.20
C GLU D 41 6.90 47.62 4.69
N VAL D 42 6.19 46.58 5.12
CA VAL D 42 6.48 45.25 4.65
C VAL D 42 5.19 44.47 4.37
N ALA D 43 5.33 43.32 3.74
CA ALA D 43 4.21 42.40 3.63
C ALA D 43 4.50 41.13 4.43
N VAL D 44 3.58 40.78 5.32
CA VAL D 44 3.76 39.58 6.13
C VAL D 44 2.80 38.47 5.67
N ARG D 45 3.36 37.39 5.16
CA ARG D 45 2.58 36.18 4.89
C ARG D 45 2.45 35.40 6.20
N ILE D 46 1.23 34.99 6.53
CA ILE D 46 0.99 34.31 7.80
C ILE D 46 0.48 32.89 7.58
N ILE D 47 1.29 31.92 7.99
CA ILE D 47 0.97 30.52 7.74
C ILE D 47 0.68 29.73 9.00
N ASP D 48 -0.51 29.14 9.06
CA ASP D 48 -0.88 28.25 10.16
C ASP D 48 -0.25 26.87 9.96
N LYS D 49 0.81 26.60 10.71
CA LYS D 49 1.51 25.33 10.55
C LYS D 49 0.68 24.10 10.93
N THR D 50 -0.10 24.18 12.01
CA THR D 50 -1.02 23.09 12.41
C THR D 50 -1.96 22.58 11.29
N GLN D 51 -2.29 23.45 10.35
CA GLN D 51 -3.11 23.07 9.19
C GLN D 51 -2.31 22.39 8.07
N LEU D 52 -1.02 22.14 8.31
CA LEU D 52 -0.18 21.51 7.29
C LEU D 52 0.32 20.09 7.69
N ASN D 53 0.51 19.25 6.68
CA ASN D 53 0.95 17.86 6.89
C ASN D 53 2.40 17.70 6.50
N SER D 54 3.08 16.74 7.15
CA SER D 54 4.53 16.61 7.02
C SER D 54 5.06 16.80 5.61
N SER D 55 4.40 16.19 4.64
CA SER D 55 4.77 16.40 3.25
C SER D 55 4.81 17.90 2.94
N SER D 56 3.70 18.58 3.24
CA SER D 56 3.57 20.01 2.94
C SER D 56 4.58 20.86 3.72
N LEU D 57 4.68 20.66 5.03
CA LEU D 57 5.69 21.35 5.84
C LEU D 57 7.10 21.38 5.22
N GLN D 58 7.51 20.29 4.57
CA GLN D 58 8.82 20.25 3.94
C GLN D 58 8.82 21.07 2.65
N LYS D 59 7.66 21.22 2.03
CA LYS D 59 7.57 22.01 0.81
C LYS D 59 7.68 23.49 1.16
N LEU D 60 7.12 23.82 2.32
CA LEU D 60 7.12 25.18 2.86
C LEU D 60 8.54 25.60 3.14
N PHE D 61 9.26 24.80 3.91
CA PHE D 61 10.63 25.13 4.24
C PHE D 61 11.59 25.00 3.06
N ARG D 62 11.27 24.13 2.11
CA ARG D 62 12.08 24.04 0.90
C ARG D 62 11.96 25.39 0.19
N GLU D 63 10.73 25.83 0.01
CA GLU D 63 10.49 27.06 -0.71
C GLU D 63 11.07 28.28 0.02
N VAL D 64 10.96 28.29 1.34
CA VAL D 64 11.53 29.37 2.13
C VAL D 64 13.06 29.41 2.03
N ARG D 65 13.67 28.24 1.89
CA ARG D 65 15.11 28.17 1.67
C ARG D 65 15.44 28.79 0.30
N ILE D 66 14.58 28.56 -0.69
CA ILE D 66 14.78 29.19 -1.98
C ILE D 66 14.68 30.69 -1.82
N MET D 67 13.71 31.12 -1.02
CA MET D 67 13.49 32.55 -0.83
C MET D 67 14.68 33.23 -0.20
N LYS D 68 15.31 32.58 0.77
CA LYS D 68 16.51 33.13 1.40
C LYS D 68 17.69 33.26 0.42
N VAL D 69 17.59 32.57 -0.71
CA VAL D 69 18.76 32.41 -1.57
C VAL D 69 18.78 33.31 -2.81
N LEU D 70 17.60 33.71 -3.27
CA LEU D 70 17.52 34.71 -4.34
C LEU D 70 17.84 36.12 -3.84
N ASN D 71 18.88 36.72 -4.42
CA ASN D 71 19.21 38.11 -4.08
C ASN D 71 19.27 39.01 -5.30
N HIS D 72 18.11 39.30 -5.89
CA HIS D 72 18.02 40.11 -7.12
C HIS D 72 17.16 41.38 -6.87
N PRO D 73 17.58 42.53 -7.43
CA PRO D 73 16.94 43.84 -7.29
C PRO D 73 15.50 43.85 -7.79
N ASN D 74 15.08 42.79 -8.48
CA ASN D 74 13.82 42.79 -9.19
C ASN D 74 12.98 41.58 -8.84
N ILE D 75 13.46 40.84 -7.84
CA ILE D 75 12.66 39.81 -7.21
C ILE D 75 12.35 40.22 -5.77
N VAL D 76 11.09 40.14 -5.36
CA VAL D 76 10.74 40.50 -3.97
C VAL D 76 11.64 39.78 -2.97
N LYS D 77 12.24 40.58 -2.07
CA LYS D 77 13.21 40.09 -1.07
C LYS D 77 12.53 39.58 0.24
N LEU D 78 13.06 38.52 0.83
CA LEU D 78 12.61 38.10 2.15
C LEU D 78 13.46 38.79 3.22
N PHE D 79 12.83 39.34 4.25
CA PHE D 79 13.53 40.12 5.28
C PHE D 79 13.72 39.35 6.57
N GLU D 80 12.67 38.66 7.01
CA GLU D 80 12.70 38.00 8.30
C GLU D 80 11.81 36.77 8.31
N VAL D 81 12.25 35.73 8.99
CA VAL D 81 11.37 34.62 9.34
C VAL D 81 11.10 34.59 10.85
N ILE D 82 9.84 34.74 11.21
CA ILE D 82 9.37 34.58 12.57
C ILE D 82 8.58 33.29 12.72
N GLU D 83 9.08 32.38 13.54
CA GLU D 83 8.45 31.09 13.73
C GLU D 83 7.98 30.91 15.17
N THR D 84 6.71 30.57 15.35
CA THR D 84 6.22 30.12 16.66
C THR D 84 5.77 28.67 16.59
N GLU D 85 5.19 28.20 17.69
CA GLU D 85 4.68 26.84 17.79
C GLU D 85 3.73 26.54 16.64
N LYS D 86 2.68 27.35 16.55
CA LYS D 86 1.58 27.09 15.63
C LYS D 86 1.64 27.87 14.30
N THR D 87 2.47 28.91 14.23
CA THR D 87 2.44 29.83 13.09
C THR D 87 3.82 30.11 12.49
N LEU D 88 3.85 30.37 11.19
CA LEU D 88 5.06 30.86 10.54
C LEU D 88 4.78 32.20 9.84
N TYR D 89 5.59 33.21 10.15
CA TYR D 89 5.48 34.53 9.51
C TYR D 89 6.63 34.81 8.52
N LEU D 90 6.31 35.06 7.26
CA LEU D 90 7.37 35.45 6.35
C LEU D 90 7.25 36.94 6.05
N VAL D 91 8.33 37.69 6.34
CA VAL D 91 8.33 39.14 6.17
C VAL D 91 9.08 39.50 4.91
N MET D 92 8.38 40.08 3.94
CA MET D 92 8.97 40.35 2.64
C MET D 92 8.68 41.76 2.10
N GLU D 93 9.44 42.18 1.09
CA GLU D 93 9.23 43.48 0.46
C GLU D 93 7.77 43.69 0.14
N TYR D 94 7.30 44.92 0.34
CA TYR D 94 5.98 45.32 -0.12
C TYR D 94 6.15 46.18 -1.35
N ALA D 95 5.44 45.81 -2.41
CA ALA D 95 5.44 46.61 -3.62
C ALA D 95 4.18 47.50 -3.66
N SER D 96 4.38 48.77 -3.33
CA SER D 96 3.27 49.72 -3.17
C SER D 96 2.57 50.09 -4.47
N GLY D 97 3.30 49.97 -5.58
CA GLY D 97 2.81 50.30 -6.90
C GLY D 97 1.87 49.28 -7.52
N GLY D 98 1.66 48.16 -6.82
CA GLY D 98 0.70 47.14 -7.26
C GLY D 98 1.14 46.23 -8.40
N GLU D 99 0.16 45.61 -9.05
CA GLU D 99 0.42 44.69 -10.16
C GLU D 99 0.63 45.45 -11.46
N VAL D 100 1.49 44.92 -12.33
CA VAL D 100 1.55 45.40 -13.72
C VAL D 100 0.21 45.20 -14.43
N PHE D 101 -0.40 44.04 -14.24
CA PHE D 101 -1.79 43.82 -14.69
C PHE D 101 -2.71 45.00 -14.40
N ASP D 102 -2.96 45.26 -13.12
CA ASP D 102 -3.83 46.39 -12.73
C ASP D 102 -3.38 47.71 -13.35
N TYR D 103 -2.08 47.83 -13.58
CA TYR D 103 -1.51 49.03 -14.16
C TYR D 103 -1.84 49.12 -15.66
N LEU D 104 -1.77 47.99 -16.37
CA LEU D 104 -2.13 47.99 -17.79
C LEU D 104 -3.62 48.29 -17.98
N VAL D 105 -4.45 47.72 -17.11
CA VAL D 105 -5.89 47.98 -17.13
C VAL D 105 -6.20 49.45 -16.92
N ALA D 106 -5.42 50.09 -16.07
CA ALA D 106 -5.69 51.48 -15.71
C ALA D 106 -5.09 52.47 -16.71
N HIS D 107 -3.92 52.18 -17.26
CA HIS D 107 -3.21 53.15 -18.09
C HIS D 107 -3.09 52.78 -19.56
N GLY D 108 -3.65 51.64 -19.94
CA GLY D 108 -3.52 51.16 -21.30
C GLY D 108 -2.13 50.60 -21.50
N ARG D 109 -1.72 50.47 -22.75
CA ARG D 109 -0.41 49.91 -23.07
C ARG D 109 0.68 50.84 -22.57
N MET D 110 1.91 50.31 -22.53
CA MET D 110 3.13 51.10 -22.35
C MET D 110 3.72 51.33 -23.71
N LYS D 111 4.16 52.55 -23.98
CA LYS D 111 4.92 52.82 -25.20
C LYS D 111 6.24 52.08 -25.12
N GLU D 112 6.83 51.78 -26.25
CA GLU D 112 7.94 50.83 -26.29
C GLU D 112 9.08 51.19 -25.35
N LYS D 113 9.43 52.46 -25.27
CA LYS D 113 10.53 52.91 -24.42
C LYS D 113 10.31 52.48 -22.96
N GLU D 114 9.09 52.70 -22.47
CA GLU D 114 8.76 52.36 -21.10
C GLU D 114 8.78 50.83 -20.87
N ALA D 115 8.38 50.08 -21.89
CA ALA D 115 8.26 48.63 -21.82
C ALA D 115 9.62 47.97 -21.74
N ARG D 116 10.51 48.38 -22.62
CA ARG D 116 11.89 47.94 -22.60
C ARG D 116 12.50 48.08 -21.18
N ALA D 117 12.17 49.17 -20.51
CA ALA D 117 12.74 49.40 -19.19
C ALA D 117 12.27 48.34 -18.20
N LYS D 118 10.99 47.98 -18.25
CA LYS D 118 10.48 47.00 -17.31
C LYS D 118 10.85 45.61 -17.78
N PHE D 119 10.85 45.40 -19.09
CA PHE D 119 11.12 44.08 -19.64
C PHE D 119 12.58 43.69 -19.37
N ARG D 120 13.45 44.69 -19.41
CA ARG D 120 14.84 44.46 -19.09
C ARG D 120 15.01 43.90 -17.67
N GLN D 121 14.39 44.55 -16.69
CA GLN D 121 14.45 44.09 -15.31
C GLN D 121 13.82 42.68 -15.20
N ILE D 122 12.75 42.46 -15.96
CA ILE D 122 12.03 41.19 -15.89
C ILE D 122 12.90 40.04 -16.41
N VAL D 123 13.63 40.31 -17.49
CA VAL D 123 14.47 39.25 -18.06
C VAL D 123 15.66 38.92 -17.18
N SER D 124 16.30 39.95 -16.64
CA SER D 124 17.42 39.74 -15.72
C SER D 124 17.00 38.84 -14.58
N ALA D 125 15.88 39.17 -13.94
CA ALA D 125 15.40 38.39 -12.80
C ALA D 125 15.14 36.89 -13.11
N VAL D 126 14.34 36.62 -14.14
CA VAL D 126 14.06 35.24 -14.51
C VAL D 126 15.33 34.50 -14.97
N GLN D 127 16.17 35.16 -15.75
CA GLN D 127 17.38 34.50 -16.21
C GLN D 127 18.26 34.14 -15.00
N TYR D 128 18.30 35.05 -14.02
CA TYR D 128 19.04 34.82 -12.78
C TYR D 128 18.59 33.50 -12.13
N CYS D 129 17.29 33.29 -12.08
CA CYS D 129 16.76 32.05 -11.51
C CYS D 129 16.98 30.83 -12.40
N HIS D 130 17.13 31.06 -13.70
CA HIS D 130 17.41 29.96 -14.59
C HIS D 130 18.84 29.44 -14.38
N GLN D 131 19.79 30.35 -14.18
CA GLN D 131 21.18 29.96 -13.88
C GLN D 131 21.25 28.95 -12.75
N LYS D 132 20.32 29.07 -11.82
CA LYS D 132 20.27 28.20 -10.66
C LYS D 132 19.24 27.11 -10.88
N PHE D 133 18.76 27.01 -12.11
CA PHE D 133 17.82 25.96 -12.47
C PHE D 133 16.56 25.99 -11.62
N ILE D 134 16.08 27.21 -11.40
CA ILE D 134 14.82 27.42 -10.75
C ILE D 134 13.92 28.05 -11.80
N VAL D 135 12.82 27.40 -12.12
CA VAL D 135 11.91 28.01 -13.08
C VAL D 135 10.61 28.43 -12.41
N HIS D 136 10.12 29.61 -12.78
CA HIS D 136 8.92 30.16 -12.15
C HIS D 136 7.70 29.32 -12.41
N ARG D 137 7.51 28.94 -13.67
CA ARG D 137 6.38 28.10 -14.09
C ARG D 137 5.03 28.83 -14.08
N ASP D 138 5.03 30.10 -13.72
CA ASP D 138 3.77 30.82 -13.63
C ASP D 138 3.90 32.34 -13.72
N LEU D 139 4.88 32.82 -14.48
CA LEU D 139 4.91 34.24 -14.84
C LEU D 139 3.60 34.70 -15.47
N LYS D 140 3.08 35.83 -15.02
CA LYS D 140 1.90 36.46 -15.59
C LYS D 140 1.94 37.91 -15.15
N ALA D 141 1.05 38.74 -15.67
CA ALA D 141 1.12 40.16 -15.37
C ALA D 141 0.67 40.47 -13.94
N GLU D 142 0.06 39.49 -13.29
CA GLU D 142 -0.41 39.63 -11.90
C GLU D 142 0.68 39.30 -10.87
N ASN D 143 1.82 38.84 -11.37
CA ASN D 143 2.96 38.42 -10.58
C ASN D 143 4.05 39.44 -10.73
N LEU D 144 3.89 40.35 -11.68
CA LEU D 144 4.89 41.39 -11.90
C LEU D 144 4.44 42.59 -11.08
N LEU D 145 5.09 42.78 -9.95
CA LEU D 145 4.70 43.84 -9.05
C LEU D 145 5.52 45.08 -9.36
N LEU D 146 5.03 46.22 -8.90
CA LEU D 146 5.72 47.49 -9.07
C LEU D 146 5.96 48.11 -7.70
N ASP D 147 7.12 48.74 -7.55
CA ASP D 147 7.45 49.44 -6.33
C ASP D 147 7.14 50.95 -6.48
N ALA D 148 7.60 51.78 -5.54
CA ALA D 148 7.28 53.21 -5.60
C ALA D 148 7.91 53.93 -6.79
N ASP D 149 8.97 53.35 -7.35
CA ASP D 149 9.68 53.96 -8.49
C ASP D 149 9.36 53.28 -9.80
N MET D 150 8.27 52.50 -9.80
CA MET D 150 7.89 51.76 -11.00
C MET D 150 8.90 50.66 -11.37
N ASN D 151 9.77 50.28 -10.43
CA ASN D 151 10.67 49.17 -10.68
C ASN D 151 9.94 47.85 -10.48
N ILE D 152 10.29 46.87 -11.31
CA ILE D 152 9.67 45.56 -11.27
C ILE D 152 10.12 44.73 -10.04
N LYS D 153 9.14 44.06 -9.42
CA LYS D 153 9.43 43.09 -8.37
C LYS D 153 8.63 41.82 -8.68
N ILE D 154 9.30 40.79 -9.18
CA ILE D 154 8.57 39.55 -9.46
C ILE D 154 8.28 38.82 -8.16
N ALA D 155 7.06 38.32 -8.04
CA ALA D 155 6.64 37.59 -6.86
C ALA D 155 6.44 36.12 -7.14
N ASP D 156 6.51 35.32 -6.08
CA ASP D 156 6.18 33.89 -6.14
C ASP D 156 7.22 32.99 -6.80
N PHE D 157 8.49 33.39 -6.75
CA PHE D 157 9.58 32.54 -7.24
C PHE D 157 9.85 31.38 -6.29
N GLY D 158 9.60 31.63 -5.01
CA GLY D 158 9.78 30.59 -4.01
C GLY D 158 8.43 30.14 -3.52
N PHE D 159 8.00 30.72 -2.40
CA PHE D 159 6.71 30.37 -1.84
C PHE D 159 5.67 31.28 -2.46
N SER D 160 4.43 30.80 -2.54
CA SER D 160 3.42 31.47 -3.35
C SER D 160 2.38 32.18 -2.50
N ASN D 161 2.33 33.51 -2.62
CA ASN D 161 1.39 34.33 -1.85
C ASN D 161 0.00 34.24 -2.45
N GLU D 162 -0.17 33.29 -3.36
CA GLU D 162 -1.46 33.06 -4.00
C GLU D 162 -1.90 31.62 -3.73
N PHE D 163 -0.95 30.70 -3.83
CA PHE D 163 -1.24 29.29 -3.59
C PHE D 163 -1.42 28.94 -2.11
N THR D 164 -2.67 28.88 -1.66
CA THR D 164 -2.96 28.35 -0.33
C THR D 164 -3.01 26.83 -0.42
N PHE D 165 -2.23 26.18 0.44
CA PHE D 165 -1.85 24.78 0.25
C PHE D 165 -2.98 23.76 0.05
N GLY D 166 -3.52 23.72 -1.17
CA GLY D 166 -4.54 22.75 -1.52
C GLY D 166 -5.81 22.82 -0.67
N ASN D 167 -5.84 23.77 0.25
CA ASN D 167 -6.94 23.89 1.22
C ASN D 167 -8.22 24.48 0.60
N LYS D 168 -8.13 25.73 0.12
CA LYS D 168 -9.30 26.54 -0.24
C LYS D 168 -9.79 26.37 -1.68
N LEU D 169 -10.23 27.49 -2.26
CA LEU D 169 -10.80 27.50 -3.62
C LEU D 169 -10.00 28.35 -4.60
N ASP D 170 -8.70 28.09 -4.71
CA ASP D 170 -7.83 28.89 -5.59
C ASP D 170 -8.49 29.21 -6.93
N GLU D 171 -8.25 30.42 -7.43
CA GLU D 171 -8.88 30.85 -8.67
C GLU D 171 -7.92 30.84 -9.86
N PHE D 172 -6.62 30.94 -9.60
CA PHE D 172 -5.62 30.91 -10.65
C PHE D 172 -5.70 32.12 -11.57
N CYS D 173 -6.21 33.24 -11.06
CA CYS D 173 -6.42 34.41 -11.91
C CYS D 173 -5.21 34.75 -12.79
N GLY D 174 -5.50 34.93 -14.08
CA GLY D 174 -4.51 35.33 -15.07
C GLY D 174 -3.52 34.28 -15.55
N SER D 175 -3.58 33.07 -15.02
CA SER D 175 -2.59 32.08 -15.41
C SER D 175 -2.72 31.53 -16.84
N PRO D 176 -3.94 31.13 -17.25
CA PRO D 176 -4.08 30.44 -18.54
C PRO D 176 -3.44 31.15 -19.75
N PRO D 177 -3.69 32.46 -19.96
CA PRO D 177 -3.23 33.10 -21.19
C PRO D 177 -1.72 33.08 -21.39
N TYR D 178 -0.96 32.78 -20.34
CA TYR D 178 0.50 32.80 -20.43
C TYR D 178 1.12 31.40 -20.52
N ALA D 179 0.28 30.37 -20.44
CA ALA D 179 0.76 28.97 -20.49
C ALA D 179 1.32 28.56 -21.84
N ALA D 180 2.55 28.04 -21.84
CA ALA D 180 3.16 27.50 -23.06
C ALA D 180 2.25 26.42 -23.63
N PRO D 181 2.34 26.20 -24.94
CA PRO D 181 1.49 25.18 -25.59
C PRO D 181 1.66 23.78 -24.98
N GLU D 182 2.86 23.45 -24.48
CA GLU D 182 3.08 22.17 -23.81
C GLU D 182 1.91 21.82 -22.92
N LEU D 183 1.48 22.77 -22.09
CA LEU D 183 0.52 22.46 -21.06
C LEU D 183 -0.68 21.74 -21.64
N PHE D 184 -1.23 22.30 -22.71
CA PHE D 184 -2.43 21.71 -23.31
C PHE D 184 -2.21 20.45 -24.18
N GLN D 185 -0.99 19.95 -24.22
CA GLN D 185 -0.70 18.81 -25.07
C GLN D 185 -0.29 17.56 -24.29
N GLY D 186 -0.19 17.68 -22.98
CA GLY D 186 0.19 16.56 -22.13
C GLY D 186 1.69 16.31 -22.12
N LYS D 187 2.46 17.28 -22.59
CA LYS D 187 3.90 17.14 -22.62
C LYS D 187 4.50 17.67 -21.32
N LYS D 188 5.78 17.37 -21.08
CA LYS D 188 6.46 17.81 -19.86
C LYS D 188 6.50 19.33 -19.76
N TYR D 189 6.00 19.86 -18.64
CA TYR D 189 5.96 21.31 -18.45
C TYR D 189 7.04 21.72 -17.45
N ASP D 190 8.28 21.35 -17.73
CA ASP D 190 9.33 21.35 -16.72
C ASP D 190 10.37 22.42 -16.84
N GLY D 191 10.92 22.57 -18.03
CA GLY D 191 12.09 23.40 -18.25
C GLY D 191 11.86 24.88 -18.35
N PRO D 192 12.97 25.64 -18.43
CA PRO D 192 13.03 27.11 -18.53
C PRO D 192 12.27 27.63 -19.75
N GLU D 193 12.29 26.86 -20.84
CA GLU D 193 11.57 27.21 -22.05
C GLU D 193 10.13 27.60 -21.75
N VAL D 194 9.54 26.99 -20.73
CA VAL D 194 8.18 27.33 -20.34
C VAL D 194 8.10 28.80 -19.96
N ASP D 195 9.01 29.24 -19.10
CA ASP D 195 9.07 30.65 -18.69
C ASP D 195 9.26 31.57 -19.89
N VAL D 196 10.13 31.15 -20.80
CA VAL D 196 10.43 31.88 -22.03
C VAL D 196 9.18 32.19 -22.84
N TRP D 197 8.35 31.18 -23.07
CA TRP D 197 7.06 31.42 -23.73
C TRP D 197 6.20 32.44 -22.96
N SER D 198 6.11 32.27 -21.65
CA SER D 198 5.36 33.19 -20.80
C SER D 198 5.91 34.60 -20.94
N LEU D 199 7.23 34.72 -20.97
CA LEU D 199 7.85 36.00 -21.25
C LEU D 199 7.38 36.59 -22.58
N GLY D 200 7.21 35.74 -23.58
CA GLY D 200 6.72 36.19 -24.87
C GLY D 200 5.35 36.83 -24.75
N VAL D 201 4.42 36.13 -24.09
CA VAL D 201 3.12 36.69 -23.80
C VAL D 201 3.24 38.03 -23.03
N ILE D 202 4.06 38.05 -21.98
CA ILE D 202 4.19 39.24 -21.15
C ILE D 202 4.66 40.45 -21.96
N LEU D 203 5.67 40.25 -22.79
CA LEU D 203 6.21 41.34 -23.60
C LEU D 203 5.08 41.91 -24.43
N TYR D 204 4.40 41.04 -25.14
CA TYR D 204 3.32 41.45 -26.02
C TYR D 204 2.23 42.24 -25.28
N THR D 205 1.91 41.84 -24.05
CA THR D 205 0.84 42.52 -23.34
C THR D 205 1.30 43.87 -22.77
N LEU D 206 2.59 43.97 -22.42
CA LEU D 206 3.17 45.27 -22.11
C LEU D 206 3.01 46.27 -23.27
N VAL D 207 3.35 45.86 -24.50
CA VAL D 207 3.39 46.86 -25.55
C VAL D 207 2.10 47.06 -26.33
N SER D 208 1.13 46.19 -26.13
CA SER D 208 -0.16 46.35 -26.82
C SER D 208 -1.33 46.48 -25.84
N GLY D 209 -1.08 46.19 -24.58
CA GLY D 209 -2.14 46.29 -23.60
C GLY D 209 -3.25 45.27 -23.80
N SER D 210 -2.92 44.16 -24.45
CA SER D 210 -3.88 43.07 -24.64
C SER D 210 -3.15 41.74 -24.78
N LEU D 211 -3.88 40.63 -24.80
CA LEU D 211 -3.27 39.30 -24.94
C LEU D 211 -3.06 38.87 -26.40
N PRO D 212 -2.02 38.06 -26.64
CA PRO D 212 -1.86 37.60 -28.02
C PRO D 212 -2.83 36.45 -28.31
N PHE D 213 -3.13 35.63 -27.30
CA PHE D 213 -4.12 34.56 -27.46
C PHE D 213 -5.30 34.77 -26.53
N ASP D 214 -6.51 34.95 -27.09
CA ASP D 214 -7.72 35.14 -26.26
C ASP D 214 -8.75 34.03 -26.42
N GLY D 215 -10.02 34.39 -26.28
CA GLY D 215 -11.09 33.41 -26.31
C GLY D 215 -12.04 33.49 -25.13
N GLN D 216 -13.31 33.16 -25.38
CA GLN D 216 -14.39 33.30 -24.39
C GLN D 216 -14.41 32.21 -23.30
N ASN D 217 -13.53 31.21 -23.45
CA ASN D 217 -13.43 30.12 -22.47
C ASN D 217 -12.13 29.38 -22.73
N LEU D 218 -11.73 28.48 -21.82
CA LEU D 218 -10.44 27.78 -21.98
C LEU D 218 -10.32 26.99 -23.28
N LYS D 219 -11.44 26.47 -23.77
CA LYS D 219 -11.45 25.77 -25.06
C LYS D 219 -10.97 26.70 -26.17
N GLU D 220 -11.58 27.88 -26.26
CA GLU D 220 -11.18 28.84 -27.30
C GLU D 220 -9.75 29.33 -27.08
N LEU D 221 -9.35 29.49 -25.82
CA LEU D 221 -7.99 29.91 -25.53
C LEU D 221 -6.99 28.90 -26.07
N ARG D 222 -7.29 27.62 -25.86
CA ARG D 222 -6.38 26.56 -26.30
C ARG D 222 -6.12 26.54 -27.80
N GLU D 223 -7.16 26.78 -28.59
CA GLU D 223 -6.98 26.79 -30.04
C GLU D 223 -5.95 27.84 -30.40
N ARG D 224 -6.19 29.08 -29.96
CA ARG D 224 -5.29 30.16 -30.28
C ARG D 224 -3.88 29.81 -29.80
N VAL D 225 -3.75 29.33 -28.58
CA VAL D 225 -2.42 28.98 -28.07
C VAL D 225 -1.72 27.91 -28.92
N LEU D 226 -2.39 26.79 -29.19
CA LEU D 226 -1.78 25.71 -29.95
C LEU D 226 -1.40 26.09 -31.38
N ARG D 227 -2.25 26.87 -32.03
CA ARG D 227 -1.96 27.37 -33.37
C ARG D 227 -0.73 28.29 -33.39
N GLY D 228 -0.66 29.21 -32.42
CA GLY D 228 0.53 30.02 -32.25
C GLY D 228 0.53 31.31 -33.05
N LYS D 229 -0.61 31.66 -33.62
CA LYS D 229 -0.72 32.88 -34.41
C LYS D 229 -1.25 34.03 -33.56
N TYR D 230 -0.64 35.20 -33.73
CA TYR D 230 -1.09 36.38 -33.01
C TYR D 230 -0.93 37.61 -33.91
N ARG D 231 -1.86 38.58 -33.81
CA ARG D 231 -1.77 39.77 -34.65
C ARG D 231 -0.74 40.78 -34.14
N ILE D 232 0.08 41.30 -35.05
CA ILE D 232 1.00 42.39 -34.74
C ILE D 232 0.29 43.72 -35.02
N PRO D 233 0.13 44.56 -33.99
CA PRO D 233 -0.57 45.82 -34.26
C PRO D 233 0.22 46.67 -35.24
N PHE D 234 -0.47 47.61 -35.87
CA PHE D 234 0.15 48.53 -36.80
C PHE D 234 1.23 49.37 -36.11
N TYR D 235 0.98 49.73 -34.84
CA TYR D 235 1.89 50.57 -34.05
C TYR D 235 3.08 49.84 -33.42
N MET D 236 3.11 48.51 -33.53
CA MET D 236 4.22 47.76 -32.97
C MET D 236 5.46 47.88 -33.84
N SER D 237 6.57 48.26 -33.21
CA SER D 237 7.83 48.38 -33.94
C SER D 237 8.21 47.05 -34.56
N THR D 238 9.07 47.10 -35.55
CA THR D 238 9.46 45.88 -36.23
C THR D 238 10.42 45.14 -35.33
N ASP D 239 11.26 45.89 -34.63
CA ASP D 239 12.22 45.27 -33.74
C ASP D 239 11.49 44.47 -32.68
N CYS D 240 10.38 45.01 -32.21
CA CYS D 240 9.60 44.31 -31.22
C CYS D 240 9.07 42.99 -31.82
N GLU D 241 8.44 43.06 -32.98
CA GLU D 241 7.92 41.86 -33.65
C GLU D 241 8.94 40.74 -33.79
N ASN D 242 10.20 41.10 -34.05
CA ASN D 242 11.24 40.11 -34.20
C ASN D 242 11.62 39.51 -32.87
N LEU D 243 11.55 40.32 -31.82
CA LEU D 243 11.82 39.80 -30.48
C LEU D 243 10.74 38.80 -30.04
N LEU D 244 9.47 39.11 -30.28
CA LEU D 244 8.41 38.15 -29.98
C LEU D 244 8.68 36.81 -30.69
N LYS D 245 9.19 36.89 -31.92
CA LYS D 245 9.49 35.69 -32.69
C LYS D 245 10.52 34.73 -32.04
N LYS D 246 11.30 35.23 -31.09
CA LYS D 246 12.27 34.38 -30.39
C LYS D 246 11.69 33.77 -29.11
N PHE D 247 10.59 34.33 -28.64
CA PHE D 247 9.89 33.79 -27.47
C PHE D 247 8.77 32.86 -27.92
N LEU D 248 7.91 33.35 -28.82
CA LEU D 248 6.67 32.63 -29.13
C LEU D 248 6.84 31.56 -30.22
N ILE D 249 7.77 30.64 -29.98
CA ILE D 249 8.01 29.50 -30.84
C ILE D 249 7.29 28.28 -30.25
N LEU D 250 6.42 27.65 -31.03
CA LEU D 250 5.62 26.49 -30.57
C LEU D 250 6.43 25.28 -30.06
N ASN D 251 7.62 25.07 -30.60
CA ASN D 251 8.42 23.94 -30.19
C ASN D 251 9.42 24.29 -29.09
N PRO D 252 9.19 23.76 -27.89
CA PRO D 252 10.00 23.99 -26.68
C PRO D 252 11.49 24.09 -26.96
N SER D 253 12.01 23.12 -27.70
CA SER D 253 13.46 23.04 -27.87
C SER D 253 14.04 24.14 -28.76
N LYS D 254 13.23 24.68 -29.66
CA LYS D 254 13.70 25.76 -30.54
C LYS D 254 13.56 27.15 -29.92
N ARG D 255 12.91 27.25 -28.76
CA ARG D 255 12.84 28.52 -28.04
C ARG D 255 14.25 28.85 -27.52
N GLY D 256 14.62 30.13 -27.57
CA GLY D 256 15.97 30.51 -27.16
C GLY D 256 16.13 30.39 -25.65
N THR D 257 17.36 30.49 -25.17
CA THR D 257 17.58 30.74 -23.74
C THR D 257 17.57 32.24 -23.51
N LEU D 258 17.31 32.65 -22.27
CA LEU D 258 17.25 34.08 -21.99
C LEU D 258 18.63 34.71 -22.12
N GLU D 259 19.68 33.92 -21.88
CA GLU D 259 21.01 34.46 -22.06
C GLU D 259 21.23 34.96 -23.49
N GLN D 260 20.70 34.22 -24.46
CA GLN D 260 20.87 34.56 -25.87
C GLN D 260 19.93 35.71 -26.21
N ILE D 261 18.70 35.58 -25.73
CA ILE D 261 17.68 36.60 -25.95
C ILE D 261 18.06 37.97 -25.39
N MET D 262 18.86 38.02 -24.34
CA MET D 262 19.36 39.29 -23.82
C MET D 262 20.15 40.09 -24.86
N LYS D 263 20.67 39.41 -25.88
CA LYS D 263 21.49 40.07 -26.89
C LYS D 263 20.68 40.76 -27.98
N ASP D 264 19.36 40.60 -27.94
CA ASP D 264 18.47 41.09 -29.00
C ASP D 264 18.54 42.60 -29.23
N ARG D 265 18.25 43.01 -30.46
CA ARG D 265 18.30 44.43 -30.83
C ARG D 265 17.37 45.33 -30.02
N TRP D 266 16.07 45.02 -30.05
CA TRP D 266 15.03 45.76 -29.33
C TRP D 266 15.35 45.84 -27.84
N MET D 267 15.86 44.74 -27.30
CA MET D 267 16.22 44.68 -25.89
C MET D 267 17.19 45.79 -25.52
N ASN D 268 18.08 46.13 -26.46
CA ASN D 268 19.15 47.06 -26.18
C ASN D 268 19.09 48.45 -26.83
N VAL D 269 18.01 48.79 -27.52
CA VAL D 269 17.85 50.15 -28.02
C VAL D 269 18.13 51.20 -26.93
N GLY D 270 18.99 52.17 -27.23
CA GLY D 270 19.35 53.18 -26.25
C GLY D 270 20.14 52.59 -25.10
N HIS D 271 20.73 51.41 -25.33
CA HIS D 271 21.63 50.77 -24.37
C HIS D 271 22.90 50.29 -25.06
N GLU D 272 23.41 51.10 -25.99
CA GLU D 272 24.48 50.68 -26.89
C GLU D 272 25.75 50.16 -26.19
N ASP D 273 26.27 50.93 -25.24
CA ASP D 273 27.50 50.53 -24.55
C ASP D 273 27.19 49.74 -23.28
N ASP D 274 25.89 49.56 -23.01
CA ASP D 274 25.42 48.98 -21.76
C ASP D 274 24.50 47.79 -22.03
N GLU D 275 24.93 46.88 -22.88
CA GLU D 275 24.11 45.75 -23.31
C GLU D 275 23.70 44.84 -22.16
N LEU D 276 22.43 44.41 -22.19
CA LEU D 276 21.91 43.49 -21.17
C LEU D 276 22.67 42.17 -21.17
N LYS D 277 23.27 41.86 -20.03
CA LYS D 277 23.95 40.59 -19.85
C LYS D 277 23.54 40.05 -18.49
N PRO D 278 23.79 38.75 -18.23
CA PRO D 278 23.29 38.14 -16.99
C PRO D 278 23.72 38.90 -15.73
N TYR D 279 22.82 38.93 -14.75
CA TYR D 279 23.07 39.60 -13.46
C TYR D 279 24.18 38.91 -12.65
N VAL D 280 25.13 39.69 -12.15
CA VAL D 280 26.15 39.14 -11.26
C VAL D 280 25.89 39.59 -9.83
N GLU D 281 25.82 38.64 -8.90
CA GLU D 281 25.43 38.96 -7.51
C GLU D 281 26.48 39.81 -6.79
N PRO D 282 26.08 40.99 -6.28
CA PRO D 282 27.05 41.90 -5.68
C PRO D 282 27.67 41.29 -4.42
N LEU D 283 28.73 41.92 -3.93
CA LEU D 283 29.37 41.44 -2.69
C LEU D 283 28.46 41.64 -1.47
N PRO D 284 28.50 40.69 -0.50
CA PRO D 284 27.56 40.73 0.63
C PRO D 284 27.61 42.03 1.42
N ASP D 285 26.46 42.40 1.95
CA ASP D 285 26.33 43.58 2.79
C ASP D 285 26.17 43.11 4.24
N TYR D 286 27.05 43.55 5.12
CA TYR D 286 27.00 43.07 6.49
C TYR D 286 27.85 43.92 7.44
N LYS D 287 28.45 44.99 6.93
CA LYS D 287 29.35 45.79 7.76
C LYS D 287 29.06 47.29 7.78
N ASP D 288 28.03 47.75 7.05
CA ASP D 288 27.84 49.21 6.94
C ASP D 288 27.90 49.88 8.30
N PRO D 289 28.93 50.70 8.53
CA PRO D 289 29.05 51.21 9.88
C PRO D 289 27.97 52.26 10.13
N ARG D 290 27.46 52.90 9.07
CA ARG D 290 26.40 53.87 9.24
C ARG D 290 25.23 53.19 9.89
N ARG D 291 24.69 52.20 9.18
CA ARG D 291 23.56 51.43 9.70
C ARG D 291 23.91 50.69 11.00
N THR D 292 25.11 50.13 11.09
CA THR D 292 25.57 49.58 12.36
C THR D 292 25.39 50.55 13.54
N GLU D 293 25.66 51.84 13.35
CA GLU D 293 25.53 52.82 14.45
C GLU D 293 24.08 53.13 14.85
N LEU D 294 23.23 53.35 13.87
CA LEU D 294 21.81 53.54 14.15
C LEU D 294 21.27 52.37 14.97
N MET D 295 21.75 51.17 14.69
CA MET D 295 21.22 49.98 15.32
C MET D 295 21.71 49.87 16.76
N VAL D 296 22.97 50.19 16.95
CA VAL D 296 23.53 50.25 18.28
C VAL D 296 22.69 51.17 19.18
N SER D 297 22.28 52.32 18.66
CA SER D 297 21.41 53.18 19.47
C SER D 297 19.93 52.82 19.36
N MET D 298 19.66 51.58 19.01
CA MET D 298 18.32 51.04 19.06
C MET D 298 18.24 50.00 20.17
N GLY D 299 19.40 49.60 20.70
CA GLY D 299 19.48 48.57 21.72
C GLY D 299 20.19 47.31 21.25
N TYR D 300 20.36 47.18 19.94
CA TYR D 300 21.13 46.09 19.41
C TYR D 300 22.59 46.24 19.84
N THR D 301 23.20 45.10 20.17
CA THR D 301 24.63 45.09 20.52
C THR D 301 25.47 44.90 19.26
N ARG D 302 26.77 45.17 19.40
CA ARG D 302 27.65 45.22 18.26
C ARG D 302 27.91 43.85 17.66
N GLU D 303 28.10 42.86 18.54
CA GLU D 303 28.44 41.53 18.05
C GLU D 303 27.20 40.71 17.75
N GLU D 304 26.07 41.11 18.32
CA GLU D 304 24.81 40.49 17.90
C GLU D 304 24.41 40.94 16.50
N ILE D 305 24.69 42.21 16.18
CA ILE D 305 24.59 42.71 14.81
C ILE D 305 25.58 41.95 13.94
N GLN D 306 26.78 41.76 14.48
CA GLN D 306 27.87 41.10 13.78
C GLN D 306 27.50 39.64 13.47
N ASP D 307 27.05 38.90 14.49
CA ASP D 307 26.71 37.49 14.30
C ASP D 307 25.62 37.30 13.24
N SER D 308 24.48 37.97 13.42
CA SER D 308 23.32 37.86 12.54
C SER D 308 23.61 38.26 11.10
N LEU D 309 24.46 39.27 10.92
CA LEU D 309 24.75 39.76 9.59
C LEU D 309 25.76 38.87 8.90
N VAL D 310 26.85 38.57 9.60
CA VAL D 310 27.82 37.60 9.13
C VAL D 310 27.16 36.26 8.79
N GLY D 311 26.25 35.82 9.67
CA GLY D 311 25.60 34.52 9.54
C GLY D 311 24.36 34.48 8.67
N GLN D 312 23.85 35.64 8.27
CA GLN D 312 22.67 35.73 7.41
C GLN D 312 21.50 34.98 8.03
N ARG D 313 21.13 35.40 9.22
CA ARG D 313 20.21 34.67 10.10
C ARG D 313 18.70 34.84 9.74
N TYR D 314 18.33 35.99 9.20
CA TYR D 314 16.92 36.26 8.90
C TYR D 314 16.05 36.40 10.17
N ASN D 315 16.73 36.75 11.26
CA ASN D 315 16.10 37.13 12.52
C ASN D 315 15.80 38.64 12.54
N GLU D 316 15.38 39.16 13.69
CA GLU D 316 15.00 40.57 13.74
C GLU D 316 16.16 41.53 13.46
N VAL D 317 17.36 41.15 13.87
CA VAL D 317 18.54 41.97 13.61
C VAL D 317 18.78 42.15 12.13
N MET D 318 18.93 41.07 11.40
CA MET D 318 19.19 41.21 9.98
C MET D 318 18.09 42.01 9.27
N ALA D 319 16.85 41.82 9.70
CA ALA D 319 15.75 42.46 9.01
C ALA D 319 15.80 43.96 9.20
N THR D 320 16.05 44.38 10.44
CA THR D 320 16.22 45.79 10.78
C THR D 320 17.36 46.42 9.97
N TYR D 321 18.45 45.69 9.83
CA TYR D 321 19.57 46.16 9.02
C TYR D 321 19.18 46.36 7.54
N LEU D 322 18.59 45.35 6.92
CA LEU D 322 18.14 45.49 5.53
C LEU D 322 17.18 46.67 5.33
N LEU D 323 16.18 46.78 6.19
CA LEU D 323 15.16 47.81 6.05
C LEU D 323 15.74 49.21 6.25
N LEU D 324 16.84 49.33 6.99
CA LEU D 324 17.54 50.60 7.09
C LEU D 324 18.22 50.99 5.79
N GLY D 325 18.18 50.09 4.82
CA GLY D 325 18.75 50.37 3.52
C GLY D 325 17.80 51.08 2.57
N TYR D 326 16.60 51.38 3.03
CA TYR D 326 15.61 52.02 2.16
C TYR D 326 15.35 53.47 2.56
N HIS E 12 -29.98 58.57 -17.84
CA HIS E 12 -30.38 57.16 -17.90
C HIS E 12 -30.83 56.72 -19.31
N ILE E 13 -31.17 55.43 -19.44
CA ILE E 13 -31.60 54.85 -20.72
C ILE E 13 -32.94 54.13 -20.60
N GLY E 14 -33.83 54.34 -21.58
CA GLY E 14 -35.15 53.73 -21.56
C GLY E 14 -35.91 54.04 -20.28
N ASN E 15 -36.71 53.09 -19.80
CA ASN E 15 -37.42 53.26 -18.54
C ASN E 15 -36.57 52.91 -17.32
N TYR E 16 -35.25 53.06 -17.43
CA TYR E 16 -34.30 52.61 -16.41
C TYR E 16 -33.49 53.75 -15.78
N ARG E 17 -33.26 53.69 -14.48
CA ARG E 17 -32.35 54.64 -13.84
C ARG E 17 -31.07 53.95 -13.40
N LEU E 18 -29.95 54.29 -14.05
CA LEU E 18 -28.68 53.69 -13.70
C LEU E 18 -28.31 54.10 -12.28
N LEU E 19 -28.02 53.11 -11.43
CA LEU E 19 -27.73 53.38 -10.02
C LEU E 19 -26.24 53.45 -9.74
N LYS E 20 -25.58 52.31 -9.86
CA LYS E 20 -24.14 52.19 -9.69
C LYS E 20 -23.65 51.09 -10.59
N THR E 21 -22.34 50.90 -10.66
CA THR E 21 -21.82 49.83 -11.49
C THR E 21 -21.47 48.58 -10.69
N ILE E 22 -21.33 47.45 -11.40
CA ILE E 22 -20.95 46.18 -10.78
C ILE E 22 -20.11 45.36 -11.74
N ALA E 28 -15.57 44.58 -18.78
CA ALA E 28 -17.00 44.43 -19.04
C ALA E 28 -17.87 45.42 -18.24
N LYS E 29 -18.56 46.31 -18.95
CA LYS E 29 -19.30 47.41 -18.32
C LYS E 29 -20.77 47.09 -17.98
N VAL E 30 -21.03 46.82 -16.71
CA VAL E 30 -22.34 46.37 -16.25
C VAL E 30 -22.87 47.27 -15.12
N LYS E 31 -24.14 47.66 -15.22
CA LYS E 31 -24.74 48.63 -14.29
C LYS E 31 -25.94 48.04 -13.55
N LEU E 32 -26.06 48.33 -12.26
CA LEU E 32 -27.30 48.04 -11.55
C LEU E 32 -28.27 49.13 -11.95
N ALA E 33 -29.56 48.81 -12.07
CA ALA E 33 -30.54 49.81 -12.46
C ALA E 33 -31.93 49.53 -11.94
N ARG E 34 -32.74 50.57 -11.91
CA ARG E 34 -34.11 50.47 -11.42
C ARG E 34 -35.05 50.74 -12.58
N HIS E 35 -35.82 49.74 -12.98
CA HIS E 35 -36.93 49.96 -13.89
C HIS E 35 -37.89 50.94 -13.20
N ILE E 36 -37.97 52.16 -13.73
CA ILE E 36 -38.72 53.23 -13.09
C ILE E 36 -40.16 52.85 -12.73
N LEU E 37 -40.86 52.21 -13.67
CA LEU E 37 -42.28 51.96 -13.50
C LEU E 37 -42.64 50.67 -12.76
N THR E 38 -41.64 49.89 -12.33
CA THR E 38 -41.92 48.71 -11.52
C THR E 38 -41.08 48.73 -10.26
N GLY E 39 -40.14 49.67 -10.22
CA GLY E 39 -39.20 49.75 -9.12
C GLY E 39 -38.33 48.51 -8.97
N LYS E 40 -38.33 47.65 -9.98
CA LYS E 40 -37.53 46.42 -9.95
C LYS E 40 -36.09 46.64 -10.36
N GLU E 41 -35.16 45.99 -9.66
CA GLU E 41 -33.75 46.11 -9.98
C GLU E 41 -33.37 45.23 -11.17
N VAL E 42 -32.43 45.69 -11.98
CA VAL E 42 -32.02 44.95 -13.18
C VAL E 42 -30.57 45.22 -13.51
N ALA E 43 -29.89 44.21 -14.06
CA ALA E 43 -28.54 44.37 -14.60
C ALA E 43 -28.58 44.83 -16.05
N VAL E 44 -27.72 45.78 -16.38
CA VAL E 44 -27.74 46.41 -17.70
C VAL E 44 -26.34 46.40 -18.30
N ARG E 45 -26.04 45.38 -19.10
CA ARG E 45 -24.78 45.31 -19.83
C ARG E 45 -24.75 46.38 -20.92
N ILE E 46 -23.69 47.19 -20.94
CA ILE E 46 -23.56 48.20 -21.99
C ILE E 46 -22.39 47.86 -22.88
N ILE E 47 -22.65 47.88 -24.18
CA ILE E 47 -21.68 47.45 -25.18
C ILE E 47 -21.56 48.44 -26.33
N ASP E 48 -20.32 48.80 -26.62
CA ASP E 48 -20.01 49.75 -27.67
C ASP E 48 -19.74 48.99 -28.96
N LYS E 49 -20.60 49.21 -29.95
CA LYS E 49 -20.53 48.48 -31.21
C LYS E 49 -19.42 48.99 -32.13
N THR E 50 -19.09 50.27 -32.02
CA THR E 50 -18.02 50.86 -32.84
C THR E 50 -16.69 50.22 -32.51
N GLN E 51 -16.55 49.78 -31.26
CA GLN E 51 -15.32 49.11 -30.85
C GLN E 51 -15.31 47.62 -31.20
N LEU E 52 -16.25 47.19 -32.05
CA LEU E 52 -16.33 45.79 -32.44
C LEU E 52 -16.11 45.55 -33.95
N ASN E 53 -15.43 44.46 -34.26
CA ASN E 53 -15.22 44.01 -35.64
C ASN E 53 -16.33 43.07 -36.04
N SER E 54 -16.56 42.91 -37.34
CA SER E 54 -17.73 42.18 -37.82
C SER E 54 -17.80 40.78 -37.21
N SER E 55 -16.67 40.11 -37.16
CA SER E 55 -16.63 38.76 -36.61
C SER E 55 -17.19 38.74 -35.19
N SER E 56 -16.85 39.74 -34.40
CA SER E 56 -17.30 39.80 -33.00
C SER E 56 -18.77 40.28 -32.85
N LEU E 57 -19.12 41.31 -33.60
CA LEU E 57 -20.51 41.75 -33.67
C LEU E 57 -21.47 40.59 -33.96
N GLN E 58 -21.14 39.78 -34.98
CA GLN E 58 -21.96 38.62 -35.30
C GLN E 58 -22.11 37.69 -34.10
N LYS E 59 -20.99 37.34 -33.45
CA LYS E 59 -21.04 36.42 -32.31
C LYS E 59 -21.90 36.97 -31.17
N LEU E 60 -21.84 38.28 -30.99
CA LEU E 60 -22.68 38.94 -30.01
C LEU E 60 -24.16 38.68 -30.30
N PHE E 61 -24.67 39.29 -31.37
CA PHE E 61 -26.07 39.09 -31.74
C PHE E 61 -26.48 37.62 -31.85
N ARG E 62 -25.54 36.75 -32.15
CA ARG E 62 -25.83 35.33 -32.17
C ARG E 62 -26.11 34.89 -30.73
N GLU E 63 -25.37 35.42 -29.78
CA GLU E 63 -25.52 35.03 -28.39
C GLU E 63 -26.72 35.70 -27.72
N VAL E 64 -27.02 36.92 -28.15
CA VAL E 64 -28.24 37.60 -27.78
C VAL E 64 -29.47 36.75 -28.16
N ARG E 65 -29.45 36.13 -29.34
CA ARG E 65 -30.55 35.25 -29.76
C ARG E 65 -30.66 34.00 -28.89
N ILE E 66 -29.52 33.44 -28.50
CA ILE E 66 -29.52 32.29 -27.62
C ILE E 66 -30.15 32.66 -26.29
N MET E 67 -29.88 33.86 -25.82
CA MET E 67 -30.45 34.30 -24.55
C MET E 67 -31.97 34.50 -24.64
N LYS E 68 -32.47 34.81 -25.84
CA LYS E 68 -33.91 35.05 -26.06
C LYS E 68 -34.68 33.75 -26.16
N VAL E 69 -33.94 32.64 -26.28
CA VAL E 69 -34.55 31.33 -26.50
C VAL E 69 -34.48 30.41 -25.28
N LEU E 70 -33.58 30.69 -24.34
CA LEU E 70 -33.50 29.89 -23.11
C LEU E 70 -34.47 30.39 -22.04
N ASN E 71 -35.62 29.72 -21.93
CA ASN E 71 -36.61 30.09 -20.95
C ASN E 71 -36.64 29.14 -19.76
N HIS E 72 -35.68 29.28 -18.86
CA HIS E 72 -35.56 28.39 -17.72
C HIS E 72 -35.32 29.23 -16.47
N PRO E 73 -35.90 28.82 -15.34
CA PRO E 73 -35.88 29.50 -14.04
C PRO E 73 -34.52 29.51 -13.32
N ASN E 74 -33.51 28.91 -13.93
CA ASN E 74 -32.17 29.00 -13.34
C ASN E 74 -31.09 29.49 -14.31
N ILE E 75 -31.52 30.20 -15.34
CA ILE E 75 -30.61 30.74 -16.34
C ILE E 75 -30.95 32.20 -16.58
N VAL E 76 -30.11 33.11 -16.10
CA VAL E 76 -30.47 34.51 -16.02
C VAL E 76 -31.17 34.97 -17.28
N LYS E 77 -32.33 35.61 -17.10
CA LYS E 77 -33.23 35.95 -18.19
C LYS E 77 -32.82 37.26 -18.82
N LEU E 78 -33.27 37.48 -20.05
CA LEU E 78 -33.05 38.73 -20.75
C LEU E 78 -34.40 39.47 -20.79
N PHE E 79 -34.40 40.78 -20.54
CA PHE E 79 -35.65 41.52 -20.38
C PHE E 79 -35.96 42.46 -21.53
N GLU E 80 -34.92 43.09 -22.04
CA GLU E 80 -35.10 44.08 -23.09
C GLU E 80 -33.80 44.16 -23.87
N VAL E 81 -33.89 44.67 -25.10
CA VAL E 81 -32.71 44.91 -25.88
C VAL E 81 -32.87 46.25 -26.51
N ILE E 82 -32.03 47.19 -26.10
CA ILE E 82 -32.00 48.47 -26.78
C ILE E 82 -30.75 48.54 -27.63
N GLU E 83 -30.94 48.86 -28.91
CA GLU E 83 -29.83 48.98 -29.83
C GLU E 83 -29.88 50.30 -30.58
N THR E 84 -28.82 51.09 -30.43
CA THR E 84 -28.71 52.35 -31.16
C THR E 84 -27.67 52.19 -32.25
N GLU E 85 -27.33 53.31 -32.88
CA GLU E 85 -26.29 53.31 -33.91
C GLU E 85 -24.97 52.73 -33.41
N LYS E 86 -24.49 53.25 -32.28
CA LYS E 86 -23.16 52.90 -31.79
C LYS E 86 -23.23 52.00 -30.54
N THR E 87 -24.41 51.87 -29.95
CA THR E 87 -24.56 51.17 -28.67
C THR E 87 -25.61 50.07 -28.61
N LEU E 88 -25.36 49.11 -27.73
CA LEU E 88 -26.29 48.01 -27.50
C LEU E 88 -26.48 47.80 -26.01
N TYR E 89 -27.67 48.08 -25.50
CA TYR E 89 -27.95 47.88 -24.09
C TYR E 89 -28.69 46.56 -23.95
N LEU E 90 -28.21 45.73 -23.02
CA LEU E 90 -28.84 44.44 -22.74
C LEU E 90 -29.36 44.37 -21.31
N VAL E 91 -30.66 44.64 -21.12
CA VAL E 91 -31.26 44.59 -19.78
C VAL E 91 -31.60 43.17 -19.38
N MET E 92 -30.97 42.68 -18.34
CA MET E 92 -31.18 41.30 -17.94
C MET E 92 -31.34 41.15 -16.44
N GLU E 93 -31.72 39.96 -16.03
CA GLU E 93 -32.01 39.64 -14.65
C GLU E 93 -30.83 40.02 -13.77
N TYR E 94 -31.11 40.71 -12.66
CA TYR E 94 -30.09 40.93 -11.64
C TYR E 94 -30.26 39.91 -10.52
N ALA E 95 -29.15 39.35 -10.06
CA ALA E 95 -29.17 38.38 -8.96
C ALA E 95 -28.58 38.98 -7.67
N SER E 96 -29.44 39.48 -6.81
CA SER E 96 -29.04 40.26 -5.64
C SER E 96 -28.13 39.52 -4.66
N GLY E 97 -28.06 38.19 -4.81
CA GLY E 97 -27.32 37.36 -3.88
C GLY E 97 -25.89 37.06 -4.25
N GLY E 98 -25.43 37.60 -5.38
CA GLY E 98 -24.04 37.47 -5.79
C GLY E 98 -23.61 36.12 -6.32
N GLU E 99 -22.31 35.84 -6.20
CA GLU E 99 -21.74 34.61 -6.73
C GLU E 99 -21.90 33.46 -5.74
N VAL E 100 -21.91 32.22 -6.25
CA VAL E 100 -21.86 31.03 -5.40
C VAL E 100 -20.45 30.91 -4.84
N PHE E 101 -19.47 31.33 -5.64
CA PHE E 101 -18.07 31.38 -5.20
C PHE E 101 -17.86 32.23 -3.94
N ASP E 102 -18.40 33.45 -3.95
CA ASP E 102 -18.29 34.34 -2.78
C ASP E 102 -18.99 33.79 -1.53
N TYR E 103 -20.19 33.26 -1.71
CA TYR E 103 -20.92 32.63 -0.61
C TYR E 103 -20.06 31.55 0.02
N LEU E 104 -19.63 30.59 -0.80
CA LEU E 104 -18.82 29.48 -0.31
C LEU E 104 -17.56 29.94 0.43
N VAL E 105 -17.04 31.11 0.09
CA VAL E 105 -15.90 31.65 0.80
C VAL E 105 -16.26 32.03 2.23
N ALA E 106 -17.36 32.76 2.40
CA ALA E 106 -17.80 33.20 3.74
C ALA E 106 -18.25 32.04 4.62
N HIS E 107 -19.37 31.44 4.25
CA HIS E 107 -20.04 30.45 5.08
C HIS E 107 -19.45 29.04 5.00
N GLY E 108 -18.37 28.88 4.24
CA GLY E 108 -17.78 27.58 4.05
C GLY E 108 -18.77 26.60 3.42
N ARG E 109 -18.51 25.31 3.56
CA ARG E 109 -19.31 24.29 2.89
C ARG E 109 -20.80 24.43 3.15
N MET E 110 -21.61 23.75 2.34
CA MET E 110 -23.05 23.68 2.56
C MET E 110 -23.38 22.37 3.24
N LYS E 111 -24.59 22.29 3.80
CA LYS E 111 -25.04 21.02 4.34
C LYS E 111 -25.65 20.21 3.20
N GLU E 112 -25.46 18.89 3.27
CA GLU E 112 -25.90 17.99 2.21
C GLU E 112 -27.32 18.34 1.72
N LYS E 113 -28.17 18.73 2.66
CA LYS E 113 -29.57 19.03 2.38
C LYS E 113 -29.71 20.34 1.62
N GLU E 114 -28.74 21.23 1.80
CA GLU E 114 -28.74 22.55 1.16
C GLU E 114 -28.25 22.46 -0.29
N ALA E 115 -27.13 21.76 -0.49
CA ALA E 115 -26.56 21.63 -1.82
C ALA E 115 -27.57 21.04 -2.79
N ARG E 116 -28.04 19.83 -2.49
CA ARG E 116 -29.05 19.16 -3.30
C ARG E 116 -30.11 20.14 -3.81
N ALA E 117 -30.51 21.06 -2.96
CA ALA E 117 -31.54 22.03 -3.31
C ALA E 117 -31.16 22.83 -4.55
N LYS E 118 -29.89 23.23 -4.62
CA LYS E 118 -29.39 24.04 -5.72
C LYS E 118 -28.83 23.18 -6.85
N PHE E 119 -28.12 22.12 -6.47
CA PHE E 119 -27.52 21.25 -7.47
C PHE E 119 -28.60 20.62 -8.33
N ARG E 120 -29.81 20.53 -7.79
CA ARG E 120 -30.92 20.08 -8.62
C ARG E 120 -31.17 21.15 -9.67
N GLN E 121 -31.32 22.40 -9.21
CA GLN E 121 -31.57 23.51 -10.10
C GLN E 121 -30.51 23.62 -11.19
N ILE E 122 -29.25 23.50 -10.79
CA ILE E 122 -28.14 23.57 -11.73
C ILE E 122 -28.26 22.50 -12.82
N VAL E 123 -28.26 21.24 -12.39
CA VAL E 123 -28.30 20.12 -13.32
C VAL E 123 -29.53 20.18 -14.21
N SER E 124 -30.63 20.68 -13.67
CA SER E 124 -31.83 20.88 -14.48
C SER E 124 -31.58 21.92 -15.57
N ALA E 125 -30.91 23.01 -15.18
CA ALA E 125 -30.61 24.10 -16.11
C ALA E 125 -29.66 23.66 -17.22
N VAL E 126 -28.50 23.13 -16.84
CA VAL E 126 -27.52 22.64 -17.81
C VAL E 126 -28.13 21.57 -18.71
N GLN E 127 -28.91 20.68 -18.11
CA GLN E 127 -29.51 19.62 -18.89
C GLN E 127 -30.40 20.23 -19.97
N TYR E 128 -31.21 21.20 -19.59
CA TYR E 128 -32.06 21.95 -20.52
C TYR E 128 -31.29 22.45 -21.76
N CYS E 129 -30.07 22.92 -21.55
CA CYS E 129 -29.29 23.45 -22.66
C CYS E 129 -28.71 22.34 -23.52
N HIS E 130 -28.35 21.24 -22.89
CA HIS E 130 -27.84 20.12 -23.64
C HIS E 130 -28.91 19.62 -24.62
N GLN E 131 -30.17 19.71 -24.23
CA GLN E 131 -31.29 19.37 -25.11
C GLN E 131 -31.22 20.14 -26.43
N LYS E 132 -30.85 21.41 -26.34
CA LYS E 132 -30.82 22.25 -27.52
C LYS E 132 -29.44 22.24 -28.21
N PHE E 133 -28.54 21.40 -27.72
CA PHE E 133 -27.19 21.30 -28.26
C PHE E 133 -26.37 22.56 -28.01
N ILE E 134 -26.55 23.07 -26.78
CA ILE E 134 -25.76 24.16 -26.25
C ILE E 134 -24.96 23.64 -25.07
N VAL E 135 -23.65 23.49 -25.24
CA VAL E 135 -22.81 23.17 -24.09
C VAL E 135 -22.12 24.44 -23.63
N HIS E 136 -22.11 24.62 -22.31
CA HIS E 136 -21.67 25.86 -21.68
C HIS E 136 -20.16 26.07 -21.77
N ARG E 137 -19.41 25.00 -21.52
CA ARG E 137 -17.97 24.96 -21.77
C ARG E 137 -17.13 25.77 -20.79
N ASP E 138 -17.77 26.53 -19.92
CA ASP E 138 -17.04 27.22 -18.87
C ASP E 138 -17.75 27.25 -17.53
N LEU E 139 -18.28 26.11 -17.11
CA LEU E 139 -19.03 26.04 -15.85
C LEU E 139 -18.12 26.15 -14.63
N LYS E 140 -18.44 27.12 -13.77
CA LYS E 140 -17.71 27.31 -12.52
C LYS E 140 -18.58 27.98 -11.45
N ALA E 141 -18.09 28.04 -10.22
CA ALA E 141 -18.85 28.62 -9.12
C ALA E 141 -19.04 30.13 -9.29
N GLU E 142 -18.11 30.77 -9.97
CA GLU E 142 -18.20 32.20 -10.24
C GLU E 142 -19.32 32.53 -11.25
N ASN E 143 -19.80 31.52 -11.96
CA ASN E 143 -20.85 31.65 -12.98
C ASN E 143 -22.22 31.23 -12.47
N LEU E 144 -22.25 30.73 -11.25
CA LEU E 144 -23.51 30.40 -10.62
C LEU E 144 -23.90 31.57 -9.71
N LEU E 145 -24.96 32.28 -10.06
CA LEU E 145 -25.39 33.39 -9.22
C LEU E 145 -26.61 33.00 -8.39
N LEU E 146 -26.88 33.78 -7.36
CA LEU E 146 -28.02 33.52 -6.48
C LEU E 146 -28.92 34.75 -6.42
N ASP E 147 -30.24 34.55 -6.35
CA ASP E 147 -31.14 35.68 -6.07
C ASP E 147 -31.50 35.80 -4.59
N ALA E 148 -32.35 36.76 -4.25
CA ALA E 148 -32.64 37.08 -2.87
C ALA E 148 -33.29 35.93 -2.10
N ASP E 149 -33.58 34.84 -2.81
CA ASP E 149 -34.25 33.69 -2.22
C ASP E 149 -33.33 32.48 -2.16
N MET E 150 -32.07 32.68 -2.49
CA MET E 150 -31.11 31.59 -2.59
C MET E 150 -31.41 30.63 -3.75
N ASN E 151 -32.13 31.10 -4.76
CA ASN E 151 -32.31 30.32 -5.98
C ASN E 151 -31.15 30.51 -6.97
N ILE E 152 -30.86 29.48 -7.75
CA ILE E 152 -29.76 29.54 -8.72
C ILE E 152 -30.11 30.27 -10.01
N LYS E 153 -29.18 31.13 -10.44
CA LYS E 153 -29.27 31.82 -11.72
C LYS E 153 -27.92 31.67 -12.45
N ILE E 154 -27.84 30.67 -13.34
CA ILE E 154 -26.61 30.46 -14.10
C ILE E 154 -26.43 31.56 -15.15
N ALA E 155 -25.19 31.99 -15.32
CA ALA E 155 -24.88 33.08 -16.22
C ALA E 155 -23.88 32.65 -17.27
N ASP E 156 -23.71 33.48 -18.29
CA ASP E 156 -22.71 33.27 -19.33
C ASP E 156 -23.05 32.09 -20.23
N PHE E 157 -24.30 31.62 -20.16
CA PHE E 157 -24.71 30.49 -21.00
C PHE E 157 -24.65 30.90 -22.45
N GLY E 158 -25.31 32.01 -22.74
CA GLY E 158 -25.20 32.60 -24.06
C GLY E 158 -24.08 33.63 -24.07
N PHE E 159 -24.48 34.89 -24.04
CA PHE E 159 -23.53 35.98 -24.04
C PHE E 159 -22.82 36.05 -22.69
N SER E 160 -21.54 36.41 -22.72
CA SER E 160 -20.69 36.36 -21.51
C SER E 160 -20.41 37.72 -20.87
N ASN E 161 -20.82 37.88 -19.61
CA ASN E 161 -20.64 39.13 -18.87
C ASN E 161 -19.26 39.26 -18.23
N GLU E 162 -18.37 38.33 -18.56
CA GLU E 162 -17.06 38.23 -17.92
C GLU E 162 -15.96 38.38 -18.96
N PHE E 163 -16.28 38.01 -20.19
CA PHE E 163 -15.34 38.04 -21.30
C PHE E 163 -15.60 39.26 -22.18
N THR E 164 -14.62 40.15 -22.25
CA THR E 164 -14.64 41.24 -23.22
C THR E 164 -14.39 40.59 -24.55
N PHE E 165 -14.52 41.34 -25.63
CA PHE E 165 -14.37 40.74 -26.95
C PHE E 165 -12.99 40.92 -27.61
N GLY E 166 -11.94 40.50 -26.90
CA GLY E 166 -10.59 40.48 -27.45
C GLY E 166 -9.78 41.73 -27.19
N ASN E 167 -10.43 42.76 -26.67
CA ASN E 167 -9.77 44.03 -26.39
C ASN E 167 -8.92 43.94 -25.13
N LYS E 168 -9.52 43.41 -24.07
CA LYS E 168 -8.94 43.51 -22.72
C LYS E 168 -8.08 42.30 -22.35
N LEU E 169 -7.71 42.27 -21.07
CA LEU E 169 -6.84 41.24 -20.52
C LEU E 169 -7.62 40.28 -19.62
N ASP E 170 -8.41 39.39 -20.20
CA ASP E 170 -9.18 38.42 -19.44
C ASP E 170 -8.27 37.53 -18.58
N GLU E 171 -8.68 37.28 -17.34
CA GLU E 171 -7.89 36.53 -16.41
C GLU E 171 -8.36 35.09 -16.26
N PHE E 172 -9.52 34.80 -16.84
CA PHE E 172 -10.12 33.48 -16.70
C PHE E 172 -10.17 33.05 -15.24
N CYS E 173 -10.53 33.98 -14.37
CA CYS E 173 -10.59 33.66 -12.95
C CYS E 173 -11.49 32.45 -12.69
N GLY E 174 -10.92 31.41 -12.09
CA GLY E 174 -11.72 30.29 -11.60
C GLY E 174 -11.98 29.19 -12.60
N SER E 175 -11.49 29.34 -13.83
CA SER E 175 -11.81 28.39 -14.88
C SER E 175 -11.01 27.09 -14.79
N PRO E 176 -9.71 27.19 -14.48
CA PRO E 176 -8.92 25.96 -14.56
C PRO E 176 -9.39 24.76 -13.68
N PRO E 177 -9.69 24.99 -12.38
CA PRO E 177 -10.03 23.85 -11.53
C PRO E 177 -11.26 23.05 -11.96
N TYR E 178 -12.02 23.53 -12.94
CA TYR E 178 -13.23 22.82 -13.39
C TYR E 178 -13.05 22.26 -14.79
N ALA E 179 -11.85 22.42 -15.35
CA ALA E 179 -11.57 21.92 -16.68
C ALA E 179 -11.46 20.39 -16.71
N ALA E 180 -12.17 19.78 -17.67
CA ALA E 180 -12.10 18.34 -17.87
C ALA E 180 -10.73 17.95 -18.41
N PRO E 181 -10.34 16.68 -18.23
CA PRO E 181 -9.00 16.22 -18.58
C PRO E 181 -8.69 16.36 -20.05
N GLU E 182 -9.70 16.39 -20.91
CA GLU E 182 -9.48 16.51 -22.34
C GLU E 182 -8.65 17.74 -22.63
N LEU E 183 -8.94 18.84 -21.92
CA LEU E 183 -8.29 20.11 -22.18
C LEU E 183 -6.78 20.02 -22.08
N PHE E 184 -6.30 19.20 -21.15
CA PHE E 184 -4.86 19.06 -20.95
C PHE E 184 -4.23 17.97 -21.81
N GLN E 185 -5.04 17.20 -22.53
CA GLN E 185 -4.50 16.11 -23.35
C GLN E 185 -4.50 16.41 -24.85
N GLY E 186 -4.98 17.59 -25.21
CA GLY E 186 -5.05 17.96 -26.61
C GLY E 186 -6.24 17.38 -27.33
N LYS E 187 -7.02 16.54 -26.64
CA LYS E 187 -8.25 15.96 -27.22
C LYS E 187 -9.33 17.02 -27.35
N LYS E 188 -10.36 16.73 -28.14
CA LYS E 188 -11.40 17.70 -28.41
C LYS E 188 -12.14 18.05 -27.13
N TYR E 189 -12.52 19.32 -26.99
CA TYR E 189 -13.23 19.81 -25.83
C TYR E 189 -14.55 20.37 -26.32
N ASP E 190 -15.40 19.50 -26.88
CA ASP E 190 -16.60 19.97 -27.58
C ASP E 190 -17.90 19.50 -26.95
N GLY E 191 -17.97 18.21 -26.64
CA GLY E 191 -19.21 17.56 -26.28
C GLY E 191 -19.72 17.83 -24.88
N PRO E 192 -21.03 17.64 -24.69
CA PRO E 192 -21.76 17.92 -23.45
C PRO E 192 -21.08 17.31 -22.23
N GLU E 193 -20.32 16.24 -22.42
CA GLU E 193 -19.70 15.52 -21.32
C GLU E 193 -18.65 16.39 -20.63
N VAL E 194 -18.42 17.55 -21.23
CA VAL E 194 -17.46 18.51 -20.71
C VAL E 194 -18.10 19.30 -19.56
N ASP E 195 -19.32 19.79 -19.77
CA ASP E 195 -20.05 20.44 -18.70
C ASP E 195 -20.24 19.42 -17.60
N VAL E 196 -20.28 18.15 -17.99
CA VAL E 196 -20.60 17.06 -17.07
C VAL E 196 -19.52 16.88 -16.01
N TRP E 197 -18.27 16.84 -16.45
CA TRP E 197 -17.13 16.83 -15.53
C TRP E 197 -17.16 18.02 -14.59
N SER E 198 -17.36 19.21 -15.14
CA SER E 198 -17.38 20.44 -14.36
C SER E 198 -18.46 20.38 -13.27
N LEU E 199 -19.60 19.79 -13.62
CA LEU E 199 -20.68 19.68 -12.64
C LEU E 199 -20.17 18.88 -11.46
N GLY E 200 -19.47 17.79 -11.76
CA GLY E 200 -18.84 17.01 -10.71
C GLY E 200 -18.05 17.92 -9.80
N VAL E 201 -17.14 18.68 -10.39
CA VAL E 201 -16.30 19.58 -9.61
C VAL E 201 -17.13 20.56 -8.82
N ILE E 202 -18.21 21.04 -9.44
CA ILE E 202 -19.05 22.03 -8.79
C ILE E 202 -19.63 21.46 -7.52
N LEU E 203 -20.34 20.35 -7.69
CA LEU E 203 -20.90 19.58 -6.58
C LEU E 203 -19.91 19.37 -5.46
N TYR E 204 -18.67 19.03 -5.80
CA TYR E 204 -17.68 18.79 -4.77
C TYR E 204 -17.39 20.06 -3.95
N THR E 205 -17.27 21.22 -4.60
CA THR E 205 -17.02 22.47 -3.87
C THR E 205 -18.20 22.90 -2.99
N LEU E 206 -19.41 22.52 -3.39
CA LEU E 206 -20.60 22.79 -2.59
C LEU E 206 -20.65 22.01 -1.26
N VAL E 207 -20.36 20.72 -1.31
CA VAL E 207 -20.41 19.89 -0.10
C VAL E 207 -19.06 19.83 0.64
N SER E 208 -18.10 20.69 0.27
CA SER E 208 -16.81 20.68 0.97
C SER E 208 -16.18 22.06 1.13
N GLY E 209 -16.63 23.01 0.31
CA GLY E 209 -16.04 24.34 0.31
C GLY E 209 -14.58 24.30 -0.10
N SER E 210 -14.27 23.40 -1.03
CA SER E 210 -12.90 23.22 -1.48
C SER E 210 -12.80 22.53 -2.83
N LEU E 211 -11.58 22.43 -3.35
CA LEU E 211 -11.34 21.91 -4.69
C LEU E 211 -10.86 20.47 -4.69
N PRO E 212 -11.54 19.61 -5.46
CA PRO E 212 -11.13 18.22 -5.68
C PRO E 212 -9.75 18.16 -6.32
N PHE E 213 -9.43 19.16 -7.14
CA PHE E 213 -8.12 19.20 -7.79
C PHE E 213 -7.57 20.60 -7.63
N ASP E 214 -6.33 20.71 -7.18
CA ASP E 214 -5.73 21.98 -6.77
C ASP E 214 -4.23 21.99 -7.03
N GLY E 215 -3.60 23.15 -6.87
CA GLY E 215 -2.16 23.27 -7.11
C GLY E 215 -1.63 24.69 -6.96
N GLN E 216 -0.30 24.79 -6.95
CA GLN E 216 0.40 26.06 -6.82
C GLN E 216 0.41 26.80 -8.16
N ASN E 217 0.34 26.03 -9.25
CA ASN E 217 0.30 26.59 -10.59
C ASN E 217 -0.44 25.66 -11.57
N LEU E 218 -0.48 26.02 -12.85
CA LEU E 218 -1.22 25.23 -13.80
C LEU E 218 -0.60 23.85 -13.98
N LYS E 219 0.73 23.75 -13.89
CA LYS E 219 1.39 22.45 -13.97
C LYS E 219 0.87 21.46 -12.93
N GLU E 220 0.92 21.87 -11.65
CA GLU E 220 0.50 21.00 -10.57
C GLU E 220 -0.99 20.65 -10.69
N LEU E 221 -1.80 21.63 -11.06
CA LEU E 221 -3.23 21.40 -11.25
C LEU E 221 -3.48 20.35 -12.34
N ARG E 222 -2.72 20.41 -13.43
CA ARG E 222 -2.89 19.44 -14.50
C ARG E 222 -2.56 18.04 -14.00
N GLU E 223 -1.44 17.92 -13.31
CA GLU E 223 -0.99 16.63 -12.83
C GLU E 223 -2.13 15.96 -12.06
N ARG E 224 -2.69 16.70 -11.11
CA ARG E 224 -3.75 16.18 -10.25
C ARG E 224 -5.03 15.87 -11.03
N VAL E 225 -5.33 16.67 -12.05
CA VAL E 225 -6.55 16.47 -12.81
C VAL E 225 -6.50 15.17 -13.60
N LEU E 226 -5.42 14.99 -14.37
CA LEU E 226 -5.27 13.82 -15.23
C LEU E 226 -5.18 12.50 -14.46
N ARG E 227 -4.77 12.54 -13.19
CA ARG E 227 -4.75 11.33 -12.39
C ARG E 227 -6.15 10.98 -11.89
N GLY E 228 -6.93 12.00 -11.55
CA GLY E 228 -8.35 11.81 -11.33
C GLY E 228 -8.69 11.35 -9.94
N LYS E 229 -7.70 11.35 -9.05
CA LYS E 229 -7.95 10.96 -7.68
C LYS E 229 -8.25 12.20 -6.86
N TYR E 230 -9.15 12.07 -5.89
CA TYR E 230 -9.56 13.20 -5.08
C TYR E 230 -10.14 12.77 -3.74
N ARG E 231 -9.68 13.41 -2.67
CA ARG E 231 -10.07 13.00 -1.32
C ARG E 231 -11.54 13.25 -1.01
N ILE E 232 -12.21 12.25 -0.46
CA ILE E 232 -13.59 12.39 0.04
C ILE E 232 -13.56 12.59 1.55
N PRO E 233 -14.09 13.73 2.03
CA PRO E 233 -14.00 14.00 3.47
C PRO E 233 -14.79 12.99 4.28
N PHE E 234 -14.48 12.89 5.57
CA PHE E 234 -15.19 11.98 6.47
C PHE E 234 -16.68 12.29 6.52
N TYR E 235 -17.01 13.58 6.63
CA TYR E 235 -18.39 14.03 6.80
C TYR E 235 -19.23 13.89 5.53
N MET E 236 -18.63 13.39 4.46
CA MET E 236 -19.37 13.21 3.22
C MET E 236 -20.09 11.88 3.27
N SER E 237 -21.41 11.92 3.10
CA SER E 237 -22.20 10.70 3.11
C SER E 237 -21.65 9.69 2.12
N THR E 238 -22.20 8.48 2.15
CA THR E 238 -21.80 7.44 1.21
C THR E 238 -22.63 7.55 -0.08
N ASP E 239 -23.82 8.12 0.04
CA ASP E 239 -24.65 8.38 -1.14
C ASP E 239 -24.07 9.48 -2.02
N CYS E 240 -23.22 10.33 -1.43
CA CYS E 240 -22.59 11.43 -2.15
C CYS E 240 -21.37 10.98 -2.95
N GLU E 241 -20.41 10.34 -2.28
CA GLU E 241 -19.24 9.82 -2.96
C GLU E 241 -19.67 9.04 -4.20
N ASN E 242 -20.84 8.43 -4.12
CA ASN E 242 -21.38 7.63 -5.22
C ASN E 242 -21.91 8.47 -6.37
N LEU E 243 -22.23 9.74 -6.09
CA LEU E 243 -22.68 10.66 -7.12
C LEU E 243 -21.48 11.24 -7.85
N LEU E 244 -20.41 11.50 -7.10
CA LEU E 244 -19.17 11.97 -7.70
C LEU E 244 -18.60 10.96 -8.69
N LYS E 245 -18.62 9.68 -8.32
CA LYS E 245 -18.11 8.65 -9.23
C LYS E 245 -18.75 8.72 -10.63
N LYS E 246 -19.97 9.25 -10.69
CA LYS E 246 -20.70 9.33 -11.96
C LYS E 246 -20.31 10.55 -12.82
N PHE E 247 -19.72 11.54 -12.18
CA PHE E 247 -19.31 12.79 -12.85
C PHE E 247 -17.83 12.75 -13.21
N LEU E 248 -16.99 12.53 -12.21
CA LEU E 248 -15.55 12.60 -12.40
C LEU E 248 -14.91 11.31 -12.93
N ILE E 249 -15.37 10.87 -14.11
CA ILE E 249 -14.76 9.75 -14.82
C ILE E 249 -13.78 10.27 -15.86
N LEU E 250 -12.53 9.81 -15.80
CA LEU E 250 -11.48 10.28 -16.71
C LEU E 250 -11.77 10.16 -18.21
N ASN E 251 -12.49 9.13 -18.63
CA ASN E 251 -12.70 8.95 -20.07
C ASN E 251 -14.05 9.49 -20.52
N PRO E 252 -14.01 10.54 -21.36
CA PRO E 252 -15.16 11.34 -21.81
C PRO E 252 -16.35 10.52 -22.31
N SER E 253 -16.08 9.40 -22.97
CA SER E 253 -17.14 8.58 -23.57
C SER E 253 -17.85 7.74 -22.54
N LYS E 254 -17.20 7.53 -21.39
CA LYS E 254 -17.80 6.75 -20.31
C LYS E 254 -18.52 7.63 -19.26
N ARG E 255 -18.36 8.95 -19.35
CA ARG E 255 -19.13 9.84 -18.48
C ARG E 255 -20.58 9.86 -18.95
N GLY E 256 -21.51 9.63 -18.02
CA GLY E 256 -22.92 9.50 -18.37
C GLY E 256 -23.65 10.80 -18.64
N THR E 257 -24.72 10.74 -19.43
CA THR E 257 -25.52 11.94 -19.72
C THR E 257 -26.17 12.49 -18.47
N LEU E 258 -26.78 13.66 -18.58
CA LEU E 258 -27.40 14.29 -17.42
C LEU E 258 -28.77 13.70 -17.17
N GLU E 259 -29.41 13.22 -18.23
CA GLU E 259 -30.69 12.55 -18.05
C GLU E 259 -30.51 11.30 -17.19
N GLN E 260 -29.38 10.62 -17.40
CA GLN E 260 -29.07 9.41 -16.64
C GLN E 260 -28.68 9.73 -15.20
N ILE E 261 -28.24 10.96 -14.95
CA ILE E 261 -27.74 11.29 -13.61
C ILE E 261 -28.80 11.90 -12.72
N MET E 262 -29.88 12.38 -13.31
CA MET E 262 -31.01 12.91 -12.53
C MET E 262 -31.68 11.79 -11.77
N LYS E 263 -31.44 10.55 -12.22
CA LYS E 263 -32.04 9.36 -11.63
C LYS E 263 -31.17 8.78 -10.51
N ASP E 264 -30.33 9.61 -9.89
CA ASP E 264 -29.45 9.13 -8.83
C ASP E 264 -30.15 9.18 -7.49
N ARG E 265 -29.72 8.35 -6.56
CA ARG E 265 -30.31 8.34 -5.22
C ARG E 265 -30.05 9.65 -4.49
N TRP E 266 -28.78 10.07 -4.45
CA TRP E 266 -28.43 11.30 -3.77
C TRP E 266 -29.20 12.49 -4.32
N MET E 267 -29.47 12.48 -5.63
CA MET E 267 -30.19 13.57 -6.27
C MET E 267 -31.63 13.69 -5.79
N ASN E 268 -32.27 12.55 -5.55
CA ASN E 268 -33.70 12.52 -5.27
C ASN E 268 -34.11 12.31 -3.80
N VAL E 269 -33.12 12.19 -2.92
CA VAL E 269 -33.34 12.18 -1.48
C VAL E 269 -34.18 13.38 -1.03
N GLY E 270 -35.36 13.09 -0.49
CA GLY E 270 -36.28 14.14 -0.07
C GLY E 270 -37.33 14.41 -1.13
N HIS E 271 -37.22 13.70 -2.25
CA HIS E 271 -38.14 13.84 -3.37
C HIS E 271 -38.61 12.47 -3.84
N GLU E 272 -38.91 11.59 -2.88
CA GLU E 272 -39.27 10.20 -3.18
C GLU E 272 -40.37 10.09 -4.24
N ASP E 273 -41.22 11.11 -4.30
CA ASP E 273 -42.31 11.17 -5.25
C ASP E 273 -42.04 12.23 -6.31
N ASP E 274 -41.04 13.06 -6.05
CA ASP E 274 -40.73 14.21 -6.90
C ASP E 274 -39.38 14.04 -7.60
N GLU E 275 -39.23 12.96 -8.38
CA GLU E 275 -37.97 12.65 -9.05
C GLU E 275 -37.63 13.67 -10.15
N LEU E 276 -36.39 14.15 -10.14
CA LEU E 276 -35.88 15.12 -11.11
C LEU E 276 -35.95 14.60 -12.53
N LYS E 277 -36.29 15.50 -13.45
CA LYS E 277 -36.48 15.13 -14.85
C LYS E 277 -36.05 16.25 -15.78
N PRO E 278 -35.73 15.90 -17.04
CA PRO E 278 -35.48 16.93 -18.05
C PRO E 278 -36.60 17.97 -18.09
N TYR E 279 -36.26 19.18 -17.63
CA TYR E 279 -37.20 20.30 -17.62
C TYR E 279 -38.00 20.38 -18.92
N VAL E 280 -39.26 20.82 -18.81
CA VAL E 280 -40.11 20.99 -19.98
C VAL E 280 -40.46 22.46 -20.14
N GLU E 281 -40.06 23.05 -21.27
CA GLU E 281 -40.29 24.47 -21.47
C GLU E 281 -41.77 24.81 -21.27
N PRO E 282 -42.06 25.73 -20.33
CA PRO E 282 -43.45 26.12 -20.03
C PRO E 282 -44.02 26.89 -21.21
N LEU E 283 -45.33 26.91 -21.34
CA LEU E 283 -45.94 27.55 -22.49
C LEU E 283 -45.78 29.07 -22.42
N PRO E 284 -45.70 29.73 -23.58
CA PRO E 284 -45.40 31.16 -23.66
C PRO E 284 -46.29 32.00 -22.72
N ASP E 285 -45.64 32.64 -21.74
CA ASP E 285 -46.33 33.55 -20.85
C ASP E 285 -46.47 34.87 -21.60
N TYR E 286 -47.70 35.27 -21.90
CA TYR E 286 -47.89 36.48 -22.69
C TYR E 286 -49.30 37.10 -22.60
N LYS E 287 -50.20 36.44 -21.87
CA LYS E 287 -51.58 36.89 -21.80
C LYS E 287 -52.11 37.12 -20.38
N ASP E 288 -51.21 37.13 -19.38
CA ASP E 288 -51.63 37.26 -17.99
C ASP E 288 -52.53 38.48 -17.79
N PRO E 289 -53.78 38.24 -17.36
CA PRO E 289 -54.73 39.34 -17.17
C PRO E 289 -54.23 40.33 -16.13
N ARG E 290 -53.77 39.85 -14.97
CA ARG E 290 -53.32 40.72 -13.88
C ARG E 290 -52.34 41.78 -14.34
N ARG E 291 -51.41 41.38 -15.22
CA ARG E 291 -50.37 42.29 -15.70
C ARG E 291 -50.80 43.09 -16.93
N THR E 292 -51.56 42.47 -17.83
CA THR E 292 -52.15 43.22 -18.92
C THR E 292 -52.90 44.44 -18.36
N GLU E 293 -53.70 44.22 -17.31
CA GLU E 293 -54.43 45.30 -16.68
C GLU E 293 -53.51 46.32 -16.04
N LEU E 294 -52.69 45.87 -15.11
CA LEU E 294 -51.76 46.76 -14.42
C LEU E 294 -51.05 47.67 -15.41
N MET E 295 -50.71 47.12 -16.58
CA MET E 295 -50.00 47.87 -17.61
C MET E 295 -50.89 48.93 -18.28
N VAL E 296 -52.07 48.54 -18.75
CA VAL E 296 -53.00 49.48 -19.35
C VAL E 296 -53.15 50.77 -18.54
N SER E 297 -53.33 50.62 -17.23
CA SER E 297 -53.48 51.78 -16.36
C SER E 297 -52.16 52.38 -15.93
N MET E 298 -51.10 52.12 -16.70
CA MET E 298 -49.86 52.88 -16.59
C MET E 298 -49.82 53.85 -17.75
N GLY E 299 -50.42 53.46 -18.88
CA GLY E 299 -50.41 54.26 -20.08
C GLY E 299 -50.01 53.43 -21.29
N TYR E 300 -50.16 52.12 -21.17
CA TYR E 300 -49.92 51.23 -22.29
C TYR E 300 -51.25 50.93 -22.96
N THR E 301 -51.26 50.90 -24.30
CA THR E 301 -52.45 50.52 -25.05
C THR E 301 -52.62 49.02 -24.99
N ARG E 302 -53.79 48.53 -25.34
CA ARG E 302 -54.07 47.11 -25.23
C ARG E 302 -53.37 46.27 -26.30
N GLU E 303 -53.37 46.76 -27.53
CA GLU E 303 -52.82 45.96 -28.62
C GLU E 303 -51.31 46.11 -28.79
N GLU E 304 -50.74 47.21 -28.31
CA GLU E 304 -49.28 47.32 -28.32
C GLU E 304 -48.71 46.32 -27.32
N ILE E 305 -49.45 46.08 -26.23
CA ILE E 305 -49.12 45.00 -25.32
C ILE E 305 -49.25 43.67 -26.05
N GLN E 306 -50.29 43.54 -26.87
CA GLN E 306 -50.54 42.31 -27.60
C GLN E 306 -49.44 42.05 -28.64
N ASP E 307 -49.17 43.03 -29.50
CA ASP E 307 -48.15 42.87 -30.53
C ASP E 307 -46.78 42.62 -29.93
N SER E 308 -46.44 43.39 -28.91
CA SER E 308 -45.15 43.26 -28.25
C SER E 308 -44.91 41.87 -27.69
N LEU E 309 -45.92 41.30 -27.03
CA LEU E 309 -45.76 40.01 -26.38
C LEU E 309 -45.99 38.83 -27.31
N VAL E 310 -46.72 39.05 -28.40
CA VAL E 310 -46.93 38.01 -29.39
C VAL E 310 -45.64 37.82 -30.18
N GLY E 311 -45.06 38.92 -30.64
CA GLY E 311 -43.85 38.89 -31.43
C GLY E 311 -42.59 38.76 -30.60
N GLN E 312 -42.77 38.66 -29.29
CA GLN E 312 -41.66 38.58 -28.35
C GLN E 312 -40.60 39.65 -28.65
N ARG E 313 -41.08 40.87 -28.85
CA ARG E 313 -40.27 41.98 -29.34
C ARG E 313 -39.04 42.22 -28.46
N TYR E 314 -39.20 41.99 -27.15
CA TYR E 314 -38.16 42.31 -26.19
C TYR E 314 -37.88 43.80 -26.14
N ASN E 315 -38.95 44.59 -26.21
CA ASN E 315 -38.88 46.04 -26.15
C ASN E 315 -39.30 46.58 -24.79
N GLU E 316 -39.59 47.88 -24.73
CA GLU E 316 -39.89 48.52 -23.47
C GLU E 316 -41.20 47.99 -22.88
N VAL E 317 -42.06 47.48 -23.76
CA VAL E 317 -43.35 46.96 -23.34
C VAL E 317 -43.23 45.52 -22.84
N MET E 318 -42.47 44.71 -23.56
CA MET E 318 -42.24 43.35 -23.08
C MET E 318 -41.46 43.33 -21.76
N ALA E 319 -40.56 44.30 -21.61
CA ALA E 319 -39.71 44.36 -20.42
C ALA E 319 -40.55 44.62 -19.18
N THR E 320 -41.35 45.68 -19.25
CA THR E 320 -42.28 46.03 -18.18
C THR E 320 -43.13 44.82 -17.81
N TYR E 321 -43.73 44.18 -18.81
CA TYR E 321 -44.51 42.98 -18.59
C TYR E 321 -43.76 41.94 -17.75
N LEU E 322 -42.57 41.55 -18.20
CA LEU E 322 -41.81 40.52 -17.52
C LEU E 322 -41.41 40.97 -16.12
N LEU E 323 -41.04 42.24 -15.98
CA LEU E 323 -40.67 42.76 -14.68
C LEU E 323 -41.83 42.81 -13.67
N LEU E 324 -43.06 42.71 -14.15
CA LEU E 324 -44.20 42.69 -13.24
C LEU E 324 -44.37 41.31 -12.61
N GLY E 325 -43.65 40.32 -13.13
CA GLY E 325 -43.74 38.98 -12.63
C GLY E 325 -42.91 38.71 -11.39
N TYR E 326 -42.34 39.76 -10.80
CA TYR E 326 -41.52 39.61 -9.57
C TYR E 326 -42.07 40.44 -8.39
N HIS F 12 -37.41 -45.37 28.93
CA HIS F 12 -37.56 -43.98 29.33
C HIS F 12 -37.53 -43.78 30.86
N ILE F 13 -37.43 -42.53 31.30
CA ILE F 13 -37.28 -42.18 32.71
C ILE F 13 -38.14 -40.97 33.07
N GLY F 14 -38.60 -40.92 34.31
CA GLY F 14 -39.49 -39.87 34.75
C GLY F 14 -40.65 -39.66 33.79
N ASN F 15 -41.10 -38.42 33.68
CA ASN F 15 -42.17 -38.04 32.77
C ASN F 15 -41.73 -37.91 31.30
N TYR F 16 -40.64 -38.58 30.92
CA TYR F 16 -40.05 -38.33 29.61
C TYR F 16 -40.00 -39.57 28.75
N ARG F 17 -39.94 -39.38 27.44
CA ARG F 17 -39.81 -40.50 26.54
C ARG F 17 -38.49 -40.39 25.81
N LEU F 18 -37.57 -41.31 26.12
CA LEU F 18 -36.30 -41.34 25.41
C LEU F 18 -36.54 -41.92 24.02
N LEU F 19 -36.15 -41.17 23.00
CA LEU F 19 -36.26 -41.62 21.62
C LEU F 19 -34.93 -42.16 21.13
N LYS F 20 -34.39 -41.51 20.10
CA LYS F 20 -33.08 -41.85 19.58
C LYS F 20 -32.05 -41.01 20.31
N THR F 21 -30.80 -41.06 19.86
CA THR F 21 -29.79 -40.15 20.37
C THR F 21 -29.45 -39.11 19.32
N ILE F 22 -28.79 -38.04 19.73
CA ILE F 22 -28.48 -36.93 18.83
C ILE F 22 -27.10 -36.34 19.13
N ALA F 28 -20.56 -38.11 24.76
CA ALA F 28 -21.65 -37.47 25.49
C ALA F 28 -23.01 -38.06 25.11
N LYS F 29 -23.76 -38.48 26.13
CA LYS F 29 -25.05 -39.13 25.90
C LYS F 29 -26.16 -38.07 25.85
N VAL F 30 -26.50 -37.61 24.65
CA VAL F 30 -27.58 -36.62 24.45
C VAL F 30 -28.75 -37.23 23.67
N LYS F 31 -29.77 -37.69 24.40
CA LYS F 31 -30.96 -38.28 23.79
C LYS F 31 -32.01 -37.22 23.42
N LEU F 32 -32.72 -37.43 22.31
CA LEU F 32 -33.88 -36.60 21.99
C LEU F 32 -35.13 -37.22 22.60
N ALA F 33 -36.02 -36.38 23.13
CA ALA F 33 -37.13 -36.87 23.94
C ALA F 33 -38.46 -36.12 23.73
N ARG F 34 -39.54 -36.72 24.23
CA ARG F 34 -40.85 -36.08 24.27
C ARG F 34 -41.36 -36.14 25.71
N HIS F 35 -41.78 -35.00 26.22
CA HIS F 35 -42.32 -34.93 27.56
C HIS F 35 -43.69 -35.62 27.64
N ILE F 36 -43.75 -36.76 28.33
CA ILE F 36 -44.99 -37.53 28.45
C ILE F 36 -46.20 -36.59 28.37
N LEU F 37 -46.27 -35.66 29.32
CA LEU F 37 -47.50 -34.91 29.54
C LEU F 37 -47.82 -33.75 28.56
N THR F 38 -46.80 -33.23 27.87
CA THR F 38 -46.98 -32.04 27.02
C THR F 38 -46.94 -32.28 25.51
N GLY F 39 -46.38 -33.41 25.09
CA GLY F 39 -46.17 -33.69 23.68
C GLY F 39 -45.02 -32.92 23.06
N LYS F 40 -44.46 -31.98 23.82
CA LYS F 40 -43.39 -31.12 23.35
C LYS F 40 -42.05 -31.84 23.39
N GLU F 41 -41.17 -31.51 22.46
CA GLU F 41 -39.86 -32.14 22.38
C GLU F 41 -38.81 -31.50 23.30
N VAL F 42 -37.98 -32.34 23.92
CA VAL F 42 -36.93 -31.87 24.83
C VAL F 42 -35.66 -32.71 24.73
N ALA F 43 -34.52 -32.03 24.56
CA ALA F 43 -33.22 -32.71 24.58
C ALA F 43 -32.79 -33.12 26.00
N VAL F 44 -32.36 -34.38 26.17
CA VAL F 44 -31.97 -34.92 27.48
C VAL F 44 -30.51 -35.33 27.56
N ARG F 45 -29.81 -34.85 28.59
CA ARG F 45 -28.40 -35.16 28.80
C ARG F 45 -28.24 -36.17 29.93
N ILE F 46 -27.61 -37.30 29.64
CA ILE F 46 -27.49 -38.37 30.63
C ILE F 46 -26.05 -38.53 31.04
N ILE F 47 -25.82 -38.67 32.34
CA ILE F 47 -24.46 -38.65 32.87
C ILE F 47 -24.24 -39.74 33.91
N ASP F 48 -23.16 -40.51 33.75
CA ASP F 48 -22.85 -41.60 34.64
C ASP F 48 -21.99 -41.14 35.82
N LYS F 49 -22.61 -40.97 36.99
CA LYS F 49 -21.91 -40.44 38.18
C LYS F 49 -20.86 -41.39 38.74
N THR F 50 -20.91 -42.64 38.27
CA THR F 50 -20.02 -43.68 38.78
C THR F 50 -18.65 -43.59 38.11
N GLN F 51 -18.64 -42.99 36.92
CA GLN F 51 -17.41 -42.86 36.14
C GLN F 51 -16.66 -41.54 36.39
N LEU F 52 -17.32 -40.59 37.03
CA LEU F 52 -16.67 -39.32 37.34
C LEU F 52 -16.02 -39.40 38.71
N ASN F 53 -14.91 -38.65 38.83
CA ASN F 53 -14.17 -38.47 40.07
C ASN F 53 -14.71 -37.27 40.84
N SER F 54 -14.29 -37.12 42.09
CA SER F 54 -14.80 -36.06 42.96
C SER F 54 -14.71 -34.69 42.30
N SER F 55 -13.54 -34.37 41.76
CA SER F 55 -13.30 -33.08 41.15
C SER F 55 -14.30 -32.76 40.03
N SER F 56 -14.49 -33.72 39.12
CA SER F 56 -15.36 -33.51 37.98
C SER F 56 -16.83 -33.39 38.41
N LEU F 57 -17.25 -34.27 39.31
CA LEU F 57 -18.60 -34.20 39.86
C LEU F 57 -18.87 -32.79 40.37
N GLN F 58 -17.98 -32.29 41.21
CA GLN F 58 -18.12 -30.95 41.75
C GLN F 58 -18.26 -29.90 40.65
N LYS F 59 -17.38 -29.95 39.67
CA LYS F 59 -17.47 -29.08 38.51
C LYS F 59 -18.82 -29.24 37.82
N LEU F 60 -19.30 -30.48 37.73
CA LEU F 60 -20.57 -30.76 37.10
C LEU F 60 -21.69 -29.95 37.74
N PHE F 61 -21.93 -30.22 39.01
CA PHE F 61 -23.01 -29.55 39.69
C PHE F 61 -22.80 -28.06 39.73
N ARG F 62 -21.54 -27.65 39.77
CA ARG F 62 -21.23 -26.23 39.75
C ARG F 62 -21.71 -25.60 38.45
N GLU F 63 -21.69 -26.38 37.39
CA GLU F 63 -22.13 -25.87 36.10
C GLU F 63 -23.60 -26.10 35.85
N VAL F 64 -24.19 -27.07 36.55
CA VAL F 64 -25.64 -27.21 36.51
C VAL F 64 -26.23 -25.96 37.14
N ARG F 65 -25.65 -25.57 38.27
CA ARG F 65 -26.09 -24.37 38.98
C ARG F 65 -26.08 -23.15 38.06
N ILE F 66 -25.07 -23.06 37.20
CA ILE F 66 -25.02 -21.95 36.27
C ILE F 66 -26.17 -22.01 35.27
N MET F 67 -26.46 -23.21 34.78
CA MET F 67 -27.59 -23.40 33.87
C MET F 67 -28.90 -22.91 34.50
N LYS F 68 -29.08 -23.21 35.78
CA LYS F 68 -30.30 -22.86 36.51
C LYS F 68 -30.57 -21.35 36.63
N VAL F 69 -29.51 -20.55 36.70
CA VAL F 69 -29.63 -19.13 36.93
C VAL F 69 -29.83 -18.36 35.63
N LEU F 70 -29.57 -19.03 34.51
CA LEU F 70 -29.72 -18.42 33.19
C LEU F 70 -31.13 -18.60 32.64
N ASN F 71 -31.85 -17.49 32.52
CA ASN F 71 -33.16 -17.50 31.88
C ASN F 71 -33.25 -16.43 30.80
N HIS F 72 -32.84 -16.80 29.59
CA HIS F 72 -32.78 -15.85 28.48
C HIS F 72 -33.31 -16.51 27.21
N PRO F 73 -34.05 -15.75 26.40
CA PRO F 73 -34.77 -16.23 25.21
C PRO F 73 -33.86 -16.76 24.10
N ASN F 74 -32.58 -16.46 24.17
CA ASN F 74 -31.66 -16.97 23.15
C ASN F 74 -30.55 -17.85 23.72
N ILE F 75 -30.71 -18.21 24.99
CA ILE F 75 -29.81 -19.15 25.65
C ILE F 75 -30.64 -20.38 25.92
N VAL F 76 -30.11 -21.57 25.67
CA VAL F 76 -30.94 -22.77 25.85
C VAL F 76 -31.32 -22.93 27.31
N LYS F 77 -32.58 -23.24 27.53
CA LYS F 77 -33.15 -23.30 28.87
C LYS F 77 -33.15 -24.71 29.42
N LEU F 78 -32.92 -24.81 30.73
CA LEU F 78 -33.01 -26.05 31.46
C LEU F 78 -34.45 -26.21 31.94
N PHE F 79 -34.93 -27.45 31.89
CA PHE F 79 -36.32 -27.77 32.24
C PHE F 79 -36.43 -28.62 33.50
N GLU F 80 -35.58 -29.62 33.66
CA GLU F 80 -35.62 -30.43 34.88
C GLU F 80 -34.31 -31.13 35.18
N VAL F 81 -34.16 -31.57 36.42
CA VAL F 81 -32.99 -32.31 36.85
C VAL F 81 -33.42 -33.51 37.68
N ILE F 82 -33.21 -34.70 37.12
CA ILE F 82 -33.46 -35.95 37.81
C ILE F 82 -32.14 -36.57 38.23
N GLU F 83 -31.94 -36.73 39.54
CA GLU F 83 -30.70 -37.31 40.04
C GLU F 83 -30.98 -38.57 40.85
N THR F 84 -30.55 -39.71 40.31
CA THR F 84 -30.64 -40.98 41.01
C THR F 84 -29.36 -41.26 41.79
N GLU F 85 -29.16 -42.51 42.15
CA GLU F 85 -27.97 -42.94 42.85
C GLU F 85 -26.73 -42.95 41.95
N LYS F 86 -26.89 -43.43 40.72
CA LYS F 86 -25.76 -43.56 39.80
C LYS F 86 -25.85 -42.64 38.59
N THR F 87 -26.89 -41.82 38.52
CA THR F 87 -27.13 -41.08 37.28
C THR F 87 -27.74 -39.67 37.45
N LEU F 88 -27.35 -38.78 36.54
CA LEU F 88 -27.92 -37.44 36.49
C LEU F 88 -28.50 -37.20 35.11
N TYR F 89 -29.73 -36.70 35.05
CA TYR F 89 -30.36 -36.39 33.76
C TYR F 89 -30.64 -34.89 33.66
N LEU F 90 -30.39 -34.32 32.48
CA LEU F 90 -30.57 -32.90 32.29
C LEU F 90 -31.51 -32.62 31.13
N VAL F 91 -32.75 -32.26 31.46
CA VAL F 91 -33.73 -31.99 30.42
C VAL F 91 -33.60 -30.53 30.03
N MET F 92 -33.42 -30.26 28.74
CA MET F 92 -33.22 -28.88 28.31
C MET F 92 -33.80 -28.59 26.93
N GLU F 93 -34.10 -27.31 26.71
CA GLU F 93 -34.70 -26.84 25.47
C GLU F 93 -33.97 -27.41 24.28
N TYR F 94 -34.66 -28.20 23.46
CA TYR F 94 -34.08 -28.79 22.25
C TYR F 94 -34.23 -27.87 21.04
N ALA F 95 -33.18 -27.78 20.22
CA ALA F 95 -33.21 -26.87 19.07
C ALA F 95 -33.29 -27.63 17.75
N SER F 96 -34.51 -27.80 17.25
CA SER F 96 -34.76 -28.51 16.01
C SER F 96 -33.89 -28.04 14.86
N GLY F 97 -33.80 -26.72 14.71
CA GLY F 97 -33.11 -26.11 13.57
C GLY F 97 -31.61 -26.31 13.45
N GLY F 98 -31.04 -27.20 14.26
CA GLY F 98 -29.63 -27.53 14.14
C GLY F 98 -28.66 -26.39 14.42
N GLU F 99 -27.41 -26.57 14.02
CA GLU F 99 -26.37 -25.61 14.34
C GLU F 99 -26.21 -24.55 13.27
N VAL F 100 -25.79 -23.36 13.69
CA VAL F 100 -25.53 -22.26 12.78
C VAL F 100 -24.33 -22.62 11.93
N PHE F 101 -23.58 -23.61 12.39
CA PHE F 101 -22.46 -24.13 11.62
C PHE F 101 -22.98 -24.89 10.40
N ASP F 102 -23.95 -25.77 10.62
CA ASP F 102 -24.48 -26.63 9.58
C ASP F 102 -25.38 -25.89 8.59
N TYR F 103 -25.90 -24.76 9.03
CA TYR F 103 -26.74 -23.90 8.22
C TYR F 103 -25.86 -22.99 7.35
N LEU F 104 -24.73 -22.54 7.90
CA LEU F 104 -23.78 -21.74 7.15
C LEU F 104 -23.05 -22.59 6.11
N VAL F 105 -23.07 -23.90 6.33
CA VAL F 105 -22.42 -24.84 5.43
C VAL F 105 -23.34 -25.11 4.24
N ALA F 106 -24.58 -25.48 4.52
CA ALA F 106 -25.50 -25.94 3.50
C ALA F 106 -26.18 -24.81 2.72
N HIS F 107 -26.18 -23.61 3.29
CA HIS F 107 -26.85 -22.48 2.64
C HIS F 107 -25.93 -21.28 2.44
N GLY F 108 -24.68 -21.41 2.86
CA GLY F 108 -23.69 -20.36 2.65
C GLY F 108 -23.97 -19.03 3.34
N ARG F 109 -23.12 -18.03 3.06
CA ARG F 109 -23.18 -16.74 3.74
C ARG F 109 -24.60 -16.19 3.86
N MET F 110 -24.85 -15.50 4.97
CA MET F 110 -26.16 -14.90 5.23
C MET F 110 -26.21 -13.50 4.64
N LYS F 111 -27.38 -13.09 4.19
CA LYS F 111 -27.58 -11.72 3.74
C LYS F 111 -27.49 -10.82 4.97
N GLU F 112 -26.84 -9.67 4.82
CA GLU F 112 -26.60 -8.74 5.92
C GLU F 112 -27.87 -8.43 6.74
N LYS F 113 -29.03 -8.52 6.11
CA LYS F 113 -30.30 -8.29 6.79
C LYS F 113 -30.59 -9.40 7.82
N GLU F 114 -30.39 -10.65 7.42
CA GLU F 114 -30.64 -11.78 8.32
C GLU F 114 -29.51 -11.95 9.34
N ALA F 115 -28.32 -11.47 9.01
CA ALA F 115 -27.21 -11.50 9.95
C ALA F 115 -27.59 -10.71 11.19
N ARG F 116 -28.00 -9.47 10.98
CA ARG F 116 -28.44 -8.59 12.05
C ARG F 116 -29.54 -9.22 12.90
N ALA F 117 -30.43 -9.97 12.26
CA ALA F 117 -31.48 -10.68 12.98
C ALA F 117 -30.87 -11.60 14.04
N LYS F 118 -29.95 -12.46 13.61
CA LYS F 118 -29.31 -13.43 14.49
C LYS F 118 -28.32 -12.77 15.45
N PHE F 119 -27.63 -11.76 14.97
CA PHE F 119 -26.53 -11.17 15.72
C PHE F 119 -27.00 -10.21 16.80
N ARG F 120 -28.27 -9.83 16.78
CA ARG F 120 -28.83 -9.04 17.87
C ARG F 120 -29.14 -9.98 19.02
N GLN F 121 -29.63 -11.18 18.66
CA GLN F 121 -29.95 -12.21 19.62
C GLN F 121 -28.67 -12.71 20.29
N ILE F 122 -27.68 -13.04 19.47
CA ILE F 122 -26.39 -13.49 19.98
C ILE F 122 -25.77 -12.48 20.95
N VAL F 123 -25.57 -11.25 20.48
CA VAL F 123 -24.95 -10.21 21.30
C VAL F 123 -25.77 -9.88 22.54
N SER F 124 -27.07 -10.11 22.47
CA SER F 124 -27.93 -9.86 23.62
C SER F 124 -27.83 -10.98 24.65
N ALA F 125 -27.84 -12.21 24.16
CA ALA F 125 -27.69 -13.39 25.02
C ALA F 125 -26.36 -13.36 25.77
N VAL F 126 -25.29 -13.01 25.07
CA VAL F 126 -23.97 -12.98 25.69
C VAL F 126 -23.85 -11.87 26.72
N GLN F 127 -24.26 -10.67 26.34
CA GLN F 127 -24.15 -9.51 27.23
C GLN F 127 -24.89 -9.80 28.54
N TYR F 128 -26.07 -10.38 28.41
CA TYR F 128 -26.85 -10.83 29.56
C TYR F 128 -26.02 -11.63 30.58
N CYS F 129 -25.05 -12.40 30.09
CA CYS F 129 -24.23 -13.21 30.97
C CYS F 129 -23.06 -12.45 31.59
N HIS F 130 -22.41 -11.60 30.80
CA HIS F 130 -21.31 -10.80 31.34
C HIS F 130 -21.84 -9.98 32.50
N GLN F 131 -23.14 -9.66 32.45
CA GLN F 131 -23.80 -8.96 33.53
C GLN F 131 -23.68 -9.76 34.82
N LYS F 132 -23.95 -11.06 34.72
CA LYS F 132 -23.94 -11.95 35.89
C LYS F 132 -22.53 -12.43 36.21
N PHE F 133 -21.56 -11.82 35.55
CA PHE F 133 -20.17 -12.22 35.70
C PHE F 133 -19.92 -13.67 35.30
N ILE F 134 -20.45 -13.99 34.11
CA ILE F 134 -20.35 -15.31 33.50
C ILE F 134 -19.84 -15.16 32.06
N VAL F 135 -18.62 -15.60 31.78
CA VAL F 135 -18.14 -15.56 30.39
C VAL F 135 -18.16 -16.95 29.74
N HIS F 136 -18.46 -16.99 28.44
CA HIS F 136 -18.59 -18.26 27.73
C HIS F 136 -17.27 -18.99 27.52
N ARG F 137 -16.28 -18.28 27.01
CA ARG F 137 -14.93 -18.81 26.78
C ARG F 137 -14.78 -19.77 25.59
N ASP F 138 -15.88 -20.15 24.97
CA ASP F 138 -15.84 -21.12 23.89
C ASP F 138 -16.91 -20.84 22.85
N LEU F 139 -17.29 -19.56 22.75
CA LEU F 139 -18.27 -19.10 21.78
C LEU F 139 -17.84 -19.49 20.37
N LYS F 140 -18.75 -20.06 19.59
CA LYS F 140 -18.40 -20.48 18.23
C LYS F 140 -19.65 -20.92 17.50
N ALA F 141 -19.54 -21.05 16.17
CA ALA F 141 -20.71 -21.34 15.35
C ALA F 141 -21.35 -22.69 15.67
N GLU F 142 -20.55 -23.66 16.05
CA GLU F 142 -21.06 -24.97 16.43
C GLU F 142 -21.90 -24.88 17.71
N ASN F 143 -21.86 -23.71 18.36
CA ASN F 143 -22.50 -23.47 19.67
C ASN F 143 -23.77 -22.65 19.59
N LEU F 144 -23.96 -21.99 18.45
CA LEU F 144 -25.18 -21.26 18.19
C LEU F 144 -26.17 -22.25 17.60
N LEU F 145 -27.12 -22.70 18.41
CA LEU F 145 -28.19 -23.55 17.90
C LEU F 145 -29.34 -22.69 17.34
N LEU F 146 -30.33 -23.34 16.73
CA LEU F 146 -31.46 -22.64 16.15
C LEU F 146 -32.75 -23.36 16.51
N ASP F 147 -33.83 -22.61 16.72
CA ASP F 147 -35.13 -23.23 16.96
C ASP F 147 -35.94 -23.31 15.67
N ALA F 148 -37.05 -24.03 15.73
CA ALA F 148 -37.89 -24.26 14.56
C ALA F 148 -38.39 -22.96 13.92
N ASP F 149 -38.02 -21.82 14.48
CA ASP F 149 -38.41 -20.53 13.91
C ASP F 149 -37.20 -19.67 13.50
N MET F 150 -36.00 -20.26 13.66
CA MET F 150 -34.72 -19.62 13.31
C MET F 150 -34.29 -18.52 14.28
N ASN F 151 -34.45 -18.78 15.57
CA ASN F 151 -33.94 -17.88 16.62
C ASN F 151 -32.72 -18.52 17.28
N ILE F 152 -31.67 -17.72 17.47
CA ILE F 152 -30.43 -18.23 18.07
C ILE F 152 -30.70 -18.84 19.44
N LYS F 153 -29.99 -19.93 19.74
CA LYS F 153 -30.06 -20.55 21.05
C LYS F 153 -28.67 -21.03 21.49
N ILE F 154 -27.86 -20.08 21.96
CA ILE F 154 -26.49 -20.34 22.44
C ILE F 154 -26.50 -21.47 23.46
N ALA F 155 -25.53 -22.37 23.35
CA ALA F 155 -25.47 -23.53 24.23
C ALA F 155 -24.09 -23.63 24.87
N ASP F 156 -23.96 -24.54 25.82
CA ASP F 156 -22.70 -24.71 26.55
C ASP F 156 -22.27 -23.44 27.29
N PHE F 157 -23.25 -22.73 27.88
CA PHE F 157 -22.96 -21.57 28.69
C PHE F 157 -22.56 -21.99 30.08
N GLY F 158 -23.14 -23.08 30.56
CA GLY F 158 -22.78 -23.60 31.85
C GLY F 158 -22.02 -24.89 31.69
N PHE F 159 -22.78 -25.96 31.50
CA PHE F 159 -22.21 -27.27 31.30
C PHE F 159 -22.23 -27.54 29.80
N SER F 160 -21.23 -28.25 29.29
CA SER F 160 -21.07 -28.45 27.84
C SER F 160 -21.62 -29.80 27.37
N ASN F 161 -22.38 -29.80 26.27
CA ASN F 161 -22.94 -31.03 25.68
C ASN F 161 -22.02 -31.63 24.61
N GLU F 162 -20.74 -31.63 24.91
CA GLU F 162 -19.71 -31.90 23.92
C GLU F 162 -18.46 -32.32 24.68
N PHE F 163 -18.40 -31.94 25.95
CA PHE F 163 -17.24 -32.20 26.81
C PHE F 163 -17.50 -33.36 27.76
N THR F 164 -16.68 -34.40 27.64
CA THR F 164 -16.69 -35.49 28.59
C THR F 164 -15.62 -35.18 29.63
N PHE F 165 -15.90 -35.44 30.89
CA PHE F 165 -15.05 -34.94 31.97
C PHE F 165 -13.69 -35.64 32.10
N GLY F 166 -12.93 -35.66 31.02
CA GLY F 166 -11.60 -36.25 31.00
C GLY F 166 -11.52 -37.69 30.53
N ASN F 167 -12.65 -38.34 30.34
CA ASN F 167 -12.67 -39.79 30.08
C ASN F 167 -12.66 -40.20 28.59
N LYS F 168 -13.03 -39.29 27.69
CA LYS F 168 -13.00 -39.62 26.28
C LYS F 168 -12.07 -38.69 25.52
N LEU F 169 -12.10 -38.78 24.19
CA LEU F 169 -11.21 -37.99 23.34
C LEU F 169 -11.91 -36.79 22.73
N ASP F 170 -12.05 -35.71 23.50
CA ASP F 170 -12.68 -34.50 23.00
C ASP F 170 -11.93 -33.89 21.80
N GLU F 171 -12.68 -33.58 20.75
CA GLU F 171 -12.10 -33.03 19.53
C GLU F 171 -11.96 -31.51 19.51
N PHE F 172 -12.57 -30.82 20.48
CA PHE F 172 -12.61 -29.36 20.48
C PHE F 172 -13.07 -28.84 19.12
N CYS F 173 -13.89 -29.64 18.45
CA CYS F 173 -14.39 -29.33 17.10
C CYS F 173 -14.91 -27.90 16.99
N GLY F 174 -14.21 -27.09 16.21
CA GLY F 174 -14.65 -25.74 15.93
C GLY F 174 -14.08 -24.63 16.80
N SER F 175 -13.45 -24.99 17.90
CA SER F 175 -12.97 -23.96 18.84
C SER F 175 -11.85 -23.03 18.34
N PRO F 176 -10.77 -23.57 17.77
CA PRO F 176 -9.58 -22.74 17.50
C PRO F 176 -9.73 -21.40 16.73
N PRO F 177 -10.52 -21.34 15.65
CA PRO F 177 -10.51 -20.08 14.90
C PRO F 177 -11.16 -18.91 15.66
N TYR F 178 -11.97 -19.21 16.65
CA TYR F 178 -12.62 -18.17 17.42
C TYR F 178 -11.78 -17.71 18.61
N ALA F 179 -10.65 -18.37 18.85
CA ALA F 179 -9.79 -18.02 19.97
C ALA F 179 -9.22 -16.60 19.84
N ALA F 180 -9.19 -15.91 20.96
CA ALA F 180 -8.60 -14.58 21.04
C ALA F 180 -7.07 -14.66 21.10
N PRO F 181 -6.40 -13.65 20.53
CA PRO F 181 -4.93 -13.59 20.48
C PRO F 181 -4.28 -13.98 21.80
N GLU F 182 -4.91 -13.63 22.92
CA GLU F 182 -4.38 -13.97 24.24
C GLU F 182 -3.97 -15.44 24.38
N LEU F 183 -4.80 -16.35 23.87
CA LEU F 183 -4.59 -17.77 24.08
C LEU F 183 -3.21 -18.16 23.63
N PHE F 184 -2.77 -17.63 22.50
CA PHE F 184 -1.51 -18.05 21.90
C PHE F 184 -0.33 -17.23 22.37
N GLN F 185 -0.53 -16.40 23.38
CA GLN F 185 0.54 -15.56 23.90
C GLN F 185 0.88 -15.85 25.36
N GLY F 186 0.14 -16.74 25.99
CA GLY F 186 0.41 -17.09 27.38
C GLY F 186 -0.01 -15.95 28.30
N LYS F 187 -1.06 -15.26 27.89
CA LYS F 187 -1.64 -14.19 28.67
C LYS F 187 -2.96 -14.73 29.21
N LYS F 188 -3.54 -14.08 30.20
CA LYS F 188 -4.76 -14.59 30.82
C LYS F 188 -5.90 -14.65 29.81
N TYR F 189 -6.83 -15.56 30.01
CA TYR F 189 -7.94 -15.77 29.09
C TYR F 189 -9.21 -15.81 29.93
N ASP F 190 -9.32 -14.87 30.87
CA ASP F 190 -10.41 -14.88 31.84
C ASP F 190 -11.57 -13.95 31.50
N GLY F 191 -11.25 -12.72 31.14
CA GLY F 191 -12.25 -11.69 30.98
C GLY F 191 -13.27 -11.91 29.88
N PRO F 192 -14.35 -11.13 29.90
CA PRO F 192 -15.42 -11.17 28.89
C PRO F 192 -14.93 -10.69 27.51
N GLU F 193 -13.88 -9.87 27.51
CA GLU F 193 -13.29 -9.37 26.26
C GLU F 193 -12.88 -10.54 25.36
N VAL F 194 -12.63 -11.66 26.01
CA VAL F 194 -12.35 -12.89 25.30
C VAL F 194 -13.56 -13.26 24.45
N ASP F 195 -14.75 -13.18 25.06
CA ASP F 195 -15.97 -13.54 24.34
C ASP F 195 -16.23 -12.54 23.24
N VAL F 196 -15.68 -11.35 23.38
CA VAL F 196 -15.96 -10.27 22.44
C VAL F 196 -15.26 -10.55 21.11
N TRP F 197 -13.97 -10.85 21.18
CA TRP F 197 -13.23 -11.34 20.02
C TRP F 197 -13.98 -12.45 19.29
N SER F 198 -14.43 -13.47 20.00
CA SER F 198 -15.17 -14.54 19.36
C SER F 198 -16.38 -13.98 18.61
N LEU F 199 -17.09 -13.05 19.24
CA LEU F 199 -18.28 -12.46 18.63
C LEU F 199 -17.95 -11.78 17.30
N GLY F 200 -16.89 -10.97 17.29
CA GLY F 200 -16.34 -10.43 16.06
C GLY F 200 -16.08 -11.47 14.98
N VAL F 201 -15.47 -12.58 15.36
CA VAL F 201 -15.30 -13.73 14.47
C VAL F 201 -16.66 -14.31 14.06
N ILE F 202 -17.54 -14.50 15.02
CA ILE F 202 -18.85 -15.06 14.70
C ILE F 202 -19.53 -14.19 13.65
N LEU F 203 -19.44 -12.88 13.87
CA LEU F 203 -20.00 -11.90 12.95
C LEU F 203 -19.46 -12.12 11.55
N TYR F 204 -18.14 -12.10 11.43
CA TYR F 204 -17.46 -12.28 10.14
C TYR F 204 -17.88 -13.57 9.41
N THR F 205 -18.16 -14.63 10.16
CA THR F 205 -18.54 -15.88 9.50
C THR F 205 -20.04 -15.98 9.29
N LEU F 206 -20.78 -14.93 9.63
CA LEU F 206 -22.20 -14.90 9.32
C LEU F 206 -22.42 -14.21 7.97
N VAL F 207 -21.73 -13.09 7.78
CA VAL F 207 -21.90 -12.27 6.58
C VAL F 207 -21.10 -12.80 5.38
N SER F 208 -20.06 -13.60 5.63
CA SER F 208 -19.18 -14.03 4.56
C SER F 208 -19.11 -15.55 4.38
N GLY F 209 -19.67 -16.28 5.34
CA GLY F 209 -19.70 -17.73 5.28
C GLY F 209 -18.34 -18.39 5.32
N SER F 210 -17.32 -17.63 5.74
CA SER F 210 -15.96 -18.15 5.84
C SER F 210 -15.26 -17.57 7.06
N LEU F 211 -14.10 -18.14 7.41
CA LEU F 211 -13.35 -17.66 8.56
C LEU F 211 -12.41 -16.50 8.22
N PRO F 212 -12.29 -15.54 9.16
CA PRO F 212 -11.38 -14.38 9.13
C PRO F 212 -9.94 -14.85 9.32
N PHE F 213 -9.78 -15.91 10.12
CA PHE F 213 -8.47 -16.50 10.35
C PHE F 213 -8.59 -17.99 10.14
N ASP F 214 -7.61 -18.55 9.44
CA ASP F 214 -7.65 -19.94 8.95
C ASP F 214 -6.24 -20.39 8.57
N GLY F 215 -6.02 -21.70 8.62
CA GLY F 215 -4.74 -22.29 8.24
C GLY F 215 -4.84 -23.80 8.13
N GLN F 216 -3.77 -24.42 7.66
CA GLN F 216 -3.75 -25.85 7.44
C GLN F 216 -3.57 -26.61 8.74
N ASN F 217 -3.09 -25.92 9.77
CA ASN F 217 -2.81 -26.52 11.06
C ASN F 217 -2.88 -25.44 12.15
N LEU F 218 -2.64 -25.80 13.42
CA LEU F 218 -2.70 -24.82 14.52
C LEU F 218 -1.70 -23.68 14.41
N LYS F 219 -0.44 -23.99 14.11
CA LYS F 219 0.58 -22.95 13.90
C LYS F 219 0.25 -21.94 12.79
N GLU F 220 -0.30 -22.39 11.68
CA GLU F 220 -0.72 -21.45 10.64
C GLU F 220 -1.84 -20.55 11.15
N LEU F 221 -2.81 -21.14 11.84
CA LEU F 221 -3.90 -20.38 12.43
C LEU F 221 -3.33 -19.36 13.38
N ARG F 222 -2.41 -19.83 14.22
CA ARG F 222 -1.81 -18.96 15.22
C ARG F 222 -1.23 -17.71 14.58
N GLU F 223 -0.67 -17.86 13.39
CA GLU F 223 0.04 -16.77 12.73
C GLU F 223 -0.93 -15.72 12.26
N ARG F 224 -2.10 -16.15 11.78
CA ARG F 224 -3.06 -15.23 11.23
C ARG F 224 -3.76 -14.45 12.33
N VAL F 225 -4.03 -15.14 13.44
CA VAL F 225 -4.68 -14.52 14.60
C VAL F 225 -3.80 -13.44 15.26
N LEU F 226 -2.54 -13.76 15.51
CA LEU F 226 -1.62 -12.78 16.09
C LEU F 226 -1.39 -11.55 15.20
N ARG F 227 -1.71 -11.67 13.92
CA ARG F 227 -1.56 -10.56 12.99
C ARG F 227 -2.83 -9.72 12.94
N GLY F 228 -3.98 -10.35 13.18
CA GLY F 228 -5.22 -9.63 13.29
C GLY F 228 -5.82 -9.18 11.96
N LYS F 229 -5.06 -9.31 10.89
CA LYS F 229 -5.55 -8.98 9.55
C LYS F 229 -6.60 -9.98 9.05
N TYR F 230 -7.60 -9.46 8.33
CA TYR F 230 -8.61 -10.28 7.65
C TYR F 230 -9.11 -9.55 6.40
N ARG F 231 -9.34 -10.31 5.32
CA ARG F 231 -9.80 -9.70 4.08
C ARG F 231 -11.24 -9.25 4.24
N ILE F 232 -11.55 -8.05 3.74
CA ILE F 232 -12.91 -7.56 3.70
C ILE F 232 -13.42 -7.71 2.28
N PRO F 233 -14.43 -8.59 2.07
CA PRO F 233 -14.90 -8.83 0.70
C PRO F 233 -15.63 -7.61 0.17
N PHE F 234 -15.83 -7.56 -1.15
CA PHE F 234 -16.49 -6.42 -1.77
C PHE F 234 -17.91 -6.22 -1.22
N TYR F 235 -18.68 -7.29 -1.14
CA TYR F 235 -20.11 -7.21 -0.85
C TYR F 235 -20.45 -6.82 0.59
N MET F 236 -19.45 -6.41 1.36
CA MET F 236 -19.70 -6.05 2.75
C MET F 236 -19.80 -4.54 2.97
N SER F 237 -20.84 -4.14 3.69
CA SER F 237 -21.07 -2.74 3.99
C SER F 237 -19.89 -2.11 4.69
N THR F 238 -19.79 -0.79 4.62
CA THR F 238 -18.79 -0.06 5.38
C THR F 238 -19.25 0.00 6.84
N ASP F 239 -20.56 -0.10 7.04
CA ASP F 239 -21.14 -0.17 8.38
C ASP F 239 -20.62 -1.40 9.10
N CYS F 240 -20.57 -2.52 8.36
CA CYS F 240 -20.16 -3.80 8.91
C CYS F 240 -18.67 -3.84 9.26
N GLU F 241 -17.83 -3.55 8.28
CA GLU F 241 -16.39 -3.46 8.49
C GLU F 241 -16.07 -2.63 9.74
N ASN F 242 -16.80 -1.54 9.94
CA ASN F 242 -16.55 -0.66 11.09
C ASN F 242 -16.93 -1.33 12.40
N LEU F 243 -17.95 -2.19 12.35
CA LEU F 243 -18.35 -2.98 13.52
C LEU F 243 -17.25 -3.97 13.89
N LEU F 244 -16.80 -4.73 12.89
CA LEU F 244 -15.72 -5.70 13.08
C LEU F 244 -14.49 -5.03 13.65
N LYS F 245 -14.37 -3.73 13.48
CA LYS F 245 -13.20 -3.03 13.97
C LYS F 245 -13.32 -2.75 15.45
N LYS F 246 -14.46 -3.09 16.03
CA LYS F 246 -14.70 -2.84 17.44
C LYS F 246 -14.58 -4.12 18.25
N PHE F 247 -14.75 -5.24 17.56
CA PHE F 247 -14.59 -6.57 18.14
C PHE F 247 -13.17 -7.10 17.98
N LEU F 248 -12.71 -7.21 16.74
CA LEU F 248 -11.41 -7.82 16.44
C LEU F 248 -10.23 -6.88 16.67
N ILE F 249 -10.05 -6.48 17.93
CA ILE F 249 -8.89 -5.69 18.35
C ILE F 249 -7.90 -6.62 19.01
N LEU F 250 -6.62 -6.45 18.70
CA LEU F 250 -5.59 -7.32 19.25
C LEU F 250 -5.34 -7.11 20.74
N ASN F 251 -5.40 -5.86 21.18
CA ASN F 251 -5.26 -5.54 22.60
C ASN F 251 -6.60 -5.77 23.31
N PRO F 252 -6.60 -6.64 24.33
CA PRO F 252 -7.80 -6.94 25.13
C PRO F 252 -8.28 -5.77 25.98
N SER F 253 -7.36 -4.90 26.39
CA SER F 253 -7.69 -3.73 27.18
C SER F 253 -8.47 -2.72 26.37
N LYS F 254 -8.31 -2.78 25.04
CA LYS F 254 -8.94 -1.83 24.12
C LYS F 254 -10.11 -2.43 23.34
N ARG F 255 -10.65 -3.53 23.83
CA ARG F 255 -11.83 -4.11 23.18
C ARG F 255 -13.09 -3.57 23.84
N GLY F 256 -13.98 -3.04 23.02
CA GLY F 256 -15.22 -2.47 23.53
C GLY F 256 -16.01 -3.51 24.27
N THR F 257 -16.77 -3.08 25.29
CA THR F 257 -17.62 -4.00 26.04
C THR F 257 -18.91 -4.27 25.26
N LEU F 258 -19.61 -5.33 25.61
CA LEU F 258 -20.78 -5.69 24.83
C LEU F 258 -21.85 -4.60 24.80
N GLU F 259 -22.06 -3.94 25.95
CA GLU F 259 -23.02 -2.84 26.02
C GLU F 259 -22.71 -1.73 25.01
N GLN F 260 -21.52 -1.14 25.13
CA GLN F 260 -21.06 -0.12 24.18
C GLN F 260 -21.30 -0.52 22.72
N ILE F 261 -20.93 -1.75 22.39
CA ILE F 261 -21.02 -2.25 21.02
C ILE F 261 -22.46 -2.41 20.52
N MET F 262 -23.40 -2.42 21.45
CA MET F 262 -24.81 -2.40 21.08
C MET F 262 -25.24 -1.04 20.45
N LYS F 263 -24.38 -0.04 20.58
CA LYS F 263 -24.70 1.31 20.08
C LYS F 263 -24.11 1.61 18.71
N ASP F 264 -23.65 0.57 18.00
CA ASP F 264 -23.11 0.71 16.64
C ASP F 264 -24.25 0.87 15.64
N ARG F 265 -23.99 1.59 14.54
CA ARG F 265 -25.03 1.79 13.53
C ARG F 265 -25.50 0.48 12.93
N TRP F 266 -24.54 -0.30 12.41
CA TRP F 266 -24.85 -1.55 11.74
C TRP F 266 -25.69 -2.47 12.64
N MET F 267 -25.48 -2.36 13.95
CA MET F 267 -26.22 -3.19 14.91
C MET F 267 -27.69 -2.85 14.87
N ASN F 268 -28.00 -1.57 14.67
CA ASN F 268 -29.36 -1.07 14.83
C ASN F 268 -30.06 -0.62 13.53
N VAL F 269 -29.45 -0.87 12.39
CA VAL F 269 -30.06 -0.53 11.10
C VAL F 269 -31.37 -1.30 10.85
N GLY F 270 -32.49 -0.57 10.95
CA GLY F 270 -33.80 -1.17 10.82
C GLY F 270 -34.57 -1.07 12.12
N HIS F 271 -33.86 -0.68 13.18
CA HIS F 271 -34.44 -0.54 14.51
C HIS F 271 -34.15 0.85 15.09
N GLU F 272 -34.62 1.89 14.41
CA GLU F 272 -34.35 3.27 14.83
C GLU F 272 -35.01 3.63 16.16
N ASP F 273 -36.12 2.97 16.46
CA ASP F 273 -36.90 3.21 17.67
C ASP F 273 -36.75 2.06 18.66
N ASP F 274 -35.93 1.08 18.27
CA ASP F 274 -35.80 -0.17 19.01
C ASP F 274 -34.34 -0.46 19.32
N GLU F 275 -33.52 0.59 19.39
CA GLU F 275 -32.09 0.44 19.64
C GLU F 275 -31.83 -0.63 20.68
N LEU F 276 -30.92 -1.55 20.35
CA LEU F 276 -30.60 -2.68 21.21
C LEU F 276 -29.94 -2.27 22.51
N LYS F 277 -30.36 -2.89 23.60
CA LYS F 277 -29.80 -2.58 24.92
C LYS F 277 -29.81 -3.80 25.83
N PRO F 278 -29.06 -3.75 26.94
CA PRO F 278 -29.02 -4.85 27.92
C PRO F 278 -30.40 -5.44 28.19
N TYR F 279 -30.46 -6.76 28.27
CA TYR F 279 -31.71 -7.46 28.49
C TYR F 279 -32.11 -7.42 29.96
N VAL F 280 -33.40 -7.20 30.23
CA VAL F 280 -33.90 -7.35 31.59
C VAL F 280 -34.81 -8.57 31.68
N GLU F 281 -34.68 -9.29 32.79
CA GLU F 281 -35.46 -10.49 33.03
C GLU F 281 -36.88 -10.08 33.42
N PRO F 282 -37.86 -10.43 32.57
CA PRO F 282 -39.26 -10.12 32.81
C PRO F 282 -39.72 -10.69 34.13
N LEU F 283 -40.52 -9.92 34.86
CA LEU F 283 -41.03 -10.31 36.17
C LEU F 283 -41.57 -11.73 36.12
N PRO F 284 -41.53 -12.45 37.25
CA PRO F 284 -41.98 -13.83 37.25
C PRO F 284 -43.50 -13.94 37.14
N ASP F 285 -43.95 -14.86 36.28
CA ASP F 285 -45.37 -15.10 36.06
C ASP F 285 -45.65 -16.58 36.39
N TYR F 286 -45.57 -16.91 37.68
CA TYR F 286 -45.77 -18.29 38.13
C TYR F 286 -47.24 -18.57 38.44
N LYS F 287 -48.11 -17.65 38.03
CA LYS F 287 -49.55 -17.78 38.28
C LYS F 287 -50.39 -17.60 37.02
N ASP F 288 -49.80 -17.86 35.87
CA ASP F 288 -50.55 -17.80 34.61
C ASP F 288 -51.76 -18.72 34.75
N PRO F 289 -52.97 -18.13 34.80
CA PRO F 289 -54.18 -18.92 34.98
C PRO F 289 -54.26 -20.08 33.98
N ARG F 290 -54.04 -19.79 32.69
CA ARG F 290 -54.19 -20.81 31.67
C ARG F 290 -53.53 -22.14 32.04
N ARG F 291 -52.22 -22.09 32.28
CA ARG F 291 -51.47 -23.30 32.55
C ARG F 291 -51.77 -23.86 33.94
N THR F 292 -51.86 -22.98 34.94
CA THR F 292 -52.19 -23.43 36.28
C THR F 292 -53.46 -24.28 36.26
N GLU F 293 -54.33 -24.01 35.29
CA GLU F 293 -55.54 -24.80 35.10
C GLU F 293 -55.21 -26.16 34.50
N LEU F 294 -54.52 -26.14 33.37
CA LEU F 294 -54.16 -27.37 32.67
C LEU F 294 -53.44 -28.34 33.60
N MET F 295 -52.92 -27.81 34.70
CA MET F 295 -52.21 -28.62 35.68
C MET F 295 -53.14 -29.09 36.80
N VAL F 296 -54.10 -28.24 37.17
CA VAL F 296 -55.13 -28.64 38.11
C VAL F 296 -55.76 -29.93 37.63
N SER F 297 -56.19 -29.96 36.38
CA SER F 297 -56.74 -31.19 35.77
C SER F 297 -55.61 -32.10 35.26
N MET F 298 -54.58 -32.24 36.07
CA MET F 298 -53.49 -33.17 35.80
C MET F 298 -53.15 -33.92 37.09
N GLY F 299 -53.84 -33.57 38.16
CA GLY F 299 -53.56 -34.13 39.46
C GLY F 299 -52.61 -33.25 40.23
N TYR F 300 -52.36 -32.05 39.70
CA TYR F 300 -51.45 -31.11 40.35
C TYR F 300 -52.15 -30.15 41.31
N THR F 301 -51.67 -30.11 42.55
CA THR F 301 -52.16 -29.20 43.58
C THR F 301 -51.65 -27.77 43.37
N ARG F 302 -52.49 -26.80 43.70
CA ARG F 302 -52.15 -25.39 43.48
C ARG F 302 -50.93 -24.93 44.28
N GLU F 303 -50.64 -25.61 45.40
CA GLU F 303 -49.57 -25.15 46.29
C GLU F 303 -48.22 -25.81 46.02
N GLU F 304 -48.21 -26.96 45.35
CA GLU F 304 -46.93 -27.56 44.93
C GLU F 304 -46.42 -26.88 43.66
N ILE F 305 -47.32 -26.62 42.72
CA ILE F 305 -47.01 -25.76 41.57
C ILE F 305 -46.41 -24.45 42.06
N GLN F 306 -46.78 -24.08 43.28
CA GLN F 306 -46.36 -22.81 43.85
C GLN F 306 -44.96 -22.95 44.43
N ASP F 307 -44.81 -23.80 45.44
CA ASP F 307 -43.51 -24.02 46.07
C ASP F 307 -42.41 -24.25 45.04
N SER F 308 -42.74 -24.99 43.98
CA SER F 308 -41.75 -25.40 42.97
C SER F 308 -41.15 -24.22 42.23
N LEU F 309 -42.01 -23.40 41.64
CA LEU F 309 -41.57 -22.29 40.81
C LEU F 309 -40.88 -21.18 41.62
N VAL F 310 -41.07 -21.14 42.93
CA VAL F 310 -40.40 -20.12 43.76
C VAL F 310 -39.04 -20.60 44.28
N GLY F 311 -38.98 -21.83 44.77
CA GLY F 311 -37.74 -22.39 45.27
C GLY F 311 -36.82 -22.90 44.16
N GLN F 312 -37.25 -22.72 42.92
CA GLN F 312 -36.47 -23.15 41.75
C GLN F 312 -35.89 -24.54 41.98
N ARG F 313 -36.76 -25.55 42.01
CA ARG F 313 -36.33 -26.88 42.39
C ARG F 313 -36.16 -27.81 41.18
N TYR F 314 -36.55 -27.33 40.01
CA TYR F 314 -36.36 -28.08 38.76
C TYR F 314 -36.79 -29.53 38.95
N ASN F 315 -38.04 -29.71 39.37
CA ASN F 315 -38.67 -31.03 39.49
C ASN F 315 -39.74 -31.22 38.43
N GLU F 316 -40.40 -32.38 38.43
CA GLU F 316 -41.34 -32.72 37.37
C GLU F 316 -42.50 -31.75 37.34
N VAL F 317 -42.60 -30.98 38.43
CA VAL F 317 -43.68 -30.01 38.65
C VAL F 317 -43.39 -28.62 38.05
N MET F 318 -42.11 -28.23 38.04
CA MET F 318 -41.68 -26.97 37.44
C MET F 318 -41.50 -27.12 35.93
N ALA F 319 -41.27 -28.35 35.50
CA ALA F 319 -40.96 -28.63 34.11
C ALA F 319 -42.14 -28.37 33.19
N THR F 320 -43.16 -29.22 33.29
CA THR F 320 -44.36 -29.10 32.47
C THR F 320 -44.81 -27.65 32.32
N TYR F 321 -44.79 -26.94 33.44
CA TYR F 321 -45.17 -25.54 33.48
C TYR F 321 -44.40 -24.74 32.42
N LEU F 322 -43.07 -24.78 32.53
CA LEU F 322 -42.19 -24.12 31.57
C LEU F 322 -42.46 -24.62 30.17
N LEU F 323 -42.71 -25.93 30.06
CA LEU F 323 -42.92 -26.58 28.78
C LEU F 323 -44.21 -26.09 28.11
N LEU F 324 -45.24 -25.88 28.90
CA LEU F 324 -46.54 -25.47 28.39
C LEU F 324 -46.55 -24.02 27.92
N GLY F 325 -45.39 -23.35 27.99
CA GLY F 325 -45.27 -21.99 27.51
C GLY F 325 -44.86 -21.91 26.06
N TYR F 326 -44.97 -23.03 25.36
CA TYR F 326 -44.59 -23.13 23.95
C TYR F 326 -45.77 -23.53 23.06
#